data_5SDF
#
_entry.id   5SDF
#
_cell.length_a   101.285
_cell.length_b   117.136
_cell.length_c   147.780
_cell.angle_alpha   90.000
_cell.angle_beta   90.000
_cell.angle_gamma   90.000
#
_symmetry.space_group_name_H-M   'P 21 21 21'
#
loop_
_entity.id
_entity.type
_entity.pdbx_description
1 polymer 'Asp/Glu-specific dipeptidyl-peptidase'
2 non-polymer N-(2,3-dimethylphenyl)-2-(morpholin-4-yl)acetamide
3 non-polymer 'CHLORIDE ION'
4 water water
#
_entity_poly.entity_id   1
_entity_poly.type   'polypeptide(L)'
_entity_poly.pdbx_seq_one_letter_code
;MDEGMWLMQQLGRKYAQMKERGLKMKEYDLYNPNGTSLKDAVVLFDGGCTGEVVSDRGLVLTNHHCGYDMIQAHSTLEHN
YLENGFWAMREADELPNKDISVVFIDKIEDVTDYVKKELKAIKDPNSMDYLSPKYLQKLADKKAGKNFSAKNPGLSVEIK
AFYGGNLYLMFTKKTYTDVRLVGAPPSSIGKFGADTDNWIWPRHTGDFSIFRIYADKNGNPAPYSEDNVPLKPKRFFNIS
LGGVQENDYAMIMGFPGTTHRYFTASEVDEWKSIDNDIRIRMRDIRQGVMLREMLADPQIKIMYSAKYAASQNAYKRAIG
ANWAIKTRGLRQNKQAMQDRLIAWGAKQGTPRYEEAVHEIDATVAKRADLRRRYWMIEEGIIRGIEFARSPIPTEDETKA
LQGNDASARKEAIDKIRTRYSKFANKDYSAEVDKKVAVAMLTEYLKEIPYENLPLHLRLVKDRFAGDVQAYVDDIFARSV
FGSEAQFDAFAAVPSVEKLAEDPMVLFASSVFDEYRKLYNELRPYDDPILRAQRTYIAGLLEMDGDQDQFPDANLTLRFT
YGQVKGYSPRDNVYYGHQTTLDGVMEKEDPDNWEFVVDPKLKAVYERKDFGRYADRSGRMPVAFCATTHTTGGNSGSPVM
NANGELIGLNFDRNWEGVGGDIQYLADYQRSIIVDIRYVLLVIDKVGGCQRLLDEMNIVPAHHHHHH
;
_entity_poly.pdbx_strand_id   A,B
#
# COMPACT_ATOMS: atom_id res chain seq x y z
N ASP A 2 26.47 -2.28 13.79
CA ASP A 2 27.55 -3.13 13.28
C ASP A 2 28.33 -2.50 12.12
N GLU A 3 27.69 -2.18 10.96
CA GLU A 3 28.40 -1.63 9.79
C GLU A 3 29.25 -0.42 10.07
N GLY A 4 28.77 0.49 10.90
CA GLY A 4 29.61 1.55 11.39
C GLY A 4 29.52 3.00 10.98
N MET A 5 29.61 3.84 12.01
CA MET A 5 29.73 5.28 11.86
C MET A 5 31.04 5.57 12.56
N TRP A 6 32.10 5.54 11.77
CA TRP A 6 33.45 5.57 12.27
C TRP A 6 34.03 6.96 12.52
N LEU A 7 34.83 7.06 13.55
CA LEU A 7 35.59 8.28 13.86
C LEU A 7 36.60 8.53 12.74
N MET A 8 36.95 9.80 12.47
CA MET A 8 37.96 10.08 11.44
C MET A 8 39.30 9.42 11.78
N GLN A 9 39.63 9.32 13.08
CA GLN A 9 40.83 8.65 13.64
C GLN A 9 40.88 7.16 13.25
N GLN A 10 39.70 6.54 13.05
CA GLN A 10 39.64 5.13 12.69
C GLN A 10 39.84 4.88 11.19
N LEU A 11 40.00 5.94 10.36
CA LEU A 11 40.23 5.72 8.92
C LEU A 11 41.49 4.91 8.65
N GLY A 12 42.57 5.16 9.39
CA GLY A 12 43.82 4.40 9.26
C GLY A 12 43.64 2.90 9.40
N ARG A 13 43.03 2.45 10.50
CA ARG A 13 42.83 1.02 10.74
C ARG A 13 41.70 0.41 9.86
N LYS A 14 40.90 1.25 9.16
CA LYS A 14 39.84 0.74 8.29
C LYS A 14 40.20 0.74 6.80
N TYR A 15 41.13 1.60 6.42
CA TYR A 15 41.60 1.84 5.07
C TYR A 15 41.80 0.59 4.22
N ALA A 16 42.48 -0.45 4.77
CA ALA A 16 42.70 -1.67 3.98
C ALA A 16 41.41 -2.39 3.64
N GLN A 17 40.40 -2.41 4.55
CA GLN A 17 39.11 -3.02 4.25
C GLN A 17 38.37 -2.20 3.20
N MET A 18 38.45 -0.86 3.29
CA MET A 18 37.79 0.01 2.34
C MET A 18 38.41 -0.15 0.95
N LYS A 19 39.75 -0.30 0.89
CA LYS A 19 40.48 -0.50 -0.36
C LYS A 19 40.06 -1.83 -0.99
N GLU A 20 39.96 -2.90 -0.19
CA GLU A 20 39.49 -4.20 -0.70
C GLU A 20 38.05 -4.13 -1.18
N ARG A 21 37.21 -3.24 -0.58
CA ARG A 21 35.84 -3.02 -1.01
C ARG A 21 35.69 -2.10 -2.23
N GLY A 22 36.79 -1.53 -2.72
CA GLY A 22 36.73 -0.69 -3.91
C GLY A 22 37.27 0.72 -3.81
N LEU A 23 37.58 1.21 -2.60
CA LEU A 23 38.14 2.56 -2.44
C LEU A 23 39.45 2.75 -3.22
N LYS A 24 39.53 3.77 -4.06
CA LYS A 24 40.72 4.03 -4.87
C LYS A 24 41.55 5.22 -4.39
N MET A 25 40.94 6.15 -3.61
CA MET A 25 41.68 7.34 -3.22
C MET A 25 42.69 7.08 -2.09
N LYS A 26 43.75 7.91 -2.02
CA LYS A 26 44.74 7.77 -0.96
C LYS A 26 44.10 8.17 0.37
N GLU A 27 44.52 7.53 1.46
CA GLU A 27 44.00 7.74 2.81
C GLU A 27 43.99 9.19 3.23
N TYR A 28 45.12 9.88 3.04
CA TYR A 28 45.25 11.27 3.46
C TYR A 28 44.53 12.26 2.56
N ASP A 29 44.11 11.86 1.36
CA ASP A 29 43.27 12.72 0.52
C ASP A 29 41.82 12.74 1.09
N LEU A 30 41.40 11.68 1.81
CA LEU A 30 40.08 11.59 2.41
C LEU A 30 40.10 12.24 3.80
N TYR A 31 41.15 11.96 4.58
CA TYR A 31 41.34 12.55 5.90
C TYR A 31 42.80 12.51 6.34
N ASN A 32 43.35 13.67 6.68
CA ASN A 32 44.71 13.81 7.19
C ASN A 32 44.62 14.78 8.38
N PRO A 33 45.06 14.34 9.57
CA PRO A 33 44.99 15.25 10.74
C PRO A 33 45.98 16.42 10.68
N ASN A 34 47.01 16.31 9.83
CA ASN A 34 48.02 17.34 9.71
C ASN A 34 48.00 18.04 8.35
N GLY A 35 46.83 18.13 7.71
CA GLY A 35 46.73 18.79 6.41
C GLY A 35 45.33 18.88 5.80
N THR A 36 45.26 19.31 4.54
CA THR A 36 43.99 19.44 3.84
C THR A 36 43.53 18.11 3.25
N SER A 37 42.26 17.79 3.47
CA SER A 37 41.65 16.56 2.96
C SER A 37 40.17 16.81 2.62
N LEU A 38 39.49 15.79 2.03
CA LEU A 38 38.07 15.87 1.66
C LEU A 38 37.16 16.17 2.88
N LYS A 39 37.60 15.80 4.08
CA LYS A 39 36.93 16.09 5.35
C LYS A 39 36.65 17.63 5.47
N ASP A 40 37.56 18.46 4.92
CA ASP A 40 37.47 19.90 4.96
C ASP A 40 36.37 20.49 4.10
N ALA A 41 35.76 19.68 3.22
CA ALA A 41 34.66 20.13 2.40
C ALA A 41 33.29 19.75 3.03
N VAL A 42 33.27 19.12 4.23
CA VAL A 42 32.04 18.68 4.90
C VAL A 42 31.68 19.70 5.98
N VAL A 43 30.38 20.05 6.08
CA VAL A 43 29.94 20.99 7.12
C VAL A 43 28.73 20.48 7.86
N LEU A 44 28.59 20.93 9.10
CA LEU A 44 27.37 20.70 9.86
C LEU A 44 26.54 21.92 9.43
N PHE A 45 25.43 21.66 8.75
CA PHE A 45 24.55 22.70 8.23
C PHE A 45 23.43 22.99 9.22
N ASP A 46 23.35 24.25 9.68
CA ASP A 46 22.32 24.74 10.58
C ASP A 46 22.03 23.84 11.80
N GLY A 47 23.11 23.39 12.46
CA GLY A 47 23.04 22.59 13.67
C GLY A 47 22.52 21.16 13.67
N GLY A 48 21.86 20.70 12.61
CA GLY A 48 21.31 19.34 12.59
C GLY A 48 21.26 18.61 11.26
N CYS A 49 21.93 19.15 10.26
CA CYS A 49 21.99 18.56 8.93
C CYS A 49 23.47 18.56 8.52
N THR A 50 23.78 17.88 7.45
CA THR A 50 25.10 17.89 6.87
C THR A 50 24.99 18.63 5.52
N GLY A 51 26.08 19.24 5.13
CA GLY A 51 26.22 19.89 3.83
C GLY A 51 27.61 19.63 3.28
N GLU A 52 27.85 20.11 2.05
CA GLU A 52 29.17 19.93 1.44
C GLU A 52 29.48 21.08 0.52
N VAL A 53 30.74 21.49 0.52
CA VAL A 53 31.23 22.57 -0.33
C VAL A 53 31.54 21.97 -1.71
N VAL A 54 30.96 22.54 -2.77
CA VAL A 54 31.09 22.01 -4.13
C VAL A 54 31.74 22.99 -5.12
N SER A 55 32.37 24.08 -4.64
CA SER A 55 33.07 25.01 -5.53
C SER A 55 34.11 25.84 -4.79
N ASP A 56 35.09 26.41 -5.54
CA ASP A 56 36.09 27.29 -4.96
C ASP A 56 35.53 28.68 -4.57
N ARG A 57 34.20 28.88 -4.72
CA ARG A 57 33.54 30.10 -4.29
C ARG A 57 32.51 29.82 -3.17
N GLY A 58 32.74 28.77 -2.38
CA GLY A 58 31.92 28.45 -1.22
C GLY A 58 30.49 28.00 -1.43
N LEU A 59 30.17 27.47 -2.62
CA LEU A 59 28.83 26.96 -2.89
C LEU A 59 28.64 25.69 -2.04
N VAL A 60 27.46 25.53 -1.43
CA VAL A 60 27.13 24.41 -0.54
C VAL A 60 25.87 23.68 -0.99
N LEU A 61 25.92 22.35 -0.99
CA LEU A 61 24.74 21.54 -1.27
C LEU A 61 24.30 20.87 0.03
N THR A 62 23.01 20.83 0.27
CA THR A 62 22.37 20.12 1.38
C THR A 62 20.98 19.68 0.87
N ASN A 63 20.14 19.08 1.72
CA ASN A 63 18.80 18.68 1.34
C ASN A 63 17.87 19.85 1.22
N HIS A 64 16.75 19.64 0.52
CA HIS A 64 15.69 20.62 0.42
C HIS A 64 15.01 20.70 1.77
N HIS A 65 14.79 19.56 2.47
CA HIS A 65 14.20 19.60 3.80
C HIS A 65 15.11 20.25 4.84
N CYS A 66 16.42 20.38 4.56
CA CYS A 66 17.39 21.04 5.44
C CYS A 66 17.37 22.57 5.24
N GLY A 67 17.16 22.99 4.00
CA GLY A 67 17.08 24.41 3.67
C GLY A 67 15.66 24.93 3.60
N TYR A 68 14.65 24.07 3.88
CA TYR A 68 13.22 24.37 3.86
C TYR A 68 12.85 25.68 4.63
N ASP A 69 13.27 25.82 5.90
CA ASP A 69 12.94 27.02 6.68
C ASP A 69 13.43 28.31 6.03
N MET A 70 14.64 28.28 5.42
CA MET A 70 15.21 29.45 4.76
C MET A 70 14.45 29.77 3.48
N ILE A 71 14.04 28.73 2.72
CA ILE A 71 13.28 28.93 1.49
C ILE A 71 11.91 29.53 1.82
N GLN A 72 11.29 29.05 2.91
CA GLN A 72 9.99 29.51 3.40
C GLN A 72 10.05 30.95 3.94
N ALA A 73 11.12 31.30 4.69
CA ALA A 73 11.28 32.66 5.23
C ALA A 73 11.44 33.73 4.13
N HIS A 74 12.00 33.36 2.98
CA HIS A 74 12.11 34.27 1.85
C HIS A 74 10.92 34.21 0.89
N SER A 75 9.95 33.31 1.14
CA SER A 75 8.78 33.16 0.27
C SER A 75 7.67 34.13 0.70
N THR A 76 7.02 34.74 -0.30
CA THR A 76 5.90 35.68 -0.18
C THR A 76 4.80 35.29 -1.21
N LEU A 77 3.63 35.97 -1.22
CA LEU A 77 2.60 35.73 -2.21
C LEU A 77 3.14 36.11 -3.61
N GLU A 78 3.89 37.21 -3.69
CA GLU A 78 4.47 37.70 -4.94
C GLU A 78 5.60 36.78 -5.45
N HIS A 79 6.50 36.34 -4.56
CA HIS A 79 7.56 35.40 -4.96
C HIS A 79 7.55 34.15 -4.07
N ASN A 80 6.73 33.14 -4.42
CA ASN A 80 6.67 31.92 -3.61
C ASN A 80 7.78 30.95 -4.04
N TYR A 81 8.94 31.04 -3.36
CA TYR A 81 10.09 30.18 -3.65
C TYR A 81 9.86 28.74 -3.19
N LEU A 82 9.04 28.55 -2.15
CA LEU A 82 8.75 27.20 -1.66
C LEU A 82 8.01 26.39 -2.74
N GLU A 83 7.06 27.03 -3.42
CA GLU A 83 6.29 26.36 -4.45
C GLU A 83 6.98 26.35 -5.81
N ASN A 84 7.58 27.47 -6.22
CA ASN A 84 8.14 27.57 -7.57
C ASN A 84 9.63 27.32 -7.72
N GLY A 85 10.34 27.31 -6.61
CA GLY A 85 11.79 27.21 -6.61
C GLY A 85 12.42 28.60 -6.57
N PHE A 86 13.74 28.64 -6.46
CA PHE A 86 14.47 29.91 -6.41
C PHE A 86 15.81 29.70 -7.07
N TRP A 87 16.19 30.58 -7.99
CA TRP A 87 17.47 30.47 -8.68
C TRP A 87 18.07 31.84 -8.85
N ALA A 88 18.98 32.22 -7.94
CA ALA A 88 19.65 33.52 -8.01
C ALA A 88 20.54 33.53 -9.25
N MET A 89 20.27 34.44 -10.21
CA MET A 89 21.03 34.47 -11.46
C MET A 89 22.39 35.21 -11.37
N ARG A 90 22.71 35.74 -10.20
CA ARG A 90 23.97 36.40 -9.91
C ARG A 90 24.19 36.32 -8.40
N GLU A 91 25.45 36.31 -7.96
CA GLU A 91 25.82 36.23 -6.55
C GLU A 91 25.16 37.31 -5.69
N ALA A 92 25.02 38.54 -6.24
CA ALA A 92 24.38 39.64 -5.52
C ALA A 92 22.89 39.39 -5.23
N ASP A 93 22.24 38.50 -5.98
CA ASP A 93 20.84 38.13 -5.79
C ASP A 93 20.61 37.03 -4.75
N GLU A 94 21.69 36.41 -4.24
CA GLU A 94 21.60 35.36 -3.23
C GLU A 94 21.10 35.96 -1.92
N LEU A 95 20.13 35.30 -1.30
CA LEU A 95 19.43 35.83 -0.14
C LEU A 95 20.06 35.47 1.21
N PRO A 96 20.41 36.48 2.02
CA PRO A 96 20.95 36.17 3.35
C PRO A 96 19.91 35.52 4.25
N ASN A 97 20.36 34.79 5.27
CA ASN A 97 19.44 34.12 6.19
C ASN A 97 19.81 34.45 7.61
N LYS A 98 18.82 34.85 8.43
CA LYS A 98 19.08 35.13 9.82
C LYS A 98 19.12 33.82 10.59
N ASP A 99 20.03 33.71 11.58
CA ASP A 99 20.16 32.53 12.46
C ASP A 99 20.63 31.25 11.76
N ILE A 100 21.47 31.40 10.74
CA ILE A 100 22.01 30.25 10.02
C ILE A 100 23.48 30.07 10.36
N SER A 101 23.97 28.84 10.27
CA SER A 101 25.38 28.56 10.47
C SER A 101 25.83 27.35 9.69
N VAL A 102 27.12 27.30 9.39
CA VAL A 102 27.78 26.17 8.78
C VAL A 102 29.03 25.98 9.63
N VAL A 103 29.26 24.76 10.07
CA VAL A 103 30.41 24.47 10.92
C VAL A 103 31.40 23.54 10.22
N PHE A 104 32.66 23.97 10.14
CA PHE A 104 33.71 23.15 9.58
C PHE A 104 34.46 22.47 10.72
N ILE A 105 34.87 21.22 10.51
CA ILE A 105 35.67 20.53 11.53
C ILE A 105 37.14 20.69 11.15
N ASP A 106 37.72 21.80 11.57
CA ASP A 106 39.11 22.18 11.26
C ASP A 106 40.17 21.20 11.77
N LYS A 107 40.08 20.81 13.04
CA LYS A 107 40.99 19.83 13.62
C LYS A 107 40.23 18.89 14.55
N ILE A 108 40.72 17.67 14.67
CA ILE A 108 40.17 16.70 15.60
C ILE A 108 41.39 16.12 16.30
N GLU A 109 41.32 16.06 17.62
CA GLU A 109 42.45 15.54 18.37
C GLU A 109 42.02 14.61 19.48
N ASP A 110 42.71 13.47 19.62
CA ASP A 110 42.43 12.54 20.67
C ASP A 110 42.98 13.16 21.96
N VAL A 111 42.11 13.42 22.95
CA VAL A 111 42.52 14.00 24.24
C VAL A 111 42.17 13.07 25.40
N THR A 112 42.05 11.76 25.15
CA THR A 112 41.70 10.76 26.15
C THR A 112 42.61 10.79 27.38
N ASP A 113 43.93 10.70 27.19
CA ASP A 113 44.89 10.70 28.32
C ASP A 113 44.74 11.95 29.17
N TYR A 114 44.62 13.12 28.53
CA TYR A 114 44.44 14.42 29.16
C TYR A 114 43.15 14.45 29.99
N VAL A 115 42.02 14.04 29.40
CA VAL A 115 40.74 14.05 30.13
C VAL A 115 40.75 13.04 31.30
N LYS A 116 41.28 11.83 31.06
CA LYS A 116 41.36 10.79 32.09
C LYS A 116 42.31 11.20 33.23
N LYS A 117 43.35 12.00 32.94
CA LYS A 117 44.23 12.48 34.00
C LYS A 117 43.49 13.56 34.80
N GLU A 118 42.79 14.47 34.13
CA GLU A 118 42.03 15.52 34.80
C GLU A 118 40.97 14.93 35.71
N LEU A 119 40.29 13.87 35.22
CA LEU A 119 39.22 13.15 35.92
C LEU A 119 39.68 12.45 37.20
N LYS A 120 40.97 12.06 37.28
CA LYS A 120 41.58 11.44 38.46
C LYS A 120 41.47 12.32 39.71
N ALA A 121 41.30 13.66 39.54
CA ALA A 121 41.16 14.57 40.67
C ALA A 121 39.80 14.46 41.40
N ILE A 122 39.08 13.31 41.17
CA ILE A 122 37.84 12.76 41.74
C ILE A 122 37.59 13.13 43.19
N LYS A 123 36.45 13.70 43.46
CA LYS A 123 35.99 13.94 44.84
C LYS A 123 34.93 12.84 45.20
N ASP A 124 34.21 12.33 44.17
CA ASP A 124 33.13 11.36 44.19
C ASP A 124 33.35 10.39 43.02
N PRO A 125 33.49 9.08 43.29
CA PRO A 125 33.65 8.12 42.18
C PRO A 125 32.38 7.98 41.32
N ASN A 126 31.23 8.39 41.85
CA ASN A 126 29.95 8.38 41.15
C ASN A 126 29.67 9.69 40.40
N SER A 127 30.65 10.60 40.32
CA SER A 127 30.50 11.86 39.61
C SER A 127 30.21 11.68 38.13
N MET A 128 29.28 12.49 37.60
CA MET A 128 28.94 12.46 36.18
C MET A 128 29.69 13.54 35.36
N ASP A 129 30.73 14.16 35.94
CA ASP A 129 31.53 15.16 35.26
C ASP A 129 32.16 14.64 33.99
N TYR A 130 32.51 13.34 33.97
CA TYR A 130 33.10 12.71 32.80
C TYR A 130 32.20 12.81 31.54
N LEU A 131 30.89 13.12 31.72
CA LEU A 131 29.95 13.32 30.60
C LEU A 131 29.35 14.74 30.56
N SER A 132 29.79 15.63 31.44
CA SER A 132 29.22 16.95 31.57
C SER A 132 29.77 17.91 30.54
N PRO A 133 28.89 18.50 29.70
CA PRO A 133 29.38 19.50 28.71
C PRO A 133 30.08 20.68 29.38
N LYS A 134 29.62 21.09 30.55
CA LYS A 134 30.23 22.18 31.30
C LYS A 134 31.65 21.80 31.75
N TYR A 135 31.82 20.60 32.34
CA TYR A 135 33.13 20.19 32.80
C TYR A 135 34.09 19.97 31.66
N LEU A 136 33.62 19.32 30.60
CA LEU A 136 34.45 19.07 29.42
C LEU A 136 34.82 20.38 28.71
N GLN A 137 33.95 21.40 28.74
CA GLN A 137 34.23 22.71 28.16
C GLN A 137 35.32 23.43 28.97
N LYS A 138 35.31 23.28 30.29
CA LYS A 138 36.35 23.82 31.15
C LYS A 138 37.70 23.17 30.78
N LEU A 139 37.70 21.86 30.43
CA LEU A 139 38.93 21.17 30.03
C LEU A 139 39.38 21.56 28.64
N ALA A 140 38.43 21.79 27.74
CA ALA A 140 38.70 22.22 26.37
C ALA A 140 39.33 23.63 26.40
N ASP A 141 38.74 24.56 27.19
CA ASP A 141 39.24 25.92 27.35
C ASP A 141 40.64 25.93 27.96
N LYS A 142 40.89 25.05 28.95
CA LYS A 142 42.18 24.93 29.60
C LYS A 142 43.25 24.53 28.60
N LYS A 143 42.94 23.53 27.74
CA LYS A 143 43.89 23.07 26.74
C LYS A 143 44.10 24.08 25.60
N ALA A 144 43.01 24.67 25.07
CA ALA A 144 43.10 25.65 23.98
C ALA A 144 43.89 26.91 24.36
N GLY A 145 43.69 27.43 25.57
CA GLY A 145 44.41 28.62 26.01
C GLY A 145 43.58 29.77 26.52
N LYS A 146 44.28 30.87 26.94
CA LYS A 146 43.63 32.07 27.46
C LYS A 146 43.03 32.89 26.31
N ASN A 147 41.70 33.16 26.39
CA ASN A 147 40.89 33.92 25.41
C ASN A 147 41.08 33.43 23.95
N PHE A 148 41.02 32.10 23.74
CA PHE A 148 41.19 31.46 22.43
C PHE A 148 40.26 32.02 21.35
N SER A 149 38.99 32.25 21.70
CA SER A 149 37.96 32.77 20.79
C SER A 149 38.30 34.14 20.21
N ALA A 150 38.83 35.02 21.06
CA ALA A 150 39.22 36.38 20.68
C ALA A 150 40.56 36.39 19.94
N LYS A 151 41.47 35.46 20.27
CA LYS A 151 42.78 35.32 19.64
C LYS A 151 42.73 34.57 18.30
N ASN A 152 41.66 33.78 18.06
CA ASN A 152 41.48 33.03 16.82
C ASN A 152 40.03 33.24 16.37
N PRO A 153 39.69 34.43 15.86
CA PRO A 153 38.29 34.68 15.48
C PRO A 153 37.72 33.67 14.47
N GLY A 154 36.53 33.20 14.77
CA GLY A 154 35.87 32.21 13.95
C GLY A 154 36.01 30.80 14.49
N LEU A 155 37.09 30.53 15.23
CA LEU A 155 37.38 29.22 15.79
C LEU A 155 36.82 29.01 17.21
N SER A 156 36.46 27.76 17.52
CA SER A 156 36.00 27.37 18.85
C SER A 156 36.40 25.91 19.13
N VAL A 157 36.54 25.59 20.40
CA VAL A 157 37.02 24.29 20.82
C VAL A 157 35.90 23.53 21.61
N GLU A 158 35.80 22.20 21.42
CA GLU A 158 34.82 21.41 22.14
C GLU A 158 35.33 19.99 22.40
N ILE A 159 35.18 19.48 23.63
CA ILE A 159 35.55 18.10 23.92
C ILE A 159 34.28 17.28 24.10
N LYS A 160 34.22 16.11 23.45
CA LYS A 160 33.11 15.19 23.56
C LYS A 160 33.62 13.82 24.01
N ALA A 161 32.80 13.12 24.78
CA ALA A 161 33.03 11.76 25.25
C ALA A 161 32.47 10.78 24.19
N PHE A 162 33.15 9.66 24.00
CA PHE A 162 32.79 8.59 23.07
C PHE A 162 32.94 7.28 23.79
N TYR A 163 32.27 6.22 23.30
CA TYR A 163 32.37 4.89 23.89
C TYR A 163 32.00 4.88 25.38
N GLY A 164 30.95 5.59 25.74
CA GLY A 164 30.48 5.67 27.13
C GLY A 164 31.44 6.32 28.12
N GLY A 165 32.37 7.14 27.62
CA GLY A 165 33.35 7.80 28.47
C GLY A 165 34.73 7.15 28.44
N ASN A 166 34.99 6.29 27.46
CA ASN A 166 36.31 5.64 27.34
C ASN A 166 37.24 6.27 26.32
N LEU A 167 36.75 7.23 25.56
CA LEU A 167 37.56 7.95 24.57
C LEU A 167 37.07 9.40 24.50
N TYR A 168 37.97 10.37 24.40
CA TYR A 168 37.58 11.78 24.31
C TYR A 168 38.26 12.43 23.13
N LEU A 169 37.52 13.24 22.37
CA LEU A 169 38.08 13.96 21.24
C LEU A 169 37.82 15.44 21.39
N MET A 170 38.81 16.27 21.01
CA MET A 170 38.65 17.72 21.01
C MET A 170 38.51 18.16 19.56
N PHE A 171 37.52 18.96 19.28
CA PHE A 171 37.24 19.43 17.95
C PHE A 171 37.50 20.92 17.90
N THR A 172 38.21 21.35 16.86
CA THR A 172 38.43 22.77 16.61
C THR A 172 37.48 23.05 15.46
N LYS A 173 36.50 23.89 15.70
CA LYS A 173 35.45 24.18 14.75
C LYS A 173 35.54 25.60 14.23
N LYS A 174 35.26 25.79 12.96
CA LYS A 174 35.23 27.11 12.36
C LYS A 174 33.78 27.33 11.93
N THR A 175 33.12 28.36 12.47
CA THR A 175 31.70 28.59 12.17
C THR A 175 31.50 29.85 11.33
N TYR A 176 30.71 29.74 10.27
CA TYR A 176 30.36 30.86 9.38
C TYR A 176 28.86 31.10 9.55
N THR A 177 28.46 32.35 9.76
CA THR A 177 27.04 32.65 9.97
C THR A 177 26.40 33.46 8.84
N ASP A 178 27.17 33.82 7.80
CA ASP A 178 26.59 34.47 6.63
C ASP A 178 26.48 33.38 5.55
N VAL A 179 25.36 32.66 5.52
CA VAL A 179 25.18 31.54 4.57
C VAL A 179 23.93 31.88 3.77
N ARG A 180 24.11 32.21 2.49
CA ARG A 180 23.04 32.70 1.64
C ARG A 180 22.36 31.67 0.76
N LEU A 181 21.03 31.79 0.60
CA LEU A 181 20.26 30.91 -0.24
C LEU A 181 20.61 31.24 -1.69
N VAL A 182 21.01 30.22 -2.45
CA VAL A 182 21.45 30.35 -3.83
C VAL A 182 20.47 29.72 -4.80
N GLY A 183 19.98 28.53 -4.47
CA GLY A 183 19.06 27.81 -5.33
C GLY A 183 18.27 26.72 -4.65
N ALA A 184 17.07 26.48 -5.14
CA ALA A 184 16.20 25.44 -4.61
C ALA A 184 15.24 25.03 -5.69
N PRO A 185 14.99 23.72 -5.83
CA PRO A 185 13.97 23.28 -6.79
C PRO A 185 12.58 23.61 -6.22
N PRO A 186 11.52 23.57 -7.05
CA PRO A 186 10.17 23.73 -6.49
C PRO A 186 9.89 22.61 -5.49
N SER A 187 8.98 22.82 -4.52
CA SER A 187 8.65 21.76 -3.56
C SER A 187 8.15 20.48 -4.22
N SER A 188 7.55 20.58 -5.41
CA SER A 188 7.08 19.40 -6.13
C SER A 188 8.25 18.43 -6.45
N ILE A 189 9.49 18.95 -6.58
CA ILE A 189 10.67 18.13 -6.79
C ILE A 189 11.37 17.86 -5.45
N GLY A 190 11.68 18.92 -4.70
CA GLY A 190 12.37 18.86 -3.41
C GLY A 190 11.72 17.99 -2.34
N LYS A 191 10.39 17.91 -2.35
CA LYS A 191 9.66 17.03 -1.46
C LYS A 191 8.58 16.26 -2.20
N PHE A 192 8.91 15.73 -3.39
CA PHE A 192 7.96 14.97 -4.22
C PHE A 192 7.14 13.93 -3.46
N GLY A 193 7.75 13.07 -2.68
CA GLY A 193 6.98 12.05 -1.95
C GLY A 193 6.11 12.62 -0.83
N ALA A 194 6.52 13.79 -0.31
CA ALA A 194 5.93 14.53 0.80
C ALA A 194 5.87 13.57 2.05
N ASP A 195 4.79 13.44 2.85
CA ASP A 195 4.81 12.51 3.98
C ASP A 195 4.48 11.08 3.56
N THR A 196 3.82 10.86 2.40
CA THR A 196 3.43 9.52 1.92
C THR A 196 4.64 8.63 1.69
N ASP A 197 5.70 9.22 1.13
CA ASP A 197 6.93 8.50 0.87
C ASP A 197 8.01 8.67 1.94
N ASN A 198 7.71 9.26 3.11
CA ASN A 198 8.71 9.37 4.19
C ASN A 198 9.10 7.95 4.65
N TRP A 199 10.43 7.69 4.78
CA TRP A 199 10.99 6.37 5.14
C TRP A 199 10.77 5.33 4.04
N ILE A 200 10.46 5.74 2.79
CA ILE A 200 10.18 4.76 1.74
C ILE A 200 11.24 4.67 0.64
N TRP A 201 11.57 3.45 0.31
CA TRP A 201 12.35 3.08 -0.85
C TRP A 201 11.46 2.09 -1.60
N PRO A 202 11.27 2.19 -2.94
CA PRO A 202 11.83 3.17 -3.90
C PRO A 202 11.42 4.61 -3.59
N ARG A 203 12.31 5.56 -3.94
CA ARG A 203 12.05 6.95 -3.66
C ARG A 203 12.39 7.80 -4.88
N HIS A 204 11.57 8.84 -5.17
CA HIS A 204 11.73 9.66 -6.38
C HIS A 204 11.83 11.16 -6.11
N THR A 205 12.36 11.49 -4.95
CA THR A 205 12.47 12.86 -4.45
C THR A 205 13.83 13.53 -4.75
N GLY A 206 13.79 14.72 -5.37
CA GLY A 206 14.97 15.52 -5.67
C GLY A 206 15.30 16.44 -4.51
N ASP A 207 15.55 15.82 -3.35
CA ASP A 207 15.78 16.47 -2.07
C ASP A 207 17.14 17.16 -1.97
N PHE A 208 17.23 18.38 -2.56
CA PHE A 208 18.41 19.22 -2.51
C PHE A 208 18.04 20.72 -2.48
N SER A 209 18.95 21.52 -1.96
CA SER A 209 18.93 22.98 -1.95
C SER A 209 20.39 23.45 -1.93
N ILE A 210 20.60 24.70 -2.33
CA ILE A 210 21.94 25.24 -2.54
C ILE A 210 22.10 26.55 -1.79
N PHE A 211 23.22 26.66 -1.08
CA PHE A 211 23.58 27.82 -0.31
C PHE A 211 24.99 28.26 -0.70
N ARG A 212 25.47 29.36 -0.12
CA ARG A 212 26.82 29.82 -0.35
C ARG A 212 27.31 30.43 0.93
N ILE A 213 28.51 30.03 1.33
CA ILE A 213 29.13 30.59 2.52
C ILE A 213 29.82 31.90 2.13
N TYR A 214 29.50 32.96 2.86
CA TYR A 214 30.14 34.26 2.72
C TYR A 214 31.00 34.48 3.94
N ALA A 215 32.04 35.29 3.79
CA ALA A 215 33.02 35.57 4.83
C ALA A 215 33.62 37.01 4.59
N ASP A 216 34.56 37.48 5.46
CA ASP A 216 35.21 38.77 5.22
C ASP A 216 36.28 38.60 4.12
N LYS A 217 36.98 39.69 3.77
CA LYS A 217 38.03 39.75 2.75
C LYS A 217 39.14 38.70 2.91
N ASN A 218 39.39 38.26 4.15
CA ASN A 218 40.41 37.25 4.39
C ASN A 218 39.89 35.82 4.50
N GLY A 219 38.61 35.61 4.18
CA GLY A 219 37.99 34.29 4.27
C GLY A 219 37.67 33.85 5.70
N ASN A 220 37.66 34.82 6.64
CA ASN A 220 37.39 34.57 8.04
C ASN A 220 35.92 34.75 8.33
N PRO A 221 35.36 33.96 9.26
CA PRO A 221 33.94 34.10 9.60
C PRO A 221 33.53 35.51 9.95
N ALA A 222 32.35 35.91 9.50
CA ALA A 222 31.81 37.23 9.77
C ALA A 222 30.30 37.17 9.67
N PRO A 223 29.57 37.84 10.59
CA PRO A 223 28.11 37.86 10.47
C PRO A 223 27.69 38.60 9.20
N TYR A 224 26.40 38.51 8.81
CA TYR A 224 25.93 39.18 7.60
C TYR A 224 26.33 40.67 7.52
N SER A 225 26.91 41.02 6.37
CA SER A 225 27.35 42.35 5.99
C SER A 225 27.28 42.43 4.48
N GLU A 226 26.80 43.55 3.94
CA GLU A 226 26.74 43.77 2.50
C GLU A 226 28.16 43.74 1.86
N ASP A 227 29.22 43.95 2.68
CA ASP A 227 30.60 43.91 2.22
C ASP A 227 31.23 42.49 2.24
N ASN A 228 30.46 41.47 2.66
CA ASN A 228 30.98 40.10 2.69
C ASN A 228 31.16 39.53 1.29
N VAL A 229 32.18 38.71 1.14
CA VAL A 229 32.60 38.12 -0.12
C VAL A 229 32.52 36.58 -0.01
N PRO A 230 32.19 35.86 -1.11
CA PRO A 230 32.14 34.38 -1.04
C PRO A 230 33.42 33.77 -0.51
N LEU A 231 33.30 32.73 0.31
CA LEU A 231 34.46 32.07 0.91
C LEU A 231 35.21 31.27 -0.14
N LYS A 232 36.55 31.36 -0.16
CA LYS A 232 37.37 30.51 -1.01
C LYS A 232 37.80 29.43 -0.03
N PRO A 233 37.28 28.20 -0.17
CA PRO A 233 37.57 27.17 0.84
C PRO A 233 38.88 26.43 0.62
N LYS A 234 39.37 25.76 1.67
CA LYS A 234 40.55 24.90 1.60
C LYS A 234 40.33 23.78 0.59
N ARG A 235 39.10 23.21 0.58
CA ARG A 235 38.76 22.03 -0.20
C ARG A 235 37.27 22.03 -0.59
N PHE A 236 36.97 21.47 -1.74
CA PHE A 236 35.60 21.31 -2.22
C PHE A 236 35.49 19.99 -3.01
N PHE A 237 34.26 19.46 -3.14
CA PHE A 237 34.06 18.20 -3.84
C PHE A 237 34.01 18.38 -5.34
N ASN A 238 34.63 17.45 -6.07
CA ASN A 238 34.46 17.42 -7.52
C ASN A 238 33.14 16.66 -7.75
N ILE A 239 32.38 17.04 -8.77
CA ILE A 239 31.12 16.38 -9.08
C ILE A 239 31.37 15.30 -10.12
N SER A 240 30.90 14.08 -9.89
CA SER A 240 31.05 13.03 -10.88
C SER A 240 29.81 12.92 -11.75
N LEU A 241 30.01 12.74 -13.05
CA LEU A 241 28.88 12.42 -13.94
C LEU A 241 28.91 10.94 -14.42
N GLY A 242 29.86 10.15 -13.90
CA GLY A 242 29.99 8.73 -14.21
C GLY A 242 28.89 7.86 -13.66
N GLY A 243 28.13 8.39 -12.70
CA GLY A 243 26.98 7.71 -12.12
C GLY A 243 27.31 6.55 -11.21
N VAL A 244 26.33 5.68 -10.98
CA VAL A 244 26.51 4.51 -10.15
C VAL A 244 25.96 3.26 -10.85
N GLN A 245 26.54 2.13 -10.51
CA GLN A 245 26.08 0.81 -10.96
C GLN A 245 25.91 -0.05 -9.71
N GLU A 246 25.13 -1.13 -9.81
CA GLU A 246 24.95 -2.07 -8.71
C GLU A 246 26.30 -2.60 -8.22
N ASN A 247 26.51 -2.62 -6.89
CA ASN A 247 27.72 -3.09 -6.22
C ASN A 247 28.85 -2.06 -6.19
N ASP A 248 28.65 -0.84 -6.73
CA ASP A 248 29.69 0.18 -6.66
C ASP A 248 29.97 0.56 -5.23
N TYR A 249 31.22 0.84 -4.91
CA TYR A 249 31.63 1.31 -3.62
C TYR A 249 31.05 2.72 -3.42
N ALA A 250 30.52 2.97 -2.24
CA ALA A 250 30.03 4.31 -1.89
C ALA A 250 30.39 4.60 -0.44
N MET A 251 30.66 5.86 -0.15
CA MET A 251 30.96 6.27 1.21
C MET A 251 30.35 7.61 1.54
N ILE A 252 30.08 7.84 2.82
CA ILE A 252 29.48 9.08 3.29
C ILE A 252 30.26 9.64 4.47
N MET A 253 30.32 10.95 4.59
CA MET A 253 30.78 11.69 5.76
C MET A 253 29.63 12.57 6.21
N GLY A 254 29.44 12.69 7.51
CA GLY A 254 28.35 13.48 8.06
C GLY A 254 28.30 13.47 9.56
N PHE A 255 27.19 13.96 10.12
CA PHE A 255 27.08 14.12 11.56
C PHE A 255 25.92 13.30 12.12
N PRO A 256 26.00 11.95 12.18
CA PRO A 256 24.88 11.18 12.76
C PRO A 256 24.68 11.57 14.23
N GLY A 257 23.43 11.75 14.61
CA GLY A 257 23.10 12.25 15.94
C GLY A 257 23.15 11.25 17.07
N THR A 258 22.34 10.18 17.02
CA THR A 258 22.29 9.21 18.11
C THR A 258 22.13 7.78 17.62
N THR A 259 22.74 6.82 18.33
CA THR A 259 22.53 5.39 18.11
C THR A 259 22.52 4.77 19.50
N HIS A 260 22.10 3.51 19.60
CA HIS A 260 22.08 2.77 20.84
C HIS A 260 22.65 1.38 20.56
N ARG A 261 23.88 1.36 20.04
CA ARG A 261 24.56 0.13 19.66
C ARG A 261 24.98 -0.75 20.85
N TYR A 262 25.00 -0.18 22.06
CA TYR A 262 25.43 -0.92 23.25
C TYR A 262 24.32 -1.12 24.26
N PHE A 263 23.06 -1.11 23.81
CA PHE A 263 21.90 -1.43 24.64
C PHE A 263 22.04 -2.87 25.14
N THR A 264 21.62 -3.13 26.38
CA THR A 264 21.57 -4.51 26.85
C THR A 264 20.27 -5.10 26.22
N ALA A 265 20.07 -6.42 26.34
CA ALA A 265 18.85 -7.06 25.88
C ALA A 265 17.66 -6.51 26.67
N SER A 266 17.84 -6.19 27.97
CA SER A 266 16.77 -5.61 28.79
C SER A 266 16.34 -4.20 28.31
N GLU A 267 17.28 -3.43 27.76
CA GLU A 267 16.99 -2.10 27.22
C GLU A 267 16.26 -2.20 25.91
N VAL A 268 16.56 -3.25 25.09
CA VAL A 268 15.80 -3.52 23.87
C VAL A 268 14.36 -3.89 24.26
N ASP A 269 14.17 -4.74 25.29
CA ASP A 269 12.81 -5.14 25.72
C ASP A 269 12.00 -3.94 26.17
N GLU A 270 12.63 -3.06 26.95
CA GLU A 270 12.04 -1.82 27.45
C GLU A 270 11.66 -0.89 26.30
N TRP A 271 12.55 -0.71 25.32
CA TRP A 271 12.33 0.14 24.15
C TRP A 271 11.11 -0.36 23.36
N LYS A 272 10.99 -1.68 23.21
CA LYS A 272 9.85 -2.28 22.53
C LYS A 272 8.55 -2.13 23.35
N SER A 273 8.51 -2.70 24.56
CA SER A 273 7.32 -2.88 25.40
C SER A 273 6.80 -1.63 26.06
N ILE A 274 7.65 -0.61 26.22
CA ILE A 274 7.19 0.62 26.83
C ILE A 274 7.19 1.72 25.75
N ASP A 275 8.38 2.26 25.39
CA ASP A 275 8.55 3.34 24.45
C ASP A 275 7.76 3.14 23.17
N ASN A 276 8.04 2.07 22.41
CA ASN A 276 7.42 1.87 21.11
C ASN A 276 5.95 1.45 21.20
N ASP A 277 5.61 0.44 22.00
CA ASP A 277 4.20 -0.01 22.10
C ASP A 277 3.26 1.09 22.56
N ILE A 278 3.69 1.93 23.54
CA ILE A 278 2.84 3.03 24.02
C ILE A 278 2.68 4.08 22.93
N ARG A 279 3.79 4.54 22.32
CA ARG A 279 3.74 5.52 21.23
C ARG A 279 2.85 5.01 20.07
N ILE A 280 2.98 3.72 19.72
CA ILE A 280 2.19 3.12 18.65
C ILE A 280 0.72 3.13 19.03
N ARG A 281 0.40 2.60 20.22
CA ARG A 281 -0.99 2.51 20.65
C ARG A 281 -1.64 3.90 20.79
N MET A 282 -0.97 4.83 21.47
CA MET A 282 -1.51 6.15 21.70
C MET A 282 -1.65 6.97 20.43
N ARG A 283 -0.66 6.91 19.53
CA ARG A 283 -0.74 7.65 18.26
C ARG A 283 -1.73 7.05 17.31
N ASP A 284 -1.93 5.73 17.33
CA ASP A 284 -2.96 5.11 16.50
C ASP A 284 -4.35 5.61 16.92
N ILE A 285 -4.58 5.77 18.24
CA ILE A 285 -5.86 6.30 18.73
C ILE A 285 -6.06 7.78 18.29
N ARG A 286 -5.06 8.61 18.52
CA ARG A 286 -5.09 10.03 18.21
C ARG A 286 -5.28 10.28 16.71
N GLN A 287 -4.49 9.59 15.88
CA GLN A 287 -4.51 9.67 14.43
C GLN A 287 -5.83 9.18 13.86
N GLY A 288 -6.38 8.08 14.39
CA GLY A 288 -7.67 7.58 13.96
C GLY A 288 -8.80 8.61 14.11
N VAL A 289 -8.85 9.28 15.27
CA VAL A 289 -9.91 10.28 15.50
C VAL A 289 -9.67 11.47 14.57
N MET A 290 -8.41 11.93 14.49
CA MET A 290 -8.04 13.07 13.64
C MET A 290 -8.41 12.82 12.17
N LEU A 291 -8.11 11.62 11.65
CA LEU A 291 -8.41 11.23 10.29
C LEU A 291 -9.91 11.24 10.01
N ARG A 292 -10.71 10.63 10.90
CA ARG A 292 -12.17 10.64 10.76
C ARG A 292 -12.71 12.06 10.65
N GLU A 293 -12.17 13.00 11.46
CA GLU A 293 -12.63 14.37 11.44
C GLU A 293 -12.15 15.14 10.23
N MET A 294 -10.94 14.85 9.75
CA MET A 294 -10.38 15.52 8.57
C MET A 294 -11.10 15.05 7.30
N LEU A 295 -11.47 13.76 7.23
CA LEU A 295 -12.20 13.22 6.07
C LEU A 295 -13.65 13.75 6.00
N ALA A 296 -14.24 14.09 7.13
CA ALA A 296 -15.62 14.57 7.19
C ALA A 296 -15.78 16.08 6.95
N ASP A 297 -14.71 16.87 7.20
CA ASP A 297 -14.79 18.31 7.07
C ASP A 297 -13.54 18.84 6.38
N PRO A 298 -13.69 19.39 5.16
CA PRO A 298 -12.51 19.91 4.44
C PRO A 298 -11.75 21.00 5.19
N GLN A 299 -12.45 21.76 6.04
CA GLN A 299 -11.83 22.80 6.82
C GLN A 299 -11.00 22.17 7.97
N ILE A 300 -11.45 21.04 8.54
CA ILE A 300 -10.70 20.32 9.57
C ILE A 300 -9.42 19.71 8.98
N LYS A 301 -9.49 19.26 7.72
CA LYS A 301 -8.33 18.72 7.01
C LYS A 301 -7.24 19.81 6.87
N ILE A 302 -7.64 21.05 6.56
CA ILE A 302 -6.70 22.14 6.43
C ILE A 302 -6.06 22.44 7.78
N MET A 303 -6.89 22.57 8.82
CA MET A 303 -6.41 22.87 10.15
C MET A 303 -5.54 21.80 10.80
N TYR A 304 -5.82 20.51 10.55
CA TYR A 304 -5.12 19.42 11.24
C TYR A 304 -4.10 18.64 10.42
N SER A 305 -3.91 18.95 9.12
CA SER A 305 -2.97 18.21 8.27
C SER A 305 -1.55 18.14 8.80
N ALA A 306 -1.01 19.26 9.23
CA ALA A 306 0.35 19.32 9.73
C ALA A 306 0.46 18.59 11.08
N LYS A 307 -0.51 18.77 12.01
CA LYS A 307 -0.52 18.06 13.29
C LYS A 307 -0.61 16.54 13.08
N TYR A 308 -1.39 16.11 12.10
CA TYR A 308 -1.55 14.70 11.77
C TYR A 308 -0.23 14.17 11.21
N ALA A 309 0.37 14.89 10.22
CA ALA A 309 1.65 14.48 9.63
C ALA A 309 2.78 14.43 10.70
N ALA A 310 2.85 15.42 11.60
CA ALA A 310 3.86 15.45 12.67
C ALA A 310 3.72 14.25 13.63
N SER A 311 2.50 13.76 13.86
CA SER A 311 2.29 12.63 14.75
C SER A 311 2.72 11.33 14.06
N GLN A 312 2.44 11.21 12.77
CA GLN A 312 2.73 10.04 11.95
C GLN A 312 4.22 9.74 11.78
N ASN A 313 5.08 10.74 11.72
CA ASN A 313 6.50 10.53 11.48
C ASN A 313 7.17 9.57 12.50
N ALA A 314 7.10 9.87 13.82
CA ALA A 314 7.67 8.98 14.84
C ALA A 314 6.82 7.73 15.06
N TYR A 315 5.52 7.78 14.72
CA TYR A 315 4.64 6.61 14.75
C TYR A 315 5.18 5.57 13.76
N LYS A 316 5.45 6.00 12.51
CA LYS A 316 6.02 5.10 11.49
C LYS A 316 7.38 4.58 11.91
N ARG A 317 8.23 5.42 12.50
CA ARG A 317 9.56 5.03 12.95
C ARG A 317 9.43 3.93 14.01
N ALA A 318 8.50 4.10 14.97
CA ALA A 318 8.27 3.11 16.03
C ALA A 318 7.76 1.77 15.47
N ILE A 319 6.88 1.79 14.44
CA ILE A 319 6.40 0.58 13.76
C ILE A 319 7.62 -0.13 13.09
N GLY A 320 8.44 0.63 12.38
CA GLY A 320 9.62 0.07 11.74
C GLY A 320 10.64 -0.52 12.72
N ALA A 321 10.83 0.14 13.86
CA ALA A 321 11.78 -0.32 14.90
C ALA A 321 11.23 -1.58 15.54
N ASN A 322 9.92 -1.62 15.84
CA ASN A 322 9.30 -2.81 16.40
C ASN A 322 9.31 -3.99 15.41
N TRP A 323 9.26 -3.72 14.11
CA TRP A 323 9.35 -4.79 13.11
C TRP A 323 10.75 -5.43 13.20
N ALA A 324 11.81 -4.61 13.37
CA ALA A 324 13.18 -5.14 13.48
C ALA A 324 13.31 -5.98 14.76
N ILE A 325 12.74 -5.51 15.88
CA ILE A 325 12.84 -6.24 17.14
C ILE A 325 12.14 -7.60 17.01
N LYS A 326 10.98 -7.62 16.38
CA LYS A 326 10.21 -8.85 16.21
C LYS A 326 10.84 -9.83 15.21
N THR A 327 11.41 -9.33 14.11
CA THR A 327 11.87 -10.21 13.04
C THR A 327 13.38 -10.33 12.81
N ARG A 328 14.22 -9.40 13.33
CA ARG A 328 15.66 -9.44 13.05
C ARG A 328 16.55 -9.85 14.23
N GLY A 329 15.95 -10.31 15.31
CA GLY A 329 16.66 -10.79 16.47
C GLY A 329 17.51 -9.76 17.19
N LEU A 330 16.98 -8.52 17.38
CA LEU A 330 17.79 -7.47 18.02
C LEU A 330 18.02 -7.80 19.48
N ARG A 331 17.00 -8.29 20.17
CA ARG A 331 17.12 -8.62 21.58
C ARG A 331 18.14 -9.74 21.78
N GLN A 332 18.04 -10.78 20.95
CA GLN A 332 18.90 -11.95 21.00
C GLN A 332 20.35 -11.59 20.73
N ASN A 333 20.60 -10.71 19.75
CA ASN A 333 21.96 -10.31 19.43
C ASN A 333 22.58 -9.45 20.52
N LYS A 334 21.77 -8.64 21.24
CA LYS A 334 22.31 -7.89 22.38
C LYS A 334 22.61 -8.85 23.54
N GLN A 335 21.73 -9.86 23.74
CA GLN A 335 21.91 -10.89 24.75
C GLN A 335 23.20 -11.68 24.49
N ALA A 336 23.47 -12.05 23.22
CA ALA A 336 24.69 -12.77 22.85
C ALA A 336 25.94 -11.92 23.08
N MET A 337 25.86 -10.61 22.81
CA MET A 337 26.96 -9.69 22.98
C MET A 337 27.34 -9.61 24.46
N GLN A 338 26.33 -9.44 25.33
CA GLN A 338 26.61 -9.33 26.76
C GLN A 338 27.04 -10.68 27.36
N ASP A 339 26.47 -11.83 26.90
CA ASP A 339 26.86 -13.14 27.40
C ASP A 339 28.31 -13.47 27.06
N ARG A 340 28.74 -13.08 25.87
CA ARG A 340 30.11 -13.28 25.40
C ARG A 340 31.10 -12.48 26.27
N LEU A 341 30.76 -11.23 26.61
CA LEU A 341 31.62 -10.41 27.46
C LEU A 341 31.68 -10.99 28.87
N ILE A 342 30.54 -11.45 29.40
CA ILE A 342 30.45 -12.05 30.73
C ILE A 342 31.31 -13.31 30.82
N ALA A 343 31.29 -14.14 29.78
CA ALA A 343 32.09 -15.37 29.75
C ALA A 343 33.59 -15.03 29.67
N TRP A 344 33.95 -14.00 28.91
CA TRP A 344 35.34 -13.57 28.78
C TRP A 344 35.85 -12.93 30.08
N GLY A 345 34.97 -12.18 30.74
CA GLY A 345 35.28 -11.55 32.01
C GLY A 345 35.55 -12.59 33.08
N ALA A 346 34.82 -13.71 33.06
CA ALA A 346 34.98 -14.81 34.00
C ALA A 346 36.36 -15.47 33.83
N LYS A 347 36.84 -15.59 32.57
CA LYS A 347 38.17 -16.12 32.25
C LYS A 347 39.27 -15.16 32.67
N GLN A 348 39.10 -13.84 32.43
CA GLN A 348 40.08 -12.83 32.87
C GLN A 348 40.16 -12.69 34.40
N GLY A 349 39.22 -13.29 35.14
CA GLY A 349 39.14 -13.14 36.59
C GLY A 349 38.60 -11.78 37.00
N THR A 350 37.86 -11.08 36.10
CA THR A 350 37.32 -9.74 36.37
C THR A 350 35.80 -9.74 36.32
N PRO A 351 35.14 -9.75 37.48
CA PRO A 351 33.68 -9.77 37.48
C PRO A 351 32.99 -8.42 37.23
N ARG A 352 33.74 -7.33 37.01
CA ARG A 352 33.14 -6.01 36.85
C ARG A 352 32.21 -5.84 35.63
N TYR A 353 32.43 -6.61 34.56
CA TYR A 353 31.60 -6.51 33.35
C TYR A 353 30.23 -7.12 33.57
N GLU A 354 30.19 -8.28 34.24
CA GLU A 354 28.96 -8.97 34.59
C GLU A 354 28.17 -8.13 35.61
N GLU A 355 28.89 -7.51 36.57
CA GLU A 355 28.30 -6.64 37.57
C GLU A 355 27.66 -5.41 36.90
N ALA A 356 28.33 -4.87 35.86
CA ALA A 356 27.83 -3.72 35.11
C ALA A 356 26.55 -4.05 34.33
N VAL A 357 26.51 -5.20 33.65
CA VAL A 357 25.31 -5.63 32.91
C VAL A 357 24.15 -5.87 33.90
N HIS A 358 24.45 -6.47 35.06
CA HIS A 358 23.47 -6.69 36.11
C HIS A 358 22.91 -5.37 36.64
N GLU A 359 23.78 -4.33 36.84
CA GLU A 359 23.29 -3.03 37.30
C GLU A 359 22.34 -2.40 36.29
N ILE A 360 22.64 -2.55 34.98
CA ILE A 360 21.76 -2.04 33.94
C ILE A 360 20.41 -2.77 33.95
N ASP A 361 20.42 -4.11 34.01
CA ASP A 361 19.19 -4.91 34.06
C ASP A 361 18.35 -4.54 35.29
N ALA A 362 19.00 -4.40 36.45
CA ALA A 362 18.28 -4.06 37.68
C ALA A 362 17.68 -2.67 37.62
N THR A 363 18.39 -1.72 37.02
CA THR A 363 17.88 -0.36 36.91
C THR A 363 16.70 -0.35 35.95
N VAL A 364 16.81 -1.04 34.81
CA VAL A 364 15.72 -1.14 33.84
C VAL A 364 14.48 -1.75 34.51
N ALA A 365 14.66 -2.87 35.25
CA ALA A 365 13.53 -3.51 35.93
C ALA A 365 12.90 -2.62 37.00
N LYS A 366 13.72 -1.91 37.79
CA LYS A 366 13.19 -1.04 38.84
C LYS A 366 12.38 0.15 38.32
N ARG A 367 12.77 0.76 37.19
CA ARG A 367 12.06 1.93 36.67
C ARG A 367 10.88 1.62 35.76
N ALA A 368 10.58 0.35 35.48
CA ALA A 368 9.52 -0.05 34.53
C ALA A 368 8.15 0.64 34.72
N ASP A 369 7.59 0.63 35.94
CA ASP A 369 6.26 1.19 36.19
C ASP A 369 6.26 2.69 35.99
N LEU A 370 7.28 3.38 36.51
CA LEU A 370 7.44 4.82 36.37
C LEU A 370 7.58 5.20 34.88
N ARG A 371 8.47 4.50 34.13
CA ARG A 371 8.69 4.75 32.70
C ARG A 371 7.40 4.53 31.90
N ARG A 372 6.63 3.49 32.25
CA ARG A 372 5.34 3.20 31.62
C ARG A 372 4.36 4.36 31.88
N ARG A 373 4.30 4.84 33.12
CA ARG A 373 3.45 5.99 33.46
C ARG A 373 3.87 7.27 32.74
N TYR A 374 5.17 7.46 32.53
CA TYR A 374 5.71 8.63 31.86
C TYR A 374 5.34 8.62 30.36
N TRP A 375 5.57 7.51 29.67
CA TRP A 375 5.23 7.41 28.26
C TRP A 375 3.70 7.47 28.07
N MET A 376 2.94 6.89 28.98
CA MET A 376 1.49 6.91 28.92
C MET A 376 0.95 8.36 28.99
N ILE A 377 1.45 9.17 29.93
CA ILE A 377 1.02 10.56 30.03
C ILE A 377 1.60 11.44 28.92
N GLU A 378 2.85 11.18 28.49
CA GLU A 378 3.46 11.98 27.43
C GLU A 378 2.78 11.76 26.08
N GLU A 379 2.58 10.52 25.70
CA GLU A 379 1.93 10.18 24.44
C GLU A 379 0.43 10.38 24.49
N GLY A 380 -0.18 10.00 25.60
CA GLY A 380 -1.61 10.08 25.79
C GLY A 380 -2.19 11.45 26.03
N ILE A 381 -1.48 12.30 26.82
CA ILE A 381 -2.02 13.61 27.19
C ILE A 381 -1.16 14.78 26.76
N ILE A 382 0.15 14.81 27.15
CA ILE A 382 1.03 15.93 26.82
C ILE A 382 1.08 16.20 25.32
N ARG A 383 1.29 15.15 24.50
CA ARG A 383 1.27 15.27 23.04
C ARG A 383 -0.14 14.95 22.50
N GLY A 384 -0.86 14.05 23.15
CA GLY A 384 -2.15 13.57 22.66
C GLY A 384 -3.31 14.54 22.68
N ILE A 385 -3.40 15.40 23.73
CA ILE A 385 -4.54 16.28 23.90
C ILE A 385 -4.13 17.76 23.86
N GLU A 386 -4.65 18.53 22.90
CA GLU A 386 -4.28 19.95 22.75
C GLU A 386 -4.61 20.83 23.95
N PHE A 387 -5.73 20.57 24.65
CA PHE A 387 -6.06 21.40 25.81
C PHE A 387 -5.17 21.10 27.02
N ALA A 388 -4.25 20.10 26.94
CA ALA A 388 -3.24 19.92 27.99
C ALA A 388 -2.28 21.13 27.92
N ARG A 389 -2.03 21.68 26.71
CA ARG A 389 -1.17 22.85 26.55
C ARG A 389 -1.96 24.17 26.48
N SER A 390 -3.09 24.22 27.17
CA SER A 390 -3.89 25.43 27.27
C SER A 390 -3.19 26.35 28.34
N PRO A 391 -3.56 27.65 28.44
CA PRO A 391 -2.87 28.53 29.39
C PRO A 391 -3.00 28.21 30.89
N ILE A 392 -1.86 28.28 31.57
CA ILE A 392 -1.80 28.13 33.02
C ILE A 392 -1.27 29.46 33.57
N PRO A 393 -2.08 30.18 34.36
CA PRO A 393 -1.61 31.47 34.91
C PRO A 393 -0.36 31.33 35.76
N THR A 394 0.69 32.08 35.43
CA THR A 394 1.95 32.03 36.17
C THR A 394 1.79 32.53 37.64
N GLU A 395 2.82 32.33 38.51
CA GLU A 395 2.76 32.82 39.89
C GLU A 395 2.66 34.36 39.89
N ASP A 396 3.39 35.03 38.97
CA ASP A 396 3.40 36.47 38.77
C ASP A 396 2.09 36.97 38.17
N GLU A 397 1.43 36.16 37.31
CA GLU A 397 0.14 36.52 36.71
C GLU A 397 -0.97 36.41 37.78
N THR A 398 -0.91 35.38 38.63
CA THR A 398 -1.84 35.20 39.73
C THR A 398 -1.63 36.31 40.80
N LYS A 399 -0.37 36.75 40.99
CA LYS A 399 -0.03 37.82 41.93
C LYS A 399 -0.54 39.16 41.40
N ALA A 400 -0.35 39.41 40.10
CA ALA A 400 -0.81 40.66 39.47
C ALA A 400 -2.34 40.81 39.55
N LEU A 401 -3.09 39.70 39.44
CA LEU A 401 -4.54 39.73 39.52
C LEU A 401 -5.08 39.86 40.97
N GLN A 402 -4.23 39.60 41.97
CA GLN A 402 -4.61 39.68 43.38
C GLN A 402 -4.12 41.01 44.01
N ASP A 405 -4.21 44.89 42.78
CA ASP A 405 -4.69 46.26 42.91
C ASP A 405 -3.74 47.28 42.26
N ALA A 406 -3.56 47.18 40.92
CA ALA A 406 -2.72 48.06 40.09
C ALA A 406 -3.04 47.83 38.59
N SER A 407 -2.55 48.71 37.67
CA SER A 407 -2.75 48.48 36.22
C SER A 407 -2.01 47.22 35.73
N ALA A 408 -1.28 46.49 36.60
CA ALA A 408 -0.61 45.25 36.23
C ALA A 408 -1.62 44.12 35.91
N ARG A 409 -2.91 44.30 36.29
CA ARG A 409 -4.03 43.41 36.04
C ARG A 409 -4.29 43.36 34.53
N LYS A 410 -4.40 44.53 33.86
CA LYS A 410 -4.59 44.58 32.41
C LYS A 410 -3.37 44.03 31.65
N GLU A 411 -2.17 44.10 32.25
CA GLU A 411 -0.94 43.56 31.68
C GLU A 411 -0.98 42.04 31.77
N ALA A 412 -1.46 41.49 32.90
CA ALA A 412 -1.58 40.05 33.12
C ALA A 412 -2.65 39.47 32.16
N ILE A 413 -3.82 40.11 32.07
CA ILE A 413 -4.86 39.70 31.15
C ILE A 413 -4.41 39.75 29.68
N ASP A 414 -3.57 40.74 29.30
CA ASP A 414 -3.07 40.79 27.92
C ASP A 414 -2.12 39.63 27.62
N LYS A 415 -1.34 39.22 28.64
CA LYS A 415 -0.40 38.11 28.51
C LYS A 415 -1.17 36.78 28.42
N ILE A 416 -2.21 36.61 29.28
CA ILE A 416 -3.04 35.39 29.27
C ILE A 416 -3.81 35.30 27.97
N ARG A 417 -4.34 36.44 27.47
CA ARG A 417 -5.07 36.50 26.22
C ARG A 417 -4.17 36.09 25.06
N THR A 418 -2.91 36.53 25.08
CA THR A 418 -1.94 36.21 24.03
C THR A 418 -1.73 34.70 23.95
N ARG A 419 -1.59 34.06 25.12
CA ARG A 419 -1.41 32.62 25.22
C ARG A 419 -2.68 31.88 24.82
N TYR A 420 -3.85 32.42 25.19
CA TYR A 420 -5.12 31.80 24.80
C TYR A 420 -5.28 31.85 23.25
N SER A 421 -4.90 32.97 22.63
CA SER A 421 -4.97 33.09 21.16
C SER A 421 -3.99 32.18 20.45
N LYS A 422 -2.87 31.84 21.09
CA LYS A 422 -1.89 30.92 20.50
C LYS A 422 -2.42 29.47 20.62
N PHE A 423 -3.11 29.15 21.73
CA PHE A 423 -3.72 27.82 21.95
C PHE A 423 -4.93 27.66 21.01
N ALA A 424 -5.89 28.57 21.08
CA ALA A 424 -7.06 28.54 20.23
C ALA A 424 -6.80 29.32 18.94
N ASN A 425 -5.78 28.91 18.16
CA ASN A 425 -5.43 29.60 16.92
C ASN A 425 -6.34 29.18 15.73
N LYS A 426 -6.03 29.66 14.50
CA LYS A 426 -6.81 29.35 13.31
C LYS A 426 -6.89 27.85 13.00
N ASP A 427 -5.95 27.05 13.53
CA ASP A 427 -5.91 25.60 13.31
C ASP A 427 -6.48 24.78 14.48
N TYR A 428 -6.99 25.43 15.53
CA TYR A 428 -7.52 24.71 16.68
C TYR A 428 -9.03 24.50 16.59
N SER A 429 -9.46 23.25 16.72
CA SER A 429 -10.89 22.95 16.77
C SER A 429 -11.16 22.33 18.15
N ALA A 430 -11.97 23.00 18.98
CA ALA A 430 -12.37 22.51 20.30
C ALA A 430 -13.19 21.23 20.16
N GLU A 431 -14.01 21.09 19.09
CA GLU A 431 -14.82 19.90 18.86
C GLU A 431 -13.93 18.70 18.51
N VAL A 432 -12.92 18.91 17.65
CA VAL A 432 -11.97 17.88 17.29
C VAL A 432 -11.16 17.49 18.53
N ASP A 433 -10.72 18.49 19.29
CA ASP A 433 -9.98 18.25 20.53
C ASP A 433 -10.77 17.49 21.59
N LYS A 434 -12.05 17.81 21.79
CA LYS A 434 -12.90 17.06 22.72
C LYS A 434 -13.01 15.59 22.27
N LYS A 435 -13.15 15.33 20.96
CA LYS A 435 -13.25 13.96 20.45
C LYS A 435 -11.95 13.20 20.64
N VAL A 436 -10.82 13.86 20.36
CA VAL A 436 -9.51 13.23 20.55
C VAL A 436 -9.30 12.95 22.05
N ALA A 437 -9.61 13.93 22.92
CA ALA A 437 -9.44 13.78 24.37
C ALA A 437 -10.28 12.68 24.92
N VAL A 438 -11.53 12.52 24.46
CA VAL A 438 -12.39 11.45 24.97
C VAL A 438 -11.77 10.08 24.67
N ALA A 439 -11.24 9.88 23.44
CA ALA A 439 -10.62 8.59 23.10
C ALA A 439 -9.26 8.37 23.79
N MET A 440 -8.42 9.43 23.86
CA MET A 440 -7.11 9.32 24.51
C MET A 440 -7.27 9.08 26.01
N LEU A 441 -8.17 9.84 26.68
CA LEU A 441 -8.40 9.66 28.11
C LEU A 441 -9.02 8.34 28.43
N THR A 442 -9.89 7.80 27.59
CA THR A 442 -10.50 6.48 27.81
C THR A 442 -9.38 5.41 27.86
N GLU A 443 -8.43 5.47 26.92
CA GLU A 443 -7.31 4.54 26.92
C GLU A 443 -6.41 4.76 28.14
N TYR A 444 -6.06 6.02 28.43
CA TYR A 444 -5.22 6.38 29.57
C TYR A 444 -5.83 5.93 30.89
N LEU A 445 -7.12 6.17 31.11
CA LEU A 445 -7.81 5.76 32.35
C LEU A 445 -7.90 4.24 32.52
N LYS A 446 -7.90 3.50 31.41
CA LYS A 446 -7.87 2.03 31.41
C LYS A 446 -6.47 1.52 31.86
N GLU A 447 -5.40 2.25 31.51
CA GLU A 447 -4.04 1.82 31.80
C GLU A 447 -3.45 2.33 33.09
N ILE A 448 -3.85 3.53 33.54
CA ILE A 448 -3.29 4.14 34.74
C ILE A 448 -4.29 4.05 35.89
N PRO A 449 -3.92 3.38 36.99
CA PRO A 449 -4.85 3.26 38.11
C PRO A 449 -5.11 4.58 38.81
N TYR A 450 -6.26 4.69 39.48
CA TYR A 450 -6.71 5.88 40.22
C TYR A 450 -5.63 6.53 41.07
N GLU A 451 -4.88 5.73 41.85
CA GLU A 451 -3.81 6.26 42.71
C GLU A 451 -2.61 6.83 41.94
N ASN A 452 -2.50 6.51 40.66
CA ASN A 452 -1.41 7.04 39.82
C ASN A 452 -1.86 8.15 38.84
N LEU A 453 -3.15 8.55 38.90
CA LEU A 453 -3.69 9.54 38.00
C LEU A 453 -3.29 10.94 38.37
N PRO A 454 -3.13 11.85 37.38
CA PRO A 454 -3.04 13.27 37.70
C PRO A 454 -4.32 13.66 38.48
N LEU A 455 -4.16 14.39 39.61
CA LEU A 455 -5.25 14.71 40.53
C LEU A 455 -6.60 15.06 39.89
N HIS A 456 -6.63 15.90 38.85
CA HIS A 456 -7.88 16.29 38.21
C HIS A 456 -8.59 15.14 37.51
N LEU A 457 -7.84 14.15 36.98
CA LEU A 457 -8.45 12.99 36.31
C LEU A 457 -9.19 12.05 37.26
N ARG A 458 -8.93 12.16 38.56
CA ARG A 458 -9.66 11.41 39.58
C ARG A 458 -11.14 11.80 39.58
N LEU A 459 -11.48 13.03 39.10
CA LEU A 459 -12.85 13.52 38.97
C LEU A 459 -13.69 12.70 38.00
N VAL A 460 -13.06 11.95 37.07
CA VAL A 460 -13.81 11.12 36.13
C VAL A 460 -14.60 10.06 36.91
N LYS A 461 -13.94 9.40 37.87
CA LYS A 461 -14.61 8.39 38.69
C LYS A 461 -15.42 9.04 39.83
N ASP A 462 -14.83 10.00 40.52
CA ASP A 462 -15.43 10.65 41.69
C ASP A 462 -16.65 11.55 41.43
N ARG A 463 -16.61 12.39 40.40
CA ARG A 463 -17.66 13.36 40.13
C ARG A 463 -18.52 13.02 38.92
N PHE A 464 -17.92 12.40 37.89
CA PHE A 464 -18.64 12.16 36.65
C PHE A 464 -19.10 10.72 36.43
N ALA A 465 -19.06 9.87 37.48
CA ALA A 465 -19.49 8.48 37.40
C ALA A 465 -18.87 7.69 36.24
N GLY A 466 -17.59 7.95 35.98
CA GLY A 466 -16.85 7.28 34.91
C GLY A 466 -17.13 7.77 33.50
N ASP A 467 -17.98 8.78 33.35
CA ASP A 467 -18.32 9.32 32.02
C ASP A 467 -17.23 10.30 31.56
N VAL A 468 -16.34 9.82 30.68
CA VAL A 468 -15.23 10.60 30.15
C VAL A 468 -15.76 11.75 29.28
N GLN A 469 -16.78 11.47 28.46
CA GLN A 469 -17.40 12.48 27.62
C GLN A 469 -17.96 13.65 28.46
N ALA A 470 -18.64 13.36 29.57
CA ALA A 470 -19.21 14.38 30.46
C ALA A 470 -18.12 15.19 31.13
N TYR A 471 -17.04 14.55 31.55
CA TYR A 471 -15.92 15.24 32.16
C TYR A 471 -15.28 16.24 31.17
N VAL A 472 -15.05 15.81 29.92
CA VAL A 472 -14.47 16.64 28.87
C VAL A 472 -15.43 17.76 28.47
N ASP A 473 -16.74 17.45 28.36
CA ASP A 473 -17.76 18.45 28.04
C ASP A 473 -17.78 19.53 29.09
N ASP A 474 -17.69 19.13 30.37
CA ASP A 474 -17.71 20.07 31.50
C ASP A 474 -16.48 20.99 31.51
N ILE A 475 -15.30 20.46 31.12
CA ILE A 475 -14.08 21.26 31.04
C ILE A 475 -14.29 22.44 30.08
N PHE A 476 -14.86 22.19 28.90
CA PHE A 476 -15.09 23.24 27.91
C PHE A 476 -16.30 24.12 28.24
N ALA A 477 -17.35 23.55 28.84
CA ALA A 477 -18.55 24.32 29.19
C ALA A 477 -18.27 25.39 30.23
N ARG A 478 -17.45 25.08 31.24
CA ARG A 478 -17.19 25.98 32.34
C ARG A 478 -15.85 26.69 32.30
N SER A 479 -14.94 26.28 31.42
CA SER A 479 -13.64 26.94 31.37
C SER A 479 -13.65 28.28 30.69
N VAL A 480 -12.85 29.17 31.24
CA VAL A 480 -12.50 30.47 30.73
C VAL A 480 -11.84 30.30 29.32
N PHE A 481 -11.18 29.19 29.04
CA PHE A 481 -10.56 28.93 27.73
C PHE A 481 -11.39 27.98 26.83
N GLY A 482 -12.64 27.73 27.19
CA GLY A 482 -13.52 26.85 26.43
C GLY A 482 -14.07 27.44 25.14
N SER A 483 -14.06 28.75 25.05
CA SER A 483 -14.53 29.50 23.86
C SER A 483 -14.06 30.96 23.98
N GLU A 484 -14.12 31.71 22.87
CA GLU A 484 -13.72 33.09 22.87
C GLU A 484 -14.62 33.92 23.77
N ALA A 485 -15.94 33.69 23.72
CA ALA A 485 -16.91 34.41 24.55
C ALA A 485 -16.68 34.16 26.03
N GLN A 486 -16.30 32.93 26.39
CA GLN A 486 -16.03 32.59 27.78
C GLN A 486 -14.75 33.27 28.25
N PHE A 487 -13.73 33.39 27.38
CA PHE A 487 -12.50 34.10 27.76
C PHE A 487 -12.78 35.57 27.93
N ASP A 488 -13.52 36.18 26.99
CA ASP A 488 -13.86 37.60 27.05
C ASP A 488 -14.67 37.94 28.30
N ALA A 489 -15.61 37.07 28.72
CA ALA A 489 -16.38 37.29 29.94
C ALA A 489 -15.47 37.25 31.18
N PHE A 490 -14.43 36.40 31.15
CA PHE A 490 -13.48 36.33 32.24
C PHE A 490 -12.59 37.60 32.22
N ALA A 491 -12.08 37.98 31.04
CA ALA A 491 -11.22 39.13 30.87
C ALA A 491 -11.89 40.44 31.30
N ALA A 492 -13.23 40.52 31.24
CA ALA A 492 -13.95 41.71 31.67
C ALA A 492 -13.99 41.80 33.20
N VAL A 493 -14.19 40.67 33.87
CA VAL A 493 -14.23 40.64 35.33
C VAL A 493 -13.32 39.52 35.84
N PRO A 494 -11.99 39.72 35.73
CA PRO A 494 -11.07 38.67 36.16
C PRO A 494 -10.82 38.57 37.66
N SER A 495 -10.80 37.35 38.15
CA SER A 495 -10.48 37.09 39.56
C SER A 495 -9.61 35.84 39.64
N VAL A 496 -8.63 35.85 40.58
CA VAL A 496 -7.74 34.70 40.78
C VAL A 496 -8.54 33.45 41.19
N GLU A 497 -9.68 33.65 41.89
CA GLU A 497 -10.60 32.63 42.37
C GLU A 497 -11.15 31.83 41.20
N LYS A 498 -11.50 32.52 40.10
CA LYS A 498 -12.04 31.92 38.89
C LYS A 498 -10.98 31.07 38.19
N LEU A 499 -9.74 31.54 38.17
CA LEU A 499 -8.64 30.79 37.55
C LEU A 499 -8.22 29.59 38.41
N ALA A 500 -8.29 29.73 39.74
CA ALA A 500 -7.93 28.66 40.67
C ALA A 500 -8.91 27.47 40.61
N GLU A 501 -10.16 27.73 40.24
CA GLU A 501 -11.17 26.69 40.13
C GLU A 501 -11.50 26.31 38.66
N ASP A 502 -10.81 26.91 37.68
CA ASP A 502 -11.07 26.63 36.29
C ASP A 502 -10.76 25.16 35.94
N PRO A 503 -11.75 24.43 35.40
CA PRO A 503 -11.53 23.01 35.08
C PRO A 503 -10.43 22.74 34.06
N MET A 504 -10.27 23.61 33.05
CA MET A 504 -9.20 23.44 32.08
C MET A 504 -7.85 23.78 32.69
N VAL A 505 -7.78 24.84 33.51
CA VAL A 505 -6.52 25.20 34.18
C VAL A 505 -6.09 24.08 35.12
N LEU A 506 -7.02 23.54 35.91
CA LEU A 506 -6.80 22.44 36.84
C LEU A 506 -6.36 21.17 36.12
N PHE A 507 -7.00 20.86 34.96
CA PHE A 507 -6.61 19.71 34.14
C PHE A 507 -5.14 19.88 33.68
N ALA A 508 -4.82 20.98 32.97
CA ALA A 508 -3.51 21.26 32.42
C ALA A 508 -2.42 21.25 33.49
N SER A 509 -2.70 21.90 34.65
CA SER A 509 -1.78 21.98 35.78
C SER A 509 -1.54 20.61 36.32
N SER A 510 -2.61 19.86 36.58
CA SER A 510 -2.55 18.51 37.12
C SER A 510 -1.76 17.55 36.23
N VAL A 511 -1.97 17.59 34.90
CA VAL A 511 -1.27 16.66 34.02
C VAL A 511 0.21 17.07 33.88
N PHE A 512 0.50 18.40 33.88
CA PHE A 512 1.89 18.83 33.83
C PHE A 512 2.61 18.55 35.15
N ASP A 513 1.90 18.60 36.28
CA ASP A 513 2.46 18.29 37.59
C ASP A 513 2.90 16.83 37.61
N GLU A 514 2.04 15.93 37.13
CA GLU A 514 2.33 14.50 37.10
C GLU A 514 3.46 14.16 36.12
N TYR A 515 3.48 14.81 34.96
CA TYR A 515 4.50 14.64 33.94
C TYR A 515 5.88 15.06 34.50
N ARG A 516 5.92 16.20 35.23
CA ARG A 516 7.17 16.67 35.82
C ARG A 516 7.61 15.81 36.98
N LYS A 517 6.68 15.35 37.81
CA LYS A 517 6.99 14.49 38.94
C LYS A 517 7.57 13.16 38.45
N LEU A 518 7.00 12.59 37.38
CA LEU A 518 7.48 11.33 36.81
C LEU A 518 8.88 11.52 36.23
N TYR A 519 9.11 12.62 35.51
CA TYR A 519 10.39 12.95 34.92
C TYR A 519 11.47 13.05 36.03
N ASN A 520 11.16 13.79 37.10
CA ASN A 520 12.08 13.99 38.22
C ASN A 520 12.40 12.69 38.94
N GLU A 521 11.41 11.81 39.07
CA GLU A 521 11.63 10.52 39.73
C GLU A 521 12.41 9.55 38.80
N LEU A 522 12.28 9.68 37.48
CA LEU A 522 12.98 8.80 36.53
C LEU A 522 14.42 9.22 36.24
N ARG A 523 14.70 10.54 36.24
CA ARG A 523 16.03 11.09 35.96
C ARG A 523 17.18 10.40 36.74
N PRO A 524 17.06 10.15 38.06
CA PRO A 524 18.16 9.48 38.79
C PRO A 524 18.56 8.09 38.28
N TYR A 525 17.64 7.37 37.61
CA TYR A 525 17.95 6.04 37.08
C TYR A 525 18.90 6.09 35.88
N ASP A 526 19.06 7.25 35.22
CA ASP A 526 19.95 7.34 34.05
C ASP A 526 21.43 7.16 34.42
N ASP A 527 21.84 7.76 35.55
CA ASP A 527 23.24 7.78 36.02
C ASP A 527 23.84 6.39 36.28
N PRO A 528 23.19 5.48 37.06
CA PRO A 528 23.80 4.14 37.23
C PRO A 528 23.95 3.40 35.90
N ILE A 529 23.01 3.59 34.94
CA ILE A 529 23.11 2.95 33.63
C ILE A 529 24.30 3.53 32.88
N LEU A 530 24.42 4.86 32.86
CA LEU A 530 25.55 5.53 32.23
C LEU A 530 26.90 5.04 32.80
N ARG A 531 27.05 5.03 34.14
CA ARG A 531 28.29 4.58 34.78
C ARG A 531 28.57 3.11 34.46
N ALA A 532 27.52 2.26 34.47
CA ALA A 532 27.71 0.84 34.14
C ALA A 532 28.08 0.64 32.66
N GLN A 533 27.58 1.51 31.77
CA GLN A 533 27.90 1.46 30.34
C GLN A 533 29.34 1.83 30.07
N ARG A 534 29.94 2.69 30.90
CA ARG A 534 31.36 3.02 30.76
C ARG A 534 32.19 1.73 30.98
N THR A 535 31.85 0.92 32.00
CA THR A 535 32.52 -0.34 32.28
C THR A 535 32.19 -1.40 31.21
N TYR A 536 30.90 -1.48 30.80
CA TYR A 536 30.44 -2.42 29.77
C TYR A 536 31.18 -2.22 28.42
N ILE A 537 31.16 -1.00 27.88
CA ILE A 537 31.81 -0.70 26.61
C ILE A 537 33.33 -0.81 26.72
N ALA A 538 33.91 -0.52 27.89
CA ALA A 538 35.36 -0.69 28.10
C ALA A 538 35.73 -2.18 27.94
N GLY A 539 34.91 -3.06 28.51
CA GLY A 539 35.10 -4.49 28.40
C GLY A 539 34.95 -4.96 26.97
N LEU A 540 33.88 -4.51 26.28
CA LEU A 540 33.64 -4.88 24.88
C LEU A 540 34.81 -4.48 24.00
N LEU A 541 35.37 -3.29 24.20
CA LEU A 541 36.52 -2.78 23.45
C LEU A 541 37.80 -3.55 23.77
N GLU A 542 38.03 -3.85 25.06
CA GLU A 542 39.20 -4.60 25.50
C GLU A 542 39.15 -6.05 24.96
N MET A 543 37.95 -6.63 24.86
CA MET A 543 37.76 -7.98 24.37
C MET A 543 37.82 -8.08 22.84
N ASP A 544 36.99 -7.33 22.10
CA ASP A 544 36.91 -7.48 20.65
C ASP A 544 37.56 -6.36 19.83
N GLY A 545 38.14 -5.38 20.49
CA GLY A 545 38.82 -4.29 19.81
C GLY A 545 37.94 -3.19 19.27
N ASP A 546 38.52 -1.97 19.20
CA ASP A 546 37.88 -0.79 18.63
C ASP A 546 38.14 -0.88 17.12
N GLN A 547 37.72 -2.02 16.53
CA GLN A 547 37.96 -2.25 15.12
C GLN A 547 36.66 -2.53 14.45
N ASP A 548 35.84 -3.46 14.99
CA ASP A 548 34.55 -3.75 14.35
C ASP A 548 33.33 -3.36 15.25
N GLN A 549 33.57 -2.51 16.30
CA GLN A 549 32.59 -1.95 17.25
C GLN A 549 32.75 -0.42 17.21
N PHE A 550 31.82 0.26 16.53
CA PHE A 550 31.89 1.72 16.35
C PHE A 550 31.36 2.45 17.57
N PRO A 551 31.81 3.69 17.82
CA PRO A 551 31.27 4.44 18.97
C PRO A 551 29.89 4.98 18.65
N ASP A 552 28.97 4.98 19.61
CA ASP A 552 27.62 5.52 19.36
C ASP A 552 27.67 6.95 18.73
N ALA A 553 26.77 7.25 17.83
CA ALA A 553 26.69 8.57 17.21
C ALA A 553 26.42 9.63 18.32
N ASN A 554 27.02 10.83 18.18
CA ASN A 554 26.84 11.89 19.19
C ASN A 554 26.95 13.28 18.55
N LEU A 555 26.43 13.42 17.32
CA LEU A 555 26.47 14.63 16.50
C LEU A 555 27.90 15.08 16.16
N THR A 556 28.80 14.10 15.98
CA THR A 556 30.15 14.38 15.55
C THR A 556 30.40 13.76 14.19
N LEU A 557 31.41 14.30 13.49
CA LEU A 557 31.80 13.85 12.15
C LEU A 557 32.19 12.38 12.11
N ARG A 558 31.51 11.61 11.25
CA ARG A 558 31.78 10.20 11.06
C ARG A 558 31.78 9.86 9.58
N PHE A 559 32.42 8.72 9.25
CA PHE A 559 32.38 8.20 7.90
C PHE A 559 31.79 6.81 7.94
N THR A 560 31.16 6.44 6.85
CA THR A 560 30.56 5.13 6.68
C THR A 560 30.77 4.73 5.23
N TYR A 561 30.95 3.44 4.97
CA TYR A 561 31.17 2.95 3.62
C TYR A 561 30.31 1.71 3.38
N GLY A 562 30.00 1.48 2.12
CA GLY A 562 29.19 0.34 1.71
C GLY A 562 29.12 0.27 0.20
N GLN A 563 28.03 -0.28 -0.33
CA GLN A 563 27.84 -0.38 -1.77
C GLN A 563 26.47 0.06 -2.21
N VAL A 564 26.35 0.45 -3.49
CA VAL A 564 25.07 0.78 -4.10
C VAL A 564 24.36 -0.57 -4.32
N LYS A 565 23.30 -0.84 -3.56
CA LYS A 565 22.66 -2.15 -3.59
C LYS A 565 21.20 -2.06 -3.15
N GLY A 566 20.31 -2.73 -3.86
CA GLY A 566 18.92 -2.83 -3.44
C GLY A 566 18.75 -3.92 -2.38
N TYR A 567 17.53 -4.42 -2.21
CA TYR A 567 17.22 -5.45 -1.22
C TYR A 567 15.84 -6.03 -1.46
N SER A 568 15.56 -7.17 -0.85
CA SER A 568 14.24 -7.81 -0.90
C SER A 568 13.44 -7.46 0.37
N PRO A 569 12.41 -6.63 0.27
CA PRO A 569 11.64 -6.25 1.48
C PRO A 569 10.75 -7.38 2.04
N ARG A 570 10.29 -8.28 1.18
CA ARG A 570 9.40 -9.37 1.56
C ARG A 570 9.43 -10.46 0.47
N ASP A 571 8.80 -11.61 0.72
CA ASP A 571 8.76 -12.73 -0.20
C ASP A 571 8.38 -12.33 -1.63
N ASN A 572 9.22 -12.66 -2.59
CA ASN A 572 8.99 -12.46 -4.02
C ASN A 572 9.04 -11.00 -4.50
N VAL A 573 9.56 -10.09 -3.69
CA VAL A 573 9.63 -8.68 -4.05
C VAL A 573 11.07 -8.20 -3.97
N TYR A 574 11.56 -7.52 -5.01
CA TYR A 574 12.90 -6.97 -4.99
C TYR A 574 12.84 -5.51 -5.35
N TYR A 575 13.54 -4.66 -4.58
CA TYR A 575 13.67 -3.24 -4.85
C TYR A 575 15.10 -3.07 -5.33
N GLY A 576 15.28 -2.59 -6.54
CA GLY A 576 16.62 -2.36 -7.08
C GLY A 576 17.36 -1.20 -6.42
N HIS A 577 18.58 -0.97 -6.87
CA HIS A 577 19.44 0.04 -6.30
C HIS A 577 19.18 1.44 -6.83
N GLN A 578 18.41 1.61 -7.92
CA GLN A 578 18.28 2.95 -8.55
C GLN A 578 16.89 3.27 -9.07
N THR A 579 16.39 4.49 -8.78
CA THR A 579 15.11 4.93 -9.35
C THR A 579 15.41 5.90 -10.51
N THR A 580 14.45 6.06 -11.41
CA THR A 580 14.57 6.90 -12.58
C THR A 580 13.41 7.93 -12.66
N LEU A 581 13.53 8.90 -13.60
CA LEU A 581 12.53 9.94 -13.86
C LEU A 581 11.18 9.36 -14.28
N ASP A 582 11.20 8.17 -14.88
CA ASP A 582 10.05 7.37 -15.27
C ASP A 582 9.19 7.08 -14.01
N GLY A 583 9.84 6.81 -12.88
CA GLY A 583 9.16 6.53 -11.62
C GLY A 583 8.44 7.73 -11.06
N VAL A 584 8.97 8.94 -11.33
CA VAL A 584 8.32 10.19 -10.94
C VAL A 584 7.02 10.32 -11.75
N MET A 585 7.09 10.04 -13.05
CA MET A 585 5.95 10.14 -13.96
C MET A 585 4.86 9.12 -13.66
N GLU A 586 5.23 7.91 -13.23
CA GLU A 586 4.26 6.90 -12.82
C GLU A 586 3.46 7.33 -11.60
N LYS A 587 4.10 8.09 -10.70
CA LYS A 587 3.51 8.58 -9.46
C LYS A 587 2.72 9.88 -9.62
N GLU A 588 2.80 10.55 -10.78
CA GLU A 588 2.08 11.81 -10.98
C GLU A 588 0.58 11.72 -10.73
N ASP A 589 0.05 12.64 -9.90
CA ASP A 589 -1.36 12.76 -9.60
C ASP A 589 -1.62 14.25 -9.44
N PRO A 590 -2.15 14.92 -10.48
CA PRO A 590 -2.35 16.37 -10.39
C PRO A 590 -3.29 16.85 -9.30
N ASP A 591 -4.26 16.02 -8.88
CA ASP A 591 -5.21 16.42 -7.84
C ASP A 591 -4.79 15.97 -6.43
N ASN A 592 -3.49 15.70 -6.23
CA ASN A 592 -2.87 15.32 -4.97
C ASN A 592 -1.59 16.15 -4.90
N TRP A 593 -1.59 17.21 -4.06
CA TRP A 593 -0.48 18.15 -3.91
C TRP A 593 0.89 17.50 -3.68
N GLU A 594 0.90 16.32 -3.06
CA GLU A 594 2.13 15.60 -2.77
C GLU A 594 2.77 15.04 -4.05
N PHE A 595 1.96 14.66 -5.04
CA PHE A 595 2.49 14.01 -6.23
C PHE A 595 2.31 14.81 -7.51
N VAL A 596 2.31 16.15 -7.41
CA VAL A 596 2.24 16.99 -8.61
C VAL A 596 3.63 17.02 -9.25
N VAL A 597 3.69 17.04 -10.58
CA VAL A 597 4.97 17.06 -11.28
C VAL A 597 5.18 18.43 -11.93
N ASP A 598 6.34 19.04 -11.68
CA ASP A 598 6.73 20.32 -12.22
C ASP A 598 6.65 20.28 -13.75
N PRO A 599 5.89 21.20 -14.36
CA PRO A 599 5.73 21.19 -15.82
C PRO A 599 7.04 21.22 -16.61
N LYS A 600 8.03 21.99 -16.17
CA LYS A 600 9.32 22.05 -16.88
C LYS A 600 10.01 20.66 -16.82
N LEU A 601 9.91 19.98 -15.66
CA LEU A 601 10.47 18.65 -15.46
C LEU A 601 9.75 17.60 -16.33
N LYS A 602 8.41 17.68 -16.38
CA LYS A 602 7.63 16.76 -17.21
C LYS A 602 8.02 16.88 -18.71
N ALA A 603 8.26 18.12 -19.15
CA ALA A 603 8.68 18.41 -20.53
C ALA A 603 10.09 17.86 -20.80
N VAL A 604 11.01 17.97 -19.83
CA VAL A 604 12.38 17.42 -19.92
C VAL A 604 12.29 15.92 -20.15
N TYR A 605 11.44 15.24 -19.38
CA TYR A 605 11.21 13.81 -19.50
C TYR A 605 10.64 13.47 -20.88
N GLU A 606 9.64 14.22 -21.36
CA GLU A 606 9.01 13.97 -22.65
C GLU A 606 9.99 14.14 -23.81
N ARG A 607 10.78 15.22 -23.79
CA ARG A 607 11.79 15.50 -24.82
C ARG A 607 13.08 14.70 -24.65
N LYS A 608 13.24 13.97 -23.51
CA LYS A 608 14.45 13.23 -23.15
C LYS A 608 15.67 14.17 -23.17
N ASP A 609 15.47 15.42 -22.71
CA ASP A 609 16.51 16.45 -22.70
C ASP A 609 17.38 16.22 -21.47
N PHE A 610 18.05 15.07 -21.43
CA PHE A 610 18.86 14.62 -20.30
C PHE A 610 20.34 14.96 -20.39
N GLY A 611 20.82 15.32 -21.59
CA GLY A 611 22.21 15.68 -21.82
C GLY A 611 23.20 14.64 -21.32
N ARG A 612 24.23 15.09 -20.62
CA ARG A 612 25.26 14.20 -20.08
C ARG A 612 24.87 13.56 -18.72
N TYR A 613 23.66 13.86 -18.20
CA TYR A 613 23.17 13.40 -16.92
C TYR A 613 22.46 12.05 -16.96
N ALA A 614 22.06 11.58 -18.15
CA ALA A 614 21.36 10.29 -18.26
C ALA A 614 22.35 9.14 -18.10
N ASP A 615 21.85 7.94 -17.75
CA ASP A 615 22.73 6.77 -17.65
C ASP A 615 23.06 6.22 -19.06
N ARG A 616 23.93 5.20 -19.13
CA ARG A 616 24.37 4.58 -20.37
C ARG A 616 23.21 4.16 -21.30
N SER A 617 22.08 3.71 -20.70
CA SER A 617 20.92 3.29 -21.48
C SER A 617 19.95 4.41 -21.88
N GLY A 618 20.28 5.64 -21.55
CA GLY A 618 19.43 6.79 -21.86
C GLY A 618 18.33 7.05 -20.84
N ARG A 619 18.34 6.33 -19.71
CA ARG A 619 17.35 6.52 -18.66
C ARG A 619 17.84 7.64 -17.74
N MET A 620 16.93 8.48 -17.21
CA MET A 620 17.36 9.57 -16.34
C MET A 620 17.31 9.13 -14.88
N PRO A 621 18.46 8.98 -14.19
CA PRO A 621 18.43 8.54 -12.79
C PRO A 621 17.88 9.62 -11.86
N VAL A 622 17.30 9.21 -10.73
CA VAL A 622 16.75 10.14 -9.76
C VAL A 622 17.41 9.91 -8.41
N ALA A 623 17.35 8.68 -7.91
CA ALA A 623 17.87 8.36 -6.59
C ALA A 623 18.48 6.98 -6.57
N PHE A 624 19.34 6.71 -5.61
CA PHE A 624 19.90 5.39 -5.41
C PHE A 624 19.94 5.08 -3.93
N CYS A 625 20.16 3.83 -3.59
CA CYS A 625 20.27 3.43 -2.19
C CYS A 625 21.56 2.64 -1.99
N ALA A 626 22.08 2.69 -0.77
CA ALA A 626 23.38 2.09 -0.46
C ALA A 626 23.39 1.45 0.92
N THR A 627 24.32 0.51 1.14
CA THR A 627 24.45 -0.20 2.41
C THR A 627 25.28 0.59 3.46
N THR A 628 25.43 1.90 3.26
CA THR A 628 26.07 2.78 4.24
C THR A 628 25.16 2.82 5.50
N HIS A 629 25.79 3.11 6.62
CA HIS A 629 25.11 3.12 7.90
C HIS A 629 24.88 4.57 8.34
N THR A 630 23.65 5.05 8.19
CA THR A 630 23.31 6.42 8.52
C THR A 630 22.13 6.48 9.50
N THR A 631 21.92 7.67 10.08
CA THR A 631 20.82 7.97 10.99
C THR A 631 20.49 9.48 10.91
N GLY A 632 19.48 9.96 11.66
CA GLY A 632 19.18 11.40 11.77
C GLY A 632 20.43 12.21 12.08
N GLY A 633 20.63 13.27 11.33
CA GLY A 633 21.85 14.06 11.37
C GLY A 633 22.61 13.90 10.05
N ASN A 634 22.40 12.75 9.35
CA ASN A 634 23.04 12.47 8.07
C ASN A 634 22.31 13.07 6.85
N SER A 635 21.16 13.72 7.06
CA SER A 635 20.45 14.41 5.96
C SER A 635 21.38 15.46 5.35
N GLY A 636 21.55 15.37 4.04
CA GLY A 636 22.37 16.27 3.24
C GLY A 636 23.79 15.83 3.05
N SER A 637 24.21 14.69 3.65
CA SER A 637 25.60 14.22 3.61
C SER A 637 26.08 13.95 2.22
N PRO A 638 27.35 14.29 1.94
CA PRO A 638 27.91 13.96 0.62
C PRO A 638 28.11 12.45 0.48
N VAL A 639 27.72 11.91 -0.67
CA VAL A 639 27.94 10.51 -0.99
C VAL A 639 29.06 10.51 -2.03
N MET A 640 30.13 9.79 -1.74
CA MET A 640 31.28 9.71 -2.60
C MET A 640 31.45 8.36 -3.25
N ASN A 641 32.02 8.42 -4.45
CA ASN A 641 32.60 7.41 -5.34
C ASN A 641 33.82 6.77 -4.65
N ALA A 642 34.38 5.71 -5.28
CA ALA A 642 35.66 5.12 -4.93
C ALA A 642 36.80 6.17 -5.06
N ASN A 643 36.64 7.18 -5.93
CA ASN A 643 37.60 8.27 -6.09
C ASN A 643 37.31 9.52 -5.24
N GLY A 644 36.29 9.48 -4.39
CA GLY A 644 35.95 10.63 -3.57
C GLY A 644 35.15 11.71 -4.27
N GLU A 645 34.68 11.44 -5.49
CA GLU A 645 33.86 12.40 -6.22
C GLU A 645 32.44 12.31 -5.74
N LEU A 646 31.73 13.43 -5.72
CA LEU A 646 30.34 13.48 -5.28
C LEU A 646 29.44 12.78 -6.28
N ILE A 647 28.73 11.74 -5.83
CA ILE A 647 27.74 10.99 -6.64
C ILE A 647 26.28 11.18 -6.17
N GLY A 648 26.09 11.79 -5.00
CA GLY A 648 24.77 12.04 -4.48
C GLY A 648 24.76 12.68 -3.10
N LEU A 649 23.56 12.93 -2.58
CA LEU A 649 23.36 13.47 -1.23
C LEU A 649 22.44 12.53 -0.51
N ASN A 650 22.81 12.11 0.69
CA ASN A 650 21.91 11.31 1.51
C ASN A 650 20.71 12.19 1.95
N PHE A 651 19.48 11.64 1.95
CA PHE A 651 18.31 12.44 2.38
C PHE A 651 17.33 11.67 3.24
N ASP A 652 17.38 10.32 3.25
CA ASP A 652 16.48 9.52 4.07
C ASP A 652 17.05 8.11 4.30
N ARG A 653 16.30 7.25 4.98
CA ARG A 653 16.62 5.84 5.17
C ARG A 653 15.28 5.07 5.19
N ASN A 654 15.26 3.84 4.69
CA ASN A 654 14.03 3.08 4.61
C ASN A 654 13.56 2.63 6.01
N TRP A 655 12.23 2.53 6.20
CA TRP A 655 11.66 2.14 7.49
C TRP A 655 12.18 0.81 8.00
N GLU A 656 12.49 -0.11 7.09
CA GLU A 656 13.01 -1.42 7.46
C GLU A 656 14.33 -1.34 8.15
N GLY A 657 15.10 -0.26 7.95
CA GLY A 657 16.38 -0.10 8.58
C GLY A 657 16.40 0.83 9.76
N VAL A 658 15.21 1.31 10.26
CA VAL A 658 15.25 2.22 11.41
C VAL A 658 15.76 1.51 12.70
N GLY A 659 15.60 0.18 12.79
CA GLY A 659 16.18 -0.58 13.90
C GLY A 659 17.71 -0.60 13.88
N GLY A 660 18.31 -0.12 12.78
CA GLY A 660 19.75 0.01 12.56
C GLY A 660 20.46 0.93 13.54
N ASP A 661 19.70 1.78 14.29
CA ASP A 661 20.32 2.57 15.36
C ASP A 661 20.75 1.66 16.54
N ILE A 662 20.21 0.44 16.63
CA ILE A 662 20.55 -0.50 17.66
C ILE A 662 21.39 -1.63 17.03
N GLN A 663 20.99 -2.13 15.87
CA GLN A 663 21.68 -3.22 15.19
C GLN A 663 21.55 -2.98 13.69
N TYR A 664 22.68 -2.75 13.00
CA TYR A 664 22.67 -2.56 11.55
C TYR A 664 22.06 -3.82 10.87
N LEU A 665 21.25 -3.62 9.84
CA LEU A 665 20.56 -4.74 9.18
C LEU A 665 21.01 -4.84 7.75
N ALA A 666 22.06 -5.63 7.51
CA ALA A 666 22.69 -5.72 6.19
C ALA A 666 21.74 -6.03 5.06
N ASP A 667 20.72 -6.88 5.28
CA ASP A 667 19.80 -7.25 4.22
C ASP A 667 18.60 -6.33 4.04
N TYR A 668 18.43 -5.28 4.88
CA TYR A 668 17.27 -4.41 4.78
C TYR A 668 17.59 -2.93 4.84
N GLN A 669 18.55 -2.54 5.67
CA GLN A 669 18.91 -1.15 5.90
C GLN A 669 19.63 -0.48 4.75
N ARG A 670 19.08 0.63 4.26
CA ARG A 670 19.68 1.36 3.18
C ARG A 670 19.58 2.88 3.40
N SER A 671 20.62 3.62 2.97
CA SER A 671 20.59 5.07 2.94
C SER A 671 19.92 5.42 1.62
N ILE A 672 18.99 6.38 1.63
CA ILE A 672 18.23 6.81 0.43
C ILE A 672 18.91 8.09 -0.01
N ILE A 673 19.44 8.08 -1.24
CA ILE A 673 20.31 9.14 -1.74
C ILE A 673 19.81 9.77 -3.03
N VAL A 674 19.84 11.10 -3.16
CA VAL A 674 19.44 11.74 -4.42
C VAL A 674 20.66 11.72 -5.34
N ASP A 675 20.51 11.20 -6.54
CA ASP A 675 21.60 11.08 -7.51
C ASP A 675 22.08 12.49 -7.88
N ILE A 676 23.40 12.73 -7.90
CA ILE A 676 23.92 14.07 -8.25
C ILE A 676 23.63 14.44 -9.71
N ARG A 677 23.43 13.44 -10.58
CA ARG A 677 23.07 13.68 -11.98
C ARG A 677 21.68 14.30 -12.07
N TYR A 678 20.74 13.88 -11.18
CA TYR A 678 19.40 14.45 -11.11
C TYR A 678 19.46 15.88 -10.51
N VAL A 679 20.35 16.13 -9.51
CA VAL A 679 20.55 17.47 -8.93
C VAL A 679 20.98 18.43 -10.03
N LEU A 680 21.99 18.05 -10.83
CA LEU A 680 22.51 18.86 -11.93
C LEU A 680 21.49 19.01 -13.06
N LEU A 681 20.67 17.97 -13.32
CA LEU A 681 19.60 18.05 -14.32
C LEU A 681 18.61 19.12 -13.90
N VAL A 682 18.24 19.16 -12.60
CA VAL A 682 17.26 20.12 -12.11
C VAL A 682 17.82 21.54 -12.11
N ILE A 683 19.07 21.74 -11.65
CA ILE A 683 19.73 23.07 -11.68
C ILE A 683 19.77 23.58 -13.14
N ASP A 684 20.15 22.70 -14.06
CA ASP A 684 20.30 22.99 -15.49
C ASP A 684 18.98 23.19 -16.25
N LYS A 685 18.14 22.16 -16.34
CA LYS A 685 16.92 22.19 -17.15
C LYS A 685 15.70 22.76 -16.45
N VAL A 686 15.66 22.80 -15.13
CA VAL A 686 14.50 23.36 -14.43
C VAL A 686 14.79 24.76 -13.90
N GLY A 687 15.97 24.94 -13.33
CA GLY A 687 16.36 26.24 -12.80
C GLY A 687 17.00 27.16 -13.83
N GLY A 688 17.64 26.57 -14.83
CA GLY A 688 18.37 27.30 -15.87
C GLY A 688 19.53 28.09 -15.28
N CYS A 689 20.08 27.62 -14.16
CA CYS A 689 21.13 28.32 -13.44
C CYS A 689 22.51 27.83 -13.81
N GLN A 690 22.93 28.12 -15.04
CA GLN A 690 24.20 27.73 -15.64
C GLN A 690 25.44 28.14 -14.84
N ARG A 691 25.42 29.32 -14.20
CA ARG A 691 26.56 29.79 -13.43
C ARG A 691 26.93 28.82 -12.28
N LEU A 692 25.95 28.08 -11.74
CA LEU A 692 26.22 27.12 -10.68
C LEU A 692 26.93 25.88 -11.21
N LEU A 693 26.58 25.46 -12.44
CA LEU A 693 27.23 24.34 -13.10
C LEU A 693 28.67 24.73 -13.46
N ASP A 694 28.86 25.95 -14.01
CA ASP A 694 30.18 26.46 -14.40
C ASP A 694 31.16 26.60 -13.22
N GLU A 695 30.68 26.94 -12.01
CA GLU A 695 31.59 27.08 -10.87
C GLU A 695 31.96 25.74 -10.20
N MET A 696 31.19 24.67 -10.48
CA MET A 696 31.49 23.33 -9.98
C MET A 696 32.53 22.65 -10.86
N ASN A 697 33.40 21.81 -10.28
CA ASN A 697 34.37 21.08 -11.08
C ASN A 697 33.74 19.73 -11.45
N ILE A 698 33.17 19.66 -12.64
CA ILE A 698 32.48 18.46 -13.11
C ILE A 698 33.43 17.54 -13.89
N VAL A 699 33.61 16.31 -13.40
CA VAL A 699 34.52 15.37 -14.04
C VAL A 699 33.74 14.40 -14.95
N PRO A 700 34.29 14.10 -16.15
CA PRO A 700 33.62 13.18 -17.09
C PRO A 700 33.23 11.80 -16.54
N GLU B 3 -0.32 -14.22 -25.87
CA GLU B 3 -1.28 -13.20 -26.31
C GLU B 3 -2.68 -13.71 -26.67
N GLY B 4 -2.94 -15.01 -26.79
CA GLY B 4 -4.27 -15.46 -27.20
C GLY B 4 -4.97 -16.57 -26.46
N MET B 5 -6.29 -16.69 -26.68
CA MET B 5 -7.14 -17.75 -26.12
C MET B 5 -7.63 -18.49 -27.34
N TRP B 6 -6.86 -19.50 -27.73
CA TRP B 6 -7.01 -20.19 -28.98
C TRP B 6 -8.00 -21.32 -28.99
N LEU B 7 -8.71 -21.44 -30.13
CA LEU B 7 -9.60 -22.58 -30.36
C LEU B 7 -8.78 -23.87 -30.41
N MET B 8 -9.37 -25.02 -30.04
CA MET B 8 -8.64 -26.29 -30.10
C MET B 8 -8.22 -26.60 -31.56
N GLN B 9 -9.03 -26.19 -32.56
CA GLN B 9 -8.79 -26.30 -34.01
C GLN B 9 -7.52 -25.54 -34.42
N GLN B 10 -7.16 -24.48 -33.67
CA GLN B 10 -5.97 -23.69 -33.99
C GLN B 10 -4.68 -24.30 -33.41
N LEU B 11 -4.75 -25.43 -32.66
CA LEU B 11 -3.55 -26.07 -32.13
C LEU B 11 -2.59 -26.47 -33.26
N GLY B 12 -3.10 -27.03 -34.37
CA GLY B 12 -2.28 -27.40 -35.53
C GLY B 12 -1.42 -26.25 -36.04
N ARG B 13 -2.05 -25.06 -36.14
CA ARG B 13 -1.39 -23.84 -36.59
C ARG B 13 -0.45 -23.19 -35.56
N LYS B 14 -0.64 -23.48 -34.27
CA LYS B 14 0.19 -22.91 -33.19
C LYS B 14 1.30 -23.85 -32.72
N TYR B 15 1.18 -25.15 -33.00
CA TYR B 15 2.06 -26.21 -32.56
C TYR B 15 3.54 -25.92 -32.77
N ALA B 16 3.95 -25.46 -33.97
CA ALA B 16 5.36 -25.15 -34.20
C ALA B 16 5.88 -24.01 -33.32
N GLN B 17 5.07 -22.98 -33.06
CA GLN B 17 5.45 -21.88 -32.18
C GLN B 17 5.55 -22.38 -30.73
N MET B 18 4.62 -23.25 -30.32
CA MET B 18 4.61 -23.81 -28.97
C MET B 18 5.83 -24.70 -28.76
N LYS B 19 6.20 -25.48 -29.78
CA LYS B 19 7.35 -26.37 -29.73
C LYS B 19 8.64 -25.53 -29.59
N GLU B 20 8.75 -24.43 -30.37
CA GLU B 20 9.90 -23.53 -30.25
C GLU B 20 9.96 -22.87 -28.85
N ARG B 21 8.78 -22.65 -28.23
CA ARG B 21 8.71 -22.07 -26.89
C ARG B 21 8.94 -23.10 -25.75
N GLY B 22 9.12 -24.39 -26.09
CA GLY B 22 9.41 -25.40 -25.09
C GLY B 22 8.48 -26.60 -25.00
N LEU B 23 7.33 -26.57 -25.69
CA LEU B 23 6.39 -27.71 -25.64
C LEU B 23 7.05 -29.01 -26.11
N LYS B 24 6.97 -30.08 -25.30
CA LYS B 24 7.59 -31.36 -25.65
C LYS B 24 6.58 -32.43 -26.06
N MET B 25 5.30 -32.28 -25.67
CA MET B 25 4.35 -33.33 -25.97
C MET B 25 3.89 -33.31 -27.46
N LYS B 26 3.48 -34.50 -27.97
CA LYS B 26 2.99 -34.58 -29.34
C LYS B 26 1.63 -33.83 -29.41
N GLU B 27 1.35 -33.22 -30.58
CA GLU B 27 0.15 -32.43 -30.82
C GLU B 27 -1.13 -33.15 -30.46
N TYR B 28 -1.31 -34.39 -30.95
CA TYR B 28 -2.51 -35.18 -30.71
C TYR B 28 -2.62 -35.74 -29.30
N ASP B 29 -1.54 -35.72 -28.50
CA ASP B 29 -1.64 -36.11 -27.09
C ASP B 29 -2.30 -34.96 -26.29
N LEU B 30 -2.20 -33.71 -26.78
CA LEU B 30 -2.78 -32.54 -26.15
C LEU B 30 -4.23 -32.36 -26.63
N TYR B 31 -4.41 -32.35 -27.95
CA TYR B 31 -5.73 -32.26 -28.55
C TYR B 31 -5.76 -33.13 -29.78
N ASN B 32 -6.66 -34.08 -29.78
CA ASN B 32 -6.86 -34.95 -30.91
C ASN B 32 -8.32 -34.84 -31.28
N PRO B 33 -8.63 -34.42 -32.51
CA PRO B 33 -10.06 -34.27 -32.89
C PRO B 33 -10.81 -35.59 -33.12
N ASN B 34 -10.10 -36.74 -33.25
CA ASN B 34 -10.75 -38.05 -33.45
C ASN B 34 -10.01 -39.12 -32.63
N GLY B 35 -9.85 -38.86 -31.34
CA GLY B 35 -9.19 -39.75 -30.41
C GLY B 35 -9.15 -39.16 -29.01
N THR B 36 -8.54 -39.87 -28.04
CA THR B 36 -8.41 -39.43 -26.67
C THR B 36 -7.15 -38.56 -26.54
N SER B 37 -7.30 -37.44 -25.84
CA SER B 37 -6.21 -36.48 -25.62
C SER B 37 -6.38 -35.82 -24.24
N LEU B 38 -5.39 -35.02 -23.82
CA LEU B 38 -5.42 -34.31 -22.53
C LEU B 38 -6.64 -33.43 -22.38
N LYS B 39 -7.17 -32.89 -23.49
CA LYS B 39 -8.41 -32.10 -23.57
C LYS B 39 -9.56 -32.82 -22.83
N ASP B 40 -9.56 -34.16 -22.88
CA ASP B 40 -10.59 -35.00 -22.26
C ASP B 40 -10.54 -35.02 -20.74
N ALA B 41 -9.48 -34.47 -20.12
CA ALA B 41 -9.40 -34.38 -18.68
C ALA B 41 -9.83 -32.98 -18.17
N VAL B 42 -10.25 -32.05 -19.07
CA VAL B 42 -10.67 -30.69 -18.70
C VAL B 42 -12.19 -30.63 -18.63
N VAL B 43 -12.73 -29.96 -17.60
CA VAL B 43 -14.19 -29.82 -17.49
C VAL B 43 -14.60 -28.38 -17.21
N LEU B 44 -15.81 -28.04 -17.61
CA LEU B 44 -16.43 -26.80 -17.22
C LEU B 44 -17.09 -27.19 -15.89
N PHE B 45 -16.64 -26.61 -14.80
CA PHE B 45 -17.11 -26.89 -13.45
C PHE B 45 -18.22 -25.94 -13.07
N ASP B 46 -19.39 -26.47 -12.77
CA ASP B 46 -20.55 -25.71 -12.31
C ASP B 46 -20.89 -24.44 -13.12
N GLY B 47 -20.86 -24.57 -14.45
CA GLY B 47 -21.20 -23.49 -15.36
C GLY B 47 -20.33 -22.25 -15.51
N GLY B 48 -19.35 -22.01 -14.62
CA GLY B 48 -18.53 -20.81 -14.73
C GLY B 48 -17.09 -20.91 -14.25
N CYS B 49 -16.63 -22.12 -13.99
CA CYS B 49 -15.26 -22.36 -13.55
C CYS B 49 -14.72 -23.47 -14.44
N THR B 50 -13.43 -23.73 -14.34
CA THR B 50 -12.79 -24.84 -15.00
C THR B 50 -12.34 -25.80 -13.88
N GLY B 51 -12.27 -27.05 -14.23
CA GLY B 51 -11.76 -28.09 -13.35
C GLY B 51 -10.96 -29.09 -14.16
N GLU B 52 -10.36 -30.06 -13.47
CA GLU B 52 -9.58 -31.07 -14.16
C GLU B 52 -9.62 -32.38 -13.44
N VAL B 53 -9.69 -33.46 -14.20
CA VAL B 53 -9.70 -34.81 -13.66
C VAL B 53 -8.27 -35.22 -13.37
N VAL B 54 -7.99 -35.66 -12.14
CA VAL B 54 -6.63 -36.00 -11.69
C VAL B 54 -6.45 -37.44 -11.22
N SER B 55 -7.42 -38.33 -11.50
CA SER B 55 -7.28 -39.75 -11.14
C SER B 55 -8.18 -40.63 -11.99
N ASP B 56 -7.87 -41.94 -12.08
CA ASP B 56 -8.71 -42.91 -12.81
C ASP B 56 -10.02 -43.23 -12.08
N ARG B 57 -10.29 -42.56 -10.93
CA ARG B 57 -11.53 -42.71 -10.19
C ARG B 57 -12.32 -41.37 -10.17
N GLY B 58 -12.12 -40.53 -11.17
CA GLY B 58 -12.88 -39.29 -11.35
C GLY B 58 -12.68 -38.17 -10.36
N LEU B 59 -11.53 -38.14 -9.67
CA LEU B 59 -11.22 -37.06 -8.73
C LEU B 59 -11.01 -35.78 -9.57
N VAL B 60 -11.54 -34.64 -9.10
CA VAL B 60 -11.50 -33.37 -9.80
C VAL B 60 -10.91 -32.28 -8.91
N LEU B 61 -10.00 -31.49 -9.48
CA LEU B 61 -9.47 -30.33 -8.76
C LEU B 61 -10.02 -29.08 -9.44
N THR B 62 -10.37 -28.11 -8.63
CA THR B 62 -10.80 -26.76 -9.05
C THR B 62 -10.39 -25.81 -7.92
N ASN B 63 -10.76 -24.52 -8.00
CA ASN B 63 -10.44 -23.57 -6.96
C ASN B 63 -11.32 -23.74 -5.75
N HIS B 64 -10.88 -23.18 -4.63
CA HIS B 64 -11.66 -23.14 -3.39
C HIS B 64 -12.80 -22.16 -3.63
N HIS B 65 -12.56 -21.01 -4.31
CA HIS B 65 -13.64 -20.07 -4.59
C HIS B 65 -14.66 -20.63 -5.59
N CYS B 66 -14.30 -21.70 -6.34
CA CYS B 66 -15.23 -22.35 -7.28
C CYS B 66 -16.12 -23.38 -6.56
N GLY B 67 -15.56 -24.03 -5.55
CA GLY B 67 -16.30 -25.00 -4.75
C GLY B 67 -16.88 -24.42 -3.47
N TYR B 68 -16.68 -23.10 -3.24
CA TYR B 68 -17.12 -22.35 -2.07
C TYR B 68 -18.60 -22.58 -1.71
N ASP B 69 -19.53 -22.41 -2.66
CA ASP B 69 -20.97 -22.61 -2.39
C ASP B 69 -21.28 -24.01 -1.89
N MET B 70 -20.61 -25.04 -2.44
CA MET B 70 -20.84 -26.43 -2.03
C MET B 70 -20.27 -26.67 -0.63
N ILE B 71 -19.10 -26.08 -0.32
CA ILE B 71 -18.50 -26.21 1.01
C ILE B 71 -19.39 -25.54 2.07
N GLN B 72 -19.97 -24.36 1.72
CA GLN B 72 -20.85 -23.60 2.57
C GLN B 72 -22.21 -24.30 2.78
N ALA B 73 -22.78 -24.91 1.73
CA ALA B 73 -24.05 -25.63 1.82
C ALA B 73 -23.97 -26.88 2.73
N HIS B 74 -22.79 -27.50 2.83
CA HIS B 74 -22.59 -28.63 3.74
C HIS B 74 -22.07 -28.20 5.12
N SER B 75 -21.82 -26.90 5.34
CA SER B 75 -21.31 -26.40 6.61
C SER B 75 -22.48 -26.12 7.57
N THR B 76 -22.28 -26.48 8.84
CA THR B 76 -23.22 -26.27 9.96
C THR B 76 -22.43 -25.71 11.17
N LEU B 77 -23.11 -25.37 12.29
CA LEU B 77 -22.42 -24.92 13.51
C LEU B 77 -21.57 -26.09 14.04
N GLU B 78 -22.11 -27.30 14.02
CA GLU B 78 -21.41 -28.51 14.49
C GLU B 78 -20.20 -28.88 13.58
N HIS B 79 -20.38 -28.86 12.25
CA HIS B 79 -19.27 -29.15 11.34
C HIS B 79 -19.09 -28.00 10.34
N ASN B 80 -18.28 -27.00 10.73
CA ASN B 80 -18.06 -25.84 9.86
C ASN B 80 -16.92 -26.10 8.87
N TYR B 81 -17.23 -26.74 7.73
CA TYR B 81 -16.26 -27.07 6.69
C TYR B 81 -15.65 -25.82 6.06
N LEU B 82 -16.40 -24.73 5.98
CA LEU B 82 -15.89 -23.48 5.44
C LEU B 82 -14.71 -22.95 6.24
N GLU B 83 -14.78 -22.99 7.61
CA GLU B 83 -13.67 -22.50 8.41
C GLU B 83 -12.62 -23.56 8.70
N ASN B 84 -13.03 -24.81 8.89
CA ASN B 84 -12.14 -25.90 9.28
C ASN B 84 -11.58 -26.77 8.18
N GLY B 85 -12.15 -26.68 7.00
CA GLY B 85 -11.81 -27.59 5.92
C GLY B 85 -12.64 -28.84 6.00
N PHE B 86 -12.54 -29.71 4.99
CA PHE B 86 -13.30 -30.95 4.93
C PHE B 86 -12.44 -31.99 4.23
N TRP B 87 -12.31 -33.18 4.81
CA TRP B 87 -11.52 -34.24 4.22
C TRP B 87 -12.22 -35.57 4.40
N ALA B 88 -12.97 -36.01 3.37
CA ALA B 88 -13.67 -37.29 3.42
C ALA B 88 -12.62 -38.40 3.46
N MET B 89 -12.60 -39.20 4.54
CA MET B 89 -11.59 -40.25 4.70
C MET B 89 -11.90 -41.56 3.95
N ARG B 90 -13.04 -41.60 3.27
CA ARG B 90 -13.46 -42.72 2.44
C ARG B 90 -14.44 -42.19 1.41
N GLU B 91 -14.51 -42.85 0.23
CA GLU B 91 -15.41 -42.45 -0.85
C GLU B 91 -16.86 -42.33 -0.44
N ALA B 92 -17.32 -43.21 0.46
CA ALA B 92 -18.69 -43.19 0.96
C ALA B 92 -19.02 -41.92 1.78
N ASP B 93 -17.99 -41.25 2.31
CA ASP B 93 -18.15 -40.01 3.09
C ASP B 93 -18.17 -38.73 2.24
N GLU B 94 -17.87 -38.81 0.94
CA GLU B 94 -17.90 -37.66 0.05
C GLU B 94 -19.35 -37.18 -0.08
N LEU B 95 -19.55 -35.87 0.03
CA LEU B 95 -20.87 -35.25 0.09
C LEU B 95 -21.47 -34.88 -1.24
N PRO B 96 -22.68 -35.39 -1.55
CA PRO B 96 -23.32 -35.00 -2.82
C PRO B 96 -23.71 -33.54 -2.81
N ASN B 97 -23.87 -32.95 -3.99
CA ASN B 97 -24.24 -31.55 -4.10
C ASN B 97 -25.40 -31.40 -5.05
N LYS B 98 -26.47 -30.71 -4.63
CA LYS B 98 -27.60 -30.46 -5.50
C LYS B 98 -27.25 -29.30 -6.43
N ASP B 99 -27.69 -29.36 -7.69
CA ASP B 99 -27.50 -28.32 -8.69
C ASP B 99 -26.06 -28.14 -9.15
N ILE B 100 -25.27 -29.21 -9.16
CA ILE B 100 -23.90 -29.17 -9.63
C ILE B 100 -23.78 -29.87 -10.98
N SER B 101 -22.81 -29.46 -11.77
CA SER B 101 -22.52 -30.14 -13.03
C SER B 101 -21.06 -30.02 -13.41
N VAL B 102 -20.58 -30.95 -14.19
CA VAL B 102 -19.27 -30.96 -14.81
C VAL B 102 -19.52 -31.28 -16.27
N VAL B 103 -18.97 -30.47 -17.18
CA VAL B 103 -19.18 -30.69 -18.60
C VAL B 103 -17.88 -31.05 -19.30
N PHE B 104 -17.88 -32.18 -20.02
CA PHE B 104 -16.72 -32.58 -20.81
C PHE B 104 -16.95 -32.15 -22.26
N ILE B 105 -15.90 -31.71 -22.94
CA ILE B 105 -16.03 -31.38 -24.37
C ILE B 105 -15.60 -32.60 -25.19
N ASP B 106 -16.54 -33.50 -25.43
CA ASP B 106 -16.31 -34.77 -26.13
C ASP B 106 -15.82 -34.61 -27.59
N LYS B 107 -16.47 -33.76 -28.37
CA LYS B 107 -16.08 -33.50 -29.75
C LYS B 107 -16.30 -32.02 -30.08
N ILE B 108 -15.50 -31.50 -30.98
CA ILE B 108 -15.63 -30.15 -31.48
C ILE B 108 -15.55 -30.25 -33.00
N GLU B 109 -16.46 -29.61 -33.73
CA GLU B 109 -16.46 -29.63 -35.19
C GLU B 109 -16.65 -28.24 -35.77
N ASP B 110 -15.96 -27.95 -36.86
CA ASP B 110 -16.17 -26.69 -37.56
C ASP B 110 -17.43 -26.88 -38.44
N VAL B 111 -18.48 -26.07 -38.19
CA VAL B 111 -19.72 -26.12 -38.96
C VAL B 111 -20.03 -24.80 -39.68
N THR B 112 -19.00 -24.01 -39.97
CA THR B 112 -19.13 -22.70 -40.62
C THR B 112 -19.91 -22.75 -41.93
N ASP B 113 -19.49 -23.62 -42.88
CA ASP B 113 -20.16 -23.73 -44.19
C ASP B 113 -21.64 -24.09 -44.04
N TYR B 114 -21.93 -25.04 -43.16
CA TYR B 114 -23.28 -25.50 -42.85
C TYR B 114 -24.14 -24.35 -42.29
N VAL B 115 -23.62 -23.61 -41.29
CA VAL B 115 -24.38 -22.51 -40.71
C VAL B 115 -24.58 -21.36 -41.74
N LYS B 116 -23.54 -21.02 -42.49
CA LYS B 116 -23.60 -19.97 -43.50
C LYS B 116 -24.53 -20.33 -44.64
N LYS B 117 -24.69 -21.64 -44.96
CA LYS B 117 -25.62 -22.05 -46.00
C LYS B 117 -27.02 -21.93 -45.44
N GLU B 118 -27.25 -22.39 -44.20
CA GLU B 118 -28.56 -22.31 -43.56
C GLU B 118 -29.03 -20.87 -43.45
N LEU B 119 -28.11 -19.95 -43.10
CA LEU B 119 -28.34 -18.52 -42.95
C LEU B 119 -28.77 -17.82 -44.24
N LYS B 120 -28.36 -18.35 -45.41
CA LYS B 120 -28.74 -17.83 -46.73
C LYS B 120 -30.26 -17.85 -46.96
N ALA B 121 -31.01 -18.68 -46.21
CA ALA B 121 -32.46 -18.72 -46.34
C ALA B 121 -33.18 -17.62 -45.53
N ILE B 122 -32.44 -16.78 -44.76
CA ILE B 122 -33.02 -15.74 -43.88
C ILE B 122 -33.89 -14.73 -44.64
N LYS B 123 -33.29 -13.92 -45.55
CA LYS B 123 -33.99 -12.88 -46.32
C LYS B 123 -33.69 -11.51 -45.75
N ASP B 124 -34.16 -11.20 -44.50
CA ASP B 124 -33.87 -9.92 -43.85
C ASP B 124 -32.38 -9.81 -43.61
N PRO B 125 -31.69 -8.87 -44.27
CA PRO B 125 -30.24 -8.76 -44.10
C PRO B 125 -29.79 -8.39 -42.68
N ASN B 126 -30.67 -7.74 -41.92
CA ASN B 126 -30.39 -7.31 -40.56
C ASN B 126 -30.82 -8.31 -39.48
N SER B 127 -31.20 -9.54 -39.88
CA SER B 127 -31.57 -10.57 -38.93
C SER B 127 -30.42 -10.90 -37.95
N MET B 128 -30.74 -11.09 -36.68
CA MET B 128 -29.75 -11.46 -35.66
C MET B 128 -29.75 -12.97 -35.36
N ASP B 129 -30.41 -13.77 -36.20
CA ASP B 129 -30.43 -15.22 -36.06
C ASP B 129 -29.05 -15.83 -36.07
N TYR B 130 -28.11 -15.23 -36.80
CA TYR B 130 -26.74 -15.70 -36.87
C TYR B 130 -26.05 -15.73 -35.50
N LEU B 131 -26.59 -15.02 -34.48
CA LEU B 131 -26.08 -15.04 -33.10
C LEU B 131 -27.11 -15.57 -32.09
N SER B 132 -28.27 -16.05 -32.55
CA SER B 132 -29.34 -16.48 -31.67
C SER B 132 -29.13 -17.90 -31.16
N PRO B 133 -29.06 -18.09 -29.85
CA PRO B 133 -28.91 -19.45 -29.30
C PRO B 133 -30.04 -20.38 -29.72
N LYS B 134 -31.26 -19.84 -29.83
CA LYS B 134 -32.41 -20.63 -30.25
C LYS B 134 -32.27 -21.09 -31.71
N TYR B 135 -31.89 -20.18 -32.62
CA TYR B 135 -31.74 -20.54 -34.01
C TYR B 135 -30.57 -21.50 -34.21
N LEU B 136 -29.44 -21.23 -33.54
CA LEU B 136 -28.27 -22.09 -33.65
C LEU B 136 -28.54 -23.47 -33.05
N GLN B 137 -29.39 -23.56 -32.00
CA GLN B 137 -29.78 -24.84 -31.40
C GLN B 137 -30.62 -25.65 -32.35
N LYS B 138 -31.52 -25.00 -33.11
CA LYS B 138 -32.31 -25.66 -34.14
C LYS B 138 -31.37 -26.24 -35.21
N LEU B 139 -30.26 -25.54 -35.54
CA LEU B 139 -29.30 -26.05 -36.53
C LEU B 139 -28.46 -27.17 -35.97
N ALA B 140 -28.11 -27.09 -34.68
CA ALA B 140 -27.33 -28.11 -33.99
C ALA B 140 -28.16 -29.40 -33.92
N ASP B 141 -29.45 -29.31 -33.54
CA ASP B 141 -30.36 -30.46 -33.48
C ASP B 141 -30.55 -31.08 -34.86
N LYS B 142 -30.66 -30.25 -35.91
CA LYS B 142 -30.84 -30.73 -37.28
C LYS B 142 -29.63 -31.56 -37.70
N LYS B 143 -28.42 -31.08 -37.40
CA LYS B 143 -27.20 -31.79 -37.75
C LYS B 143 -26.98 -33.06 -36.90
N ALA B 144 -27.18 -32.98 -35.59
CA ALA B 144 -27.00 -34.11 -34.69
C ALA B 144 -27.98 -35.24 -34.96
N GLY B 145 -29.22 -34.88 -35.31
CA GLY B 145 -30.29 -35.82 -35.57
C GLY B 145 -31.49 -35.57 -34.68
N LYS B 146 -32.67 -36.04 -35.10
CA LYS B 146 -33.94 -35.89 -34.39
C LYS B 146 -33.85 -36.21 -32.90
N ASN B 147 -33.56 -37.48 -32.54
CA ASN B 147 -33.44 -37.88 -31.14
C ASN B 147 -32.00 -38.32 -30.77
N PHE B 148 -31.03 -37.41 -31.00
CA PHE B 148 -29.61 -37.62 -30.71
C PHE B 148 -29.35 -37.94 -29.23
N SER B 149 -29.87 -37.10 -28.33
CA SER B 149 -29.64 -37.26 -26.90
C SER B 149 -30.20 -38.55 -26.33
N ALA B 150 -31.24 -39.11 -26.97
CA ALA B 150 -31.80 -40.38 -26.56
C ALA B 150 -30.89 -41.53 -27.04
N LYS B 151 -30.34 -41.43 -28.27
CA LYS B 151 -29.45 -42.45 -28.85
C LYS B 151 -28.03 -42.44 -28.25
N ASN B 152 -27.62 -41.31 -27.66
CA ASN B 152 -26.30 -41.11 -27.08
C ASN B 152 -26.53 -40.48 -25.69
N PRO B 153 -26.96 -41.24 -24.66
CA PRO B 153 -27.33 -40.62 -23.37
C PRO B 153 -26.16 -39.94 -22.64
N GLY B 154 -26.47 -38.83 -21.98
CA GLY B 154 -25.49 -37.96 -21.32
C GLY B 154 -24.91 -36.90 -22.25
N LEU B 155 -25.05 -37.12 -23.58
CA LEU B 155 -24.53 -36.23 -24.61
C LEU B 155 -25.51 -35.16 -25.06
N SER B 156 -24.99 -33.99 -25.46
CA SER B 156 -25.78 -32.88 -26.01
C SER B 156 -24.94 -32.09 -27.02
N VAL B 157 -25.57 -31.40 -27.95
CA VAL B 157 -24.88 -30.62 -28.95
C VAL B 157 -25.19 -29.14 -28.80
N GLU B 158 -24.22 -28.31 -29.19
CA GLU B 158 -24.41 -26.88 -29.14
C GLU B 158 -23.58 -26.21 -30.21
N ILE B 159 -24.16 -25.25 -30.95
CA ILE B 159 -23.40 -24.47 -31.93
C ILE B 159 -23.20 -23.07 -31.39
N LYS B 160 -21.98 -22.56 -31.47
CA LYS B 160 -21.65 -21.21 -31.05
C LYS B 160 -20.97 -20.46 -32.22
N ALA B 161 -21.21 -19.16 -32.29
CA ALA B 161 -20.59 -18.24 -33.23
C ALA B 161 -19.27 -17.73 -32.65
N PHE B 162 -18.26 -17.52 -33.51
CA PHE B 162 -16.93 -17.02 -33.15
C PHE B 162 -16.54 -15.97 -34.17
N TYR B 163 -15.59 -15.08 -33.80
CA TYR B 163 -15.11 -14.03 -34.72
C TYR B 163 -16.25 -13.16 -35.26
N GLY B 164 -17.18 -12.78 -34.37
CA GLY B 164 -18.33 -11.96 -34.73
C GLY B 164 -19.32 -12.56 -35.69
N GLY B 165 -19.34 -13.89 -35.81
CA GLY B 165 -20.23 -14.56 -36.74
C GLY B 165 -19.57 -15.04 -38.02
N ASN B 166 -18.21 -15.07 -38.04
CA ASN B 166 -17.47 -15.53 -39.23
C ASN B 166 -17.02 -17.00 -39.13
N LEU B 167 -17.19 -17.62 -37.97
CA LEU B 167 -16.80 -19.01 -37.77
C LEU B 167 -17.81 -19.63 -36.79
N TYR B 168 -18.23 -20.87 -37.03
CA TYR B 168 -19.16 -21.56 -36.13
C TYR B 168 -18.61 -22.91 -35.77
N LEU B 169 -18.70 -23.30 -34.50
CA LEU B 169 -18.26 -24.60 -34.02
C LEU B 169 -19.41 -25.32 -33.34
N MET B 170 -19.51 -26.63 -33.55
CA MET B 170 -20.49 -27.46 -32.86
C MET B 170 -19.74 -28.28 -31.81
N PHE B 171 -20.25 -28.26 -30.59
CA PHE B 171 -19.64 -28.97 -29.49
C PHE B 171 -20.54 -30.11 -29.08
N THR B 172 -19.96 -31.29 -28.87
CA THR B 172 -20.68 -32.43 -28.35
C THR B 172 -20.20 -32.52 -26.91
N LYS B 173 -21.12 -32.30 -25.98
CA LYS B 173 -20.82 -32.22 -24.57
C LYS B 173 -21.37 -33.39 -23.78
N LYS B 174 -20.63 -33.84 -22.79
CA LYS B 174 -21.09 -34.91 -21.91
C LYS B 174 -21.21 -34.27 -20.53
N THR B 175 -22.42 -34.27 -19.94
CA THR B 175 -22.62 -33.59 -18.64
C THR B 175 -22.90 -34.59 -17.52
N TYR B 176 -22.20 -34.47 -16.39
CA TYR B 176 -22.40 -35.31 -15.19
C TYR B 176 -22.92 -34.40 -14.08
N THR B 177 -23.99 -34.82 -13.40
CA THR B 177 -24.59 -33.98 -12.35
C THR B 177 -24.43 -34.54 -10.95
N ASP B 178 -23.78 -35.71 -10.79
CA ASP B 178 -23.49 -36.24 -9.46
C ASP B 178 -22.01 -35.95 -9.21
N VAL B 179 -21.70 -34.78 -8.65
CA VAL B 179 -20.30 -34.37 -8.42
C VAL B 179 -20.18 -34.09 -6.92
N ARG B 180 -19.46 -34.95 -6.21
CA ARG B 180 -19.39 -34.92 -4.76
C ARG B 180 -18.17 -34.20 -4.17
N LEU B 181 -18.37 -33.48 -3.07
CA LEU B 181 -17.31 -32.77 -2.36
C LEU B 181 -16.44 -33.81 -1.68
N VAL B 182 -15.14 -33.78 -1.96
CA VAL B 182 -14.19 -34.74 -1.41
C VAL B 182 -13.29 -34.06 -0.37
N GLY B 183 -12.75 -32.90 -0.72
CA GLY B 183 -11.81 -32.22 0.14
C GLY B 183 -11.71 -30.73 -0.09
N ALA B 184 -11.40 -29.99 0.96
CA ALA B 184 -11.23 -28.56 0.89
C ALA B 184 -10.36 -28.14 2.05
N PRO B 185 -9.40 -27.24 1.80
CA PRO B 185 -8.61 -26.71 2.91
C PRO B 185 -9.47 -25.74 3.76
N PRO B 186 -9.05 -25.35 4.99
CA PRO B 186 -9.80 -24.32 5.72
C PRO B 186 -9.83 -23.02 4.89
N SER B 187 -10.80 -22.14 5.15
CA SER B 187 -10.85 -20.87 4.43
C SER B 187 -9.61 -20.03 4.66
N SER B 188 -8.92 -20.18 5.80
CA SER B 188 -7.68 -19.46 6.09
C SER B 188 -6.60 -19.78 5.02
N ILE B 189 -6.65 -20.98 4.40
CA ILE B 189 -5.73 -21.34 3.32
C ILE B 189 -6.36 -21.06 1.95
N GLY B 190 -7.57 -21.60 1.73
CA GLY B 190 -8.31 -21.47 0.48
C GLY B 190 -8.59 -20.05 0.03
N LYS B 191 -8.68 -19.15 0.99
CA LYS B 191 -8.97 -17.76 0.74
C LYS B 191 -8.09 -16.90 1.66
N PHE B 192 -6.80 -17.26 1.81
CA PHE B 192 -5.86 -16.52 2.66
C PHE B 192 -5.85 -15.01 2.48
N GLY B 193 -5.71 -14.53 1.26
CA GLY B 193 -5.72 -13.07 1.05
C GLY B 193 -7.07 -12.47 1.43
N ALA B 194 -8.14 -13.25 1.19
CA ALA B 194 -9.56 -12.91 1.31
C ALA B 194 -9.76 -11.78 0.25
N ASP B 195 -10.44 -10.64 0.52
CA ASP B 195 -10.62 -9.62 -0.50
C ASP B 195 -9.45 -8.66 -0.60
N THR B 196 -8.58 -8.58 0.43
CA THR B 196 -7.41 -7.70 0.42
C THR B 196 -6.39 -8.09 -0.66
N ASP B 197 -6.17 -9.39 -0.88
CA ASP B 197 -5.23 -9.82 -1.92
C ASP B 197 -5.92 -10.11 -3.27
N ASN B 198 -7.25 -9.88 -3.42
CA ASN B 198 -7.93 -10.10 -4.72
C ASN B 198 -7.26 -9.26 -5.82
N TRP B 199 -6.97 -9.88 -6.99
CA TRP B 199 -6.25 -9.25 -8.12
C TRP B 199 -4.80 -8.91 -7.78
N ILE B 200 -4.22 -9.51 -6.70
CA ILE B 200 -2.86 -9.13 -6.29
C ILE B 200 -1.82 -10.22 -6.51
N TRP B 201 -0.71 -9.81 -7.08
CA TRP B 201 0.50 -10.59 -7.17
C TRP B 201 1.57 -9.70 -6.51
N PRO B 202 2.43 -10.20 -5.60
CA PRO B 202 2.56 -11.58 -5.10
C PRO B 202 1.29 -12.08 -4.37
N ARG B 203 1.04 -13.38 -4.44
CA ARG B 203 -0.15 -13.98 -3.83
C ARG B 203 0.23 -15.23 -3.07
N HIS B 204 -0.41 -15.47 -1.93
CA HIS B 204 -0.07 -16.60 -1.04
C HIS B 204 -1.27 -17.48 -0.68
N THR B 205 -2.24 -17.55 -1.58
CA THR B 205 -3.50 -18.26 -1.38
C THR B 205 -3.51 -19.69 -1.96
N GLY B 206 -3.86 -20.67 -1.13
CA GLY B 206 -3.98 -22.07 -1.50
C GLY B 206 -5.37 -22.35 -2.03
N ASP B 207 -5.74 -21.65 -3.09
CA ASP B 207 -7.06 -21.66 -3.71
C ASP B 207 -7.36 -22.92 -4.49
N PHE B 208 -7.74 -23.99 -3.76
CA PHE B 208 -8.13 -25.28 -4.32
C PHE B 208 -9.23 -25.96 -3.49
N SER B 209 -9.98 -26.84 -4.12
CA SER B 209 -10.99 -27.72 -3.54
C SER B 209 -11.05 -28.95 -4.45
N ILE B 210 -11.57 -30.04 -3.89
CA ILE B 210 -11.55 -31.34 -4.53
C ILE B 210 -12.94 -31.94 -4.57
N PHE B 211 -13.32 -32.43 -5.74
CA PHE B 211 -14.60 -33.06 -5.97
C PHE B 211 -14.37 -34.44 -6.63
N ARG B 212 -15.44 -35.18 -6.87
CA ARG B 212 -15.34 -36.46 -7.56
C ARG B 212 -16.57 -36.62 -8.39
N ILE B 213 -16.38 -36.99 -9.64
CA ILE B 213 -17.50 -37.23 -10.55
C ILE B 213 -17.98 -38.65 -10.34
N TYR B 214 -19.27 -38.80 -10.08
CA TYR B 214 -19.92 -40.10 -9.96
C TYR B 214 -20.80 -40.28 -11.19
N ALA B 215 -21.06 -41.53 -11.54
CA ALA B 215 -21.83 -41.91 -12.73
C ALA B 215 -22.52 -43.29 -12.46
N ASP B 216 -23.30 -43.83 -13.44
CA ASP B 216 -23.88 -45.16 -13.28
C ASP B 216 -22.78 -46.22 -13.50
N LYS B 217 -23.14 -47.52 -13.37
CA LYS B 217 -22.25 -48.67 -13.54
C LYS B 217 -21.46 -48.66 -14.85
N ASN B 218 -22.02 -48.05 -15.91
CA ASN B 218 -21.33 -48.00 -17.20
C ASN B 218 -20.53 -46.72 -17.45
N GLY B 219 -20.39 -45.87 -16.43
CA GLY B 219 -19.68 -44.60 -16.55
C GLY B 219 -20.47 -43.52 -17.28
N ASN B 220 -21.78 -43.72 -17.41
CA ASN B 220 -22.67 -42.80 -18.10
C ASN B 220 -23.26 -41.82 -17.11
N PRO B 221 -23.49 -40.57 -17.54
CA PRO B 221 -24.09 -39.58 -16.65
C PRO B 221 -25.38 -40.03 -15.98
N ALA B 222 -25.52 -39.69 -14.70
CA ALA B 222 -26.71 -40.05 -13.93
C ALA B 222 -26.86 -39.05 -12.80
N PRO B 223 -28.09 -38.60 -12.50
CA PRO B 223 -28.28 -37.70 -11.35
C PRO B 223 -27.94 -38.43 -10.05
N TYR B 224 -27.81 -37.69 -8.92
CA TYR B 224 -27.48 -38.32 -7.64
C TYR B 224 -28.37 -39.54 -7.31
N SER B 225 -27.69 -40.63 -6.95
CA SER B 225 -28.25 -41.90 -6.53
C SER B 225 -27.21 -42.55 -5.61
N GLU B 226 -27.67 -43.15 -4.52
CA GLU B 226 -26.79 -43.87 -3.59
C GLU B 226 -26.06 -45.05 -4.30
N ASP B 227 -26.60 -45.53 -5.43
CA ASP B 227 -26.00 -46.62 -6.22
C ASP B 227 -24.96 -46.13 -7.26
N ASN B 228 -24.69 -44.81 -7.33
CA ASN B 228 -23.70 -44.30 -8.27
C ASN B 228 -22.29 -44.66 -7.84
N VAL B 229 -21.44 -44.87 -8.82
CA VAL B 229 -20.08 -45.32 -8.66
C VAL B 229 -19.12 -44.26 -9.27
N PRO B 230 -17.91 -44.06 -8.70
CA PRO B 230 -16.98 -43.08 -9.28
C PRO B 230 -16.71 -43.32 -10.78
N LEU B 231 -16.62 -42.23 -11.55
CA LEU B 231 -16.40 -42.32 -12.99
C LEU B 231 -14.96 -42.72 -13.28
N LYS B 232 -14.75 -43.65 -14.22
CA LYS B 232 -13.40 -43.99 -14.65
C LYS B 232 -13.26 -43.23 -15.98
N PRO B 233 -12.51 -42.12 -15.97
CA PRO B 233 -12.44 -41.29 -17.19
C PRO B 233 -11.46 -41.85 -18.22
N LYS B 234 -11.66 -41.46 -19.49
CA LYS B 234 -10.75 -41.84 -20.57
C LYS B 234 -9.36 -41.17 -20.42
N ARG B 235 -9.30 -40.03 -19.73
CA ARG B 235 -8.06 -39.31 -19.53
C ARG B 235 -8.07 -38.54 -18.20
N PHE B 236 -6.91 -38.48 -17.54
CA PHE B 236 -6.73 -37.70 -16.32
C PHE B 236 -5.30 -37.13 -16.33
N PHE B 237 -5.07 -36.06 -15.57
CA PHE B 237 -3.75 -35.44 -15.54
C PHE B 237 -2.81 -36.17 -14.62
N ASN B 238 -1.55 -36.31 -15.03
CA ASN B 238 -0.52 -36.80 -14.12
C ASN B 238 -0.09 -35.55 -13.32
N ILE B 239 0.25 -35.72 -12.05
CA ILE B 239 0.72 -34.62 -11.21
C ILE B 239 2.22 -34.56 -11.26
N SER B 240 2.80 -33.40 -11.56
CA SER B 240 4.26 -33.27 -11.53
C SER B 240 4.73 -32.78 -10.16
N LEU B 241 5.81 -33.36 -9.65
CA LEU B 241 6.47 -32.80 -8.47
C LEU B 241 7.83 -32.13 -8.81
N GLY B 242 8.17 -32.05 -10.11
CA GLY B 242 9.37 -31.39 -10.58
C GLY B 242 9.38 -29.87 -10.39
N GLY B 243 8.20 -29.28 -10.15
CA GLY B 243 8.07 -27.86 -9.90
C GLY B 243 8.22 -26.97 -11.11
N VAL B 244 8.45 -25.69 -10.87
CA VAL B 244 8.66 -24.72 -11.94
C VAL B 244 9.91 -23.90 -11.68
N GLN B 245 10.50 -23.41 -12.76
CA GLN B 245 11.64 -22.48 -12.71
C GLN B 245 11.30 -21.29 -13.60
N GLU B 246 11.96 -20.16 -13.39
CA GLU B 246 11.75 -18.97 -14.23
C GLU B 246 12.00 -19.32 -15.73
N ASN B 247 11.10 -18.88 -16.60
CA ASN B 247 11.12 -19.08 -18.05
C ASN B 247 10.59 -20.44 -18.49
N ASP B 248 10.16 -21.30 -17.56
CA ASP B 248 9.59 -22.61 -17.97
C ASP B 248 8.35 -22.40 -18.80
N TYR B 249 8.17 -23.24 -19.81
CA TYR B 249 6.99 -23.24 -20.64
C TYR B 249 5.80 -23.66 -19.77
N ALA B 250 4.69 -22.94 -19.91
CA ALA B 250 3.47 -23.32 -19.21
C ALA B 250 2.28 -23.13 -20.16
N MET B 251 1.27 -23.97 -20.01
CA MET B 251 0.08 -23.84 -20.82
C MET B 251 -1.16 -24.12 -20.00
N ILE B 252 -2.28 -23.56 -20.42
CA ILE B 252 -3.55 -23.75 -19.74
C ILE B 252 -4.63 -24.07 -20.76
N MET B 253 -5.59 -24.90 -20.34
CA MET B 253 -6.83 -25.14 -21.04
C MET B 253 -7.96 -24.74 -20.07
N GLY B 254 -9.00 -24.13 -20.61
CA GLY B 254 -10.12 -23.68 -19.78
C GLY B 254 -11.20 -22.99 -20.57
N PHE B 255 -12.12 -22.36 -19.87
CA PHE B 255 -13.28 -21.76 -20.50
C PHE B 255 -13.35 -20.26 -20.26
N PRO B 256 -12.47 -19.43 -20.88
CA PRO B 256 -12.58 -17.99 -20.68
C PRO B 256 -13.94 -17.47 -21.16
N GLY B 257 -14.57 -16.63 -20.37
CA GLY B 257 -15.93 -16.17 -20.65
C GLY B 257 -16.06 -15.10 -21.70
N THR B 258 -15.43 -13.92 -21.50
CA THR B 258 -15.60 -12.80 -22.44
C THR B 258 -14.30 -12.00 -22.62
N THR B 259 -14.08 -11.47 -23.82
CA THR B 259 -13.00 -10.54 -24.11
C THR B 259 -13.58 -9.54 -25.10
N HIS B 260 -12.89 -8.42 -25.33
CA HIS B 260 -13.30 -7.40 -26.26
C HIS B 260 -12.07 -7.00 -27.08
N ARG B 261 -11.46 -7.99 -27.73
CA ARG B 261 -10.25 -7.81 -28.52
C ARG B 261 -10.47 -7.01 -29.81
N TYR B 262 -11.72 -6.86 -30.25
CA TYR B 262 -12.01 -6.15 -31.50
C TYR B 262 -12.81 -4.87 -31.27
N PHE B 263 -12.70 -4.27 -30.08
CA PHE B 263 -13.31 -2.97 -29.77
C PHE B 263 -12.71 -1.93 -30.72
N THR B 264 -13.52 -0.96 -31.15
CA THR B 264 -12.97 0.15 -31.91
C THR B 264 -12.34 1.10 -30.86
N ALA B 265 -11.60 2.11 -31.29
CA ALA B 265 -11.05 3.12 -30.38
C ALA B 265 -12.21 3.86 -29.68
N SER B 266 -13.35 4.09 -30.38
CA SER B 266 -14.51 4.75 -29.80
C SER B 266 -15.16 3.93 -28.67
N GLU B 267 -15.11 2.61 -28.77
CA GLU B 267 -15.64 1.70 -27.74
C GLU B 267 -14.73 1.70 -26.53
N VAL B 268 -13.40 1.82 -26.73
CA VAL B 268 -12.46 1.95 -25.62
C VAL B 268 -12.75 3.29 -24.88
N ASP B 269 -12.98 4.40 -25.62
CA ASP B 269 -13.27 5.70 -24.98
C ASP B 269 -14.55 5.63 -24.16
N GLU B 270 -15.56 4.96 -24.69
CA GLU B 270 -16.84 4.78 -24.04
C GLU B 270 -16.69 3.94 -22.77
N TRP B 271 -15.96 2.83 -22.86
CA TRP B 271 -15.71 1.93 -21.74
C TRP B 271 -15.02 2.69 -20.59
N LYS B 272 -14.07 3.55 -20.93
CA LYS B 272 -13.38 4.39 -19.94
C LYS B 272 -14.31 5.46 -19.34
N SER B 273 -14.82 6.37 -20.20
CA SER B 273 -15.54 7.59 -19.81
C SER B 273 -16.93 7.39 -19.27
N ILE B 274 -17.58 6.26 -19.60
CA ILE B 274 -18.91 6.00 -19.10
C ILE B 274 -18.84 4.85 -18.10
N ASP B 275 -18.71 3.60 -18.59
CA ASP B 275 -18.71 2.39 -17.79
C ASP B 275 -17.79 2.46 -16.59
N ASN B 276 -16.48 2.65 -16.82
CA ASN B 276 -15.50 2.64 -15.74
C ASN B 276 -15.55 3.87 -14.85
N ASP B 277 -15.54 5.10 -15.41
CA ASP B 277 -15.57 6.30 -14.59
C ASP B 277 -16.81 6.40 -13.70
N ILE B 278 -17.98 5.98 -14.21
CA ILE B 278 -19.22 6.04 -13.41
C ILE B 278 -19.14 5.00 -12.28
N ARG B 279 -18.78 3.75 -12.60
CA ARG B 279 -18.65 2.70 -11.60
C ARG B 279 -17.63 3.11 -10.52
N ILE B 280 -16.49 3.68 -10.93
CA ILE B 280 -15.44 4.15 -10.01
C ILE B 280 -15.98 5.26 -9.12
N ARG B 281 -16.56 6.30 -9.73
CA ARG B 281 -17.07 7.42 -8.96
C ARG B 281 -18.20 7.00 -7.99
N MET B 282 -19.20 6.26 -8.49
CA MET B 282 -20.33 5.87 -7.66
C MET B 282 -19.95 4.90 -6.56
N ARG B 283 -19.07 3.94 -6.84
CA ARG B 283 -18.66 2.97 -5.81
C ARG B 283 -17.74 3.59 -4.80
N ASP B 284 -16.92 4.57 -5.20
CA ASP B 284 -16.07 5.27 -4.23
C ASP B 284 -16.96 6.03 -3.22
N ILE B 285 -18.08 6.63 -3.68
CA ILE B 285 -19.00 7.31 -2.78
C ILE B 285 -19.66 6.33 -1.81
N ARG B 286 -20.21 5.24 -2.34
CA ARG B 286 -20.93 4.23 -1.58
C ARG B 286 -20.04 3.58 -0.54
N GLN B 287 -18.84 3.14 -0.97
CA GLN B 287 -17.82 2.50 -0.15
C GLN B 287 -17.32 3.43 0.94
N GLY B 288 -17.09 4.70 0.63
CA GLY B 288 -16.65 5.68 1.63
C GLY B 288 -17.63 5.81 2.78
N VAL B 289 -18.95 5.92 2.48
CA VAL B 289 -19.96 6.03 3.54
C VAL B 289 -20.03 4.73 4.34
N MET B 290 -20.03 3.60 3.63
CA MET B 290 -20.08 2.27 4.27
C MET B 290 -18.91 2.06 5.22
N LEU B 291 -17.69 2.40 4.78
CA LEU B 291 -16.48 2.27 5.58
C LEU B 291 -16.54 3.12 6.83
N ARG B 292 -16.93 4.41 6.72
CA ARG B 292 -17.11 5.33 7.85
C ARG B 292 -18.02 4.66 8.91
N GLU B 293 -19.14 4.08 8.47
CA GLU B 293 -20.12 3.48 9.36
C GLU B 293 -19.65 2.17 9.96
N MET B 294 -18.90 1.37 9.19
CA MET B 294 -18.38 0.09 9.67
C MET B 294 -17.27 0.31 10.70
N LEU B 295 -16.41 1.34 10.49
CA LEU B 295 -15.34 1.65 11.44
C LEU B 295 -15.88 2.21 12.77
N ALA B 296 -17.05 2.86 12.75
CA ALA B 296 -17.63 3.48 13.94
C ALA B 296 -18.49 2.52 14.78
N ASP B 297 -19.00 1.46 14.18
CA ASP B 297 -19.88 0.52 14.89
C ASP B 297 -19.50 -0.91 14.53
N PRO B 298 -18.99 -1.69 15.51
CA PRO B 298 -18.61 -3.08 15.23
C PRO B 298 -19.75 -3.95 14.70
N GLN B 299 -20.99 -3.62 15.07
CA GLN B 299 -22.15 -4.35 14.61
C GLN B 299 -22.44 -4.00 13.14
N ILE B 300 -22.18 -2.74 12.70
CA ILE B 300 -22.33 -2.35 11.30
C ILE B 300 -21.26 -3.04 10.43
N LYS B 301 -20.06 -3.23 10.97
CA LYS B 301 -19.00 -3.94 10.26
C LYS B 301 -19.42 -5.40 9.98
N ILE B 302 -20.07 -6.05 10.95
CA ILE B 302 -20.54 -7.42 10.75
C ILE B 302 -21.63 -7.46 9.68
N MET B 303 -22.61 -6.56 9.79
CA MET B 303 -23.71 -6.51 8.84
C MET B 303 -23.34 -6.11 7.42
N TYR B 304 -22.35 -5.22 7.24
CA TYR B 304 -22.03 -4.68 5.92
C TYR B 304 -20.74 -5.18 5.28
N SER B 305 -19.97 -6.05 5.94
CA SER B 305 -18.70 -6.55 5.39
C SER B 305 -18.81 -7.19 4.02
N ALA B 306 -19.76 -8.08 3.85
CA ALA B 306 -19.96 -8.77 2.58
C ALA B 306 -20.44 -7.81 1.50
N LYS B 307 -21.39 -6.90 1.81
CA LYS B 307 -21.87 -5.91 0.84
C LYS B 307 -20.73 -4.97 0.39
N TYR B 308 -19.87 -4.58 1.34
CA TYR B 308 -18.73 -3.73 1.06
C TYR B 308 -17.74 -4.48 0.16
N ALA B 309 -17.41 -5.73 0.51
CA ALA B 309 -16.50 -6.56 -0.29
C ALA B 309 -17.05 -6.80 -1.72
N ALA B 310 -18.35 -7.10 -1.86
CA ALA B 310 -18.96 -7.32 -3.16
C ALA B 310 -18.89 -6.05 -4.06
N SER B 311 -18.95 -4.86 -3.46
CA SER B 311 -18.89 -3.63 -4.23
C SER B 311 -17.44 -3.37 -4.71
N GLN B 312 -16.47 -3.65 -3.85
CA GLN B 312 -15.05 -3.45 -4.09
C GLN B 312 -14.46 -4.28 -5.23
N ASN B 313 -14.95 -5.50 -5.45
CA ASN B 313 -14.38 -6.38 -6.47
C ASN B 313 -14.37 -5.76 -7.89
N ALA B 314 -15.54 -5.34 -8.43
CA ALA B 314 -15.58 -4.73 -9.76
C ALA B 314 -15.06 -3.28 -9.73
N TYR B 315 -15.07 -2.62 -8.57
CA TYR B 315 -14.47 -1.30 -8.39
C TYR B 315 -12.96 -1.42 -8.68
N LYS B 316 -12.30 -2.43 -8.08
CA LYS B 316 -10.86 -2.66 -8.30
C LYS B 316 -10.58 -3.02 -9.77
N ARG B 317 -11.47 -3.82 -10.38
CA ARG B 317 -11.31 -4.22 -11.78
C ARG B 317 -11.36 -2.98 -12.67
N ALA B 318 -12.32 -2.07 -12.40
CA ALA B 318 -12.48 -0.84 -13.17
C ALA B 318 -11.27 0.11 -13.04
N ILE B 319 -10.67 0.19 -11.81
CA ILE B 319 -9.46 0.98 -11.57
C ILE B 319 -8.31 0.37 -12.41
N GLY B 320 -8.16 -0.95 -12.36
CA GLY B 320 -7.12 -1.63 -13.14
C GLY B 320 -7.27 -1.46 -14.63
N ALA B 321 -8.51 -1.51 -15.14
CA ALA B 321 -8.78 -1.37 -16.57
C ALA B 321 -8.51 0.07 -17.01
N ASN B 322 -8.93 1.04 -16.19
CA ASN B 322 -8.64 2.45 -16.49
C ASN B 322 -7.16 2.78 -16.44
N TRP B 323 -6.40 2.06 -15.59
CA TRP B 323 -4.94 2.26 -15.55
C TRP B 323 -4.35 1.80 -16.92
N ALA B 324 -4.84 0.68 -17.48
CA ALA B 324 -4.34 0.19 -18.77
C ALA B 324 -4.69 1.19 -19.89
N ILE B 325 -5.92 1.72 -19.88
CA ILE B 325 -6.33 2.69 -20.90
C ILE B 325 -5.46 3.94 -20.84
N LYS B 326 -5.19 4.44 -19.62
CA LYS B 326 -4.36 5.62 -19.44
C LYS B 326 -2.89 5.42 -19.79
N THR B 327 -2.32 4.25 -19.41
CA THR B 327 -0.87 4.06 -19.53
C THR B 327 -0.37 3.09 -20.60
N ARG B 328 -1.21 2.18 -21.14
CA ARG B 328 -0.73 1.17 -22.09
C ARG B 328 -1.16 1.39 -23.53
N GLY B 329 -1.75 2.54 -23.84
CA GLY B 329 -2.16 2.90 -25.19
C GLY B 329 -3.20 2.00 -25.80
N LEU B 330 -4.26 1.63 -25.04
CA LEU B 330 -5.27 0.72 -25.58
C LEU B 330 -6.06 1.39 -26.67
N ARG B 331 -6.44 2.66 -26.45
CA ARG B 331 -7.21 3.40 -27.44
C ARG B 331 -6.43 3.57 -28.74
N GLN B 332 -5.16 3.92 -28.63
CA GLN B 332 -4.26 4.15 -29.74
C GLN B 332 -4.04 2.89 -30.54
N ASN B 333 -3.87 1.76 -29.87
CA ASN B 333 -3.65 0.49 -30.56
C ASN B 333 -4.89 0.02 -31.29
N LYS B 334 -6.10 0.31 -30.76
CA LYS B 334 -7.33 -0.03 -31.47
C LYS B 334 -7.47 0.90 -32.69
N GLN B 335 -7.11 2.19 -32.53
CA GLN B 335 -7.13 3.18 -33.60
C GLN B 335 -6.19 2.77 -34.73
N ALA B 336 -4.98 2.30 -34.40
CA ALA B 336 -4.01 1.83 -35.40
C ALA B 336 -4.50 0.58 -36.14
N MET B 337 -5.17 -0.32 -35.42
CA MET B 337 -5.73 -1.55 -35.98
C MET B 337 -6.80 -1.20 -37.02
N GLN B 338 -7.72 -0.29 -36.68
CA GLN B 338 -8.79 0.07 -37.60
C GLN B 338 -8.26 0.93 -38.77
N ASP B 339 -7.27 1.82 -38.54
CA ASP B 339 -6.69 2.64 -39.61
C ASP B 339 -5.97 1.78 -40.65
N ARG B 340 -5.28 0.73 -40.19
CA ARG B 340 -4.57 -0.19 -41.05
C ARG B 340 -5.57 -0.99 -41.94
N LEU B 341 -6.70 -1.41 -41.37
CA LEU B 341 -7.72 -2.12 -42.13
C LEU B 341 -8.35 -1.20 -43.17
N ILE B 342 -8.62 0.07 -42.79
CA ILE B 342 -9.23 1.08 -43.66
C ILE B 342 -8.32 1.39 -44.83
N ALA B 343 -7.01 1.47 -44.59
CA ALA B 343 -6.03 1.74 -45.66
C ALA B 343 -5.92 0.54 -46.60
N TRP B 344 -6.01 -0.67 -46.08
CA TRP B 344 -5.97 -1.90 -46.88
C TRP B 344 -7.24 -2.07 -47.70
N GLY B 345 -8.38 -1.71 -47.14
CA GLY B 345 -9.64 -1.78 -47.86
C GLY B 345 -9.67 -0.77 -49.01
N ALA B 346 -9.12 0.45 -48.79
CA ALA B 346 -9.04 1.49 -49.81
C ALA B 346 -8.14 1.05 -50.98
N LYS B 347 -7.10 0.27 -50.67
CA LYS B 347 -6.17 -0.27 -51.66
C LYS B 347 -6.87 -1.33 -52.51
N GLN B 348 -7.72 -2.16 -51.90
CA GLN B 348 -8.43 -3.24 -52.61
C GLN B 348 -9.74 -2.81 -53.30
N GLY B 349 -10.19 -1.57 -53.05
CA GLY B 349 -11.44 -1.08 -53.61
C GLY B 349 -12.68 -1.58 -52.90
N THR B 350 -12.54 -2.01 -51.63
CA THR B 350 -13.67 -2.52 -50.83
C THR B 350 -13.94 -1.56 -49.66
N PRO B 351 -14.94 -0.67 -49.80
CA PRO B 351 -15.20 0.30 -48.70
C PRO B 351 -16.01 -0.22 -47.52
N ARG B 352 -16.43 -1.49 -47.52
CA ARG B 352 -17.29 -2.03 -46.46
C ARG B 352 -16.64 -2.05 -45.05
N TYR B 353 -15.31 -2.16 -44.95
CA TYR B 353 -14.63 -2.20 -43.65
C TYR B 353 -14.62 -0.82 -43.00
N GLU B 354 -14.35 0.23 -43.79
CA GLU B 354 -14.38 1.61 -43.32
C GLU B 354 -15.82 1.99 -42.92
N GLU B 355 -16.80 1.55 -43.74
CA GLU B 355 -18.22 1.77 -43.46
C GLU B 355 -18.62 1.09 -42.15
N ALA B 356 -18.10 -0.12 -41.88
CA ALA B 356 -18.40 -0.86 -40.66
C ALA B 356 -17.83 -0.18 -39.41
N VAL B 357 -16.59 0.34 -39.47
CA VAL B 357 -15.97 1.06 -38.37
C VAL B 357 -16.76 2.35 -38.11
N HIS B 358 -17.17 3.05 -39.19
CA HIS B 358 -17.97 4.25 -39.08
C HIS B 358 -19.34 3.96 -38.44
N GLU B 359 -20.00 2.82 -38.78
CA GLU B 359 -21.28 2.49 -38.16
C GLU B 359 -21.12 2.26 -36.67
N ILE B 360 -20.01 1.62 -36.26
CA ILE B 360 -19.74 1.40 -34.83
C ILE B 360 -19.52 2.75 -34.11
N ASP B 361 -18.68 3.63 -34.69
CA ASP B 361 -18.43 4.96 -34.11
C ASP B 361 -19.72 5.77 -33.99
N ALA B 362 -20.56 5.74 -35.03
CA ALA B 362 -21.81 6.49 -35.03
C ALA B 362 -22.80 5.94 -34.01
N THR B 363 -22.83 4.62 -33.84
CA THR B 363 -23.75 4.02 -32.87
C THR B 363 -23.27 4.37 -31.46
N VAL B 364 -21.94 4.28 -31.21
CA VAL B 364 -21.37 4.65 -29.91
C VAL B 364 -21.70 6.11 -29.59
N ALA B 365 -21.50 7.01 -30.57
CA ALA B 365 -21.78 8.44 -30.34
C ALA B 365 -23.27 8.70 -30.10
N LYS B 366 -24.17 8.04 -30.85
CA LYS B 366 -25.60 8.25 -30.69
C LYS B 366 -26.15 7.78 -29.32
N ARG B 367 -25.62 6.68 -28.76
CA ARG B 367 -26.10 6.16 -27.48
C ARG B 367 -25.43 6.75 -26.23
N ALA B 368 -24.46 7.66 -26.38
CA ALA B 368 -23.71 8.20 -25.23
C ALA B 368 -24.54 8.69 -24.04
N ASP B 369 -25.53 9.58 -24.28
CA ASP B 369 -26.28 10.15 -23.18
C ASP B 369 -27.15 9.10 -22.50
N LEU B 370 -27.79 8.23 -23.29
CA LEU B 370 -28.61 7.13 -22.77
C LEU B 370 -27.74 6.19 -21.91
N ARG B 371 -26.57 5.73 -22.45
CA ARG B 371 -25.65 4.85 -21.75
C ARG B 371 -25.15 5.47 -20.44
N ARG B 372 -24.87 6.80 -20.45
CA ARG B 372 -24.44 7.53 -19.27
C ARG B 372 -25.59 7.51 -18.23
N ARG B 373 -26.82 7.77 -18.66
CA ARG B 373 -27.97 7.73 -17.77
C ARG B 373 -28.21 6.32 -17.18
N TYR B 374 -27.94 5.28 -17.96
CA TYR B 374 -28.12 3.90 -17.55
C TYR B 374 -27.09 3.51 -16.46
N TRP B 375 -25.81 3.79 -16.70
CA TRP B 375 -24.76 3.50 -15.73
C TRP B 375 -24.95 4.34 -14.48
N MET B 376 -25.37 5.59 -14.63
CA MET B 376 -25.59 6.48 -13.49
C MET B 376 -26.69 5.91 -12.56
N ILE B 377 -27.82 5.47 -13.12
CA ILE B 377 -28.89 4.91 -12.30
C ILE B 377 -28.54 3.49 -11.78
N GLU B 378 -27.85 2.68 -12.58
CA GLU B 378 -27.47 1.33 -12.16
C GLU B 378 -26.46 1.36 -11.02
N GLU B 379 -25.40 2.14 -11.16
CA GLU B 379 -24.37 2.22 -10.13
C GLU B 379 -24.82 3.08 -8.94
N GLY B 380 -25.49 4.19 -9.25
CA GLY B 380 -25.92 5.15 -8.25
C GLY B 380 -27.10 4.71 -7.40
N ILE B 381 -28.10 4.06 -8.01
CA ILE B 381 -29.34 3.72 -7.29
C ILE B 381 -29.64 2.23 -7.23
N ILE B 382 -29.70 1.55 -8.39
CA ILE B 382 -30.05 0.11 -8.46
C ILE B 382 -29.12 -0.72 -7.58
N ARG B 383 -27.80 -0.54 -7.71
CA ARG B 383 -26.89 -1.22 -6.78
C ARG B 383 -26.41 -0.30 -5.64
N GLY B 384 -26.46 1.02 -5.82
CA GLY B 384 -26.01 1.94 -4.78
C GLY B 384 -26.86 2.07 -3.54
N ILE B 385 -28.22 2.02 -3.69
CA ILE B 385 -29.12 2.26 -2.57
C ILE B 385 -29.98 1.02 -2.26
N GLU B 386 -29.88 0.46 -1.05
CA GLU B 386 -30.63 -0.73 -0.68
C GLU B 386 -32.15 -0.59 -0.72
N PHE B 387 -32.69 0.59 -0.35
CA PHE B 387 -34.14 0.76 -0.40
C PHE B 387 -34.67 0.88 -1.85
N ALA B 388 -33.80 0.89 -2.88
CA ALA B 388 -34.27 0.80 -4.25
C ALA B 388 -34.84 -0.63 -4.46
N ARG B 389 -34.28 -1.65 -3.76
CA ARG B 389 -34.77 -3.02 -3.86
C ARG B 389 -35.72 -3.39 -2.70
N SER B 390 -36.47 -2.40 -2.21
CA SER B 390 -37.47 -2.62 -1.20
C SER B 390 -38.74 -3.22 -1.90
N PRO B 391 -39.74 -3.74 -1.15
CA PRO B 391 -40.90 -4.36 -1.81
C PRO B 391 -41.80 -3.46 -2.65
N ILE B 392 -42.18 -3.97 -3.82
CA ILE B 392 -43.11 -3.29 -4.71
C ILE B 392 -44.31 -4.23 -4.85
N PRO B 393 -45.49 -3.79 -4.42
CA PRO B 393 -46.67 -4.67 -4.49
C PRO B 393 -46.96 -5.13 -5.92
N THR B 394 -47.02 -6.45 -6.11
CA THR B 394 -47.28 -7.06 -7.43
C THR B 394 -48.74 -6.80 -7.86
N GLU B 395 -49.10 -7.15 -9.12
CA GLU B 395 -50.48 -6.96 -9.58
C GLU B 395 -51.43 -7.92 -8.84
N ASP B 396 -50.95 -9.16 -8.54
CA ASP B 396 -51.72 -10.16 -7.79
C ASP B 396 -51.98 -9.71 -6.35
N GLU B 397 -51.06 -8.91 -5.76
CA GLU B 397 -51.19 -8.43 -4.39
C GLU B 397 -52.11 -7.21 -4.29
N THR B 398 -52.05 -6.28 -5.25
CA THR B 398 -52.95 -5.13 -5.25
C THR B 398 -54.37 -5.58 -5.66
N LYS B 399 -54.48 -6.56 -6.57
CA LYS B 399 -55.76 -7.12 -6.98
C LYS B 399 -56.08 -8.30 -6.06
N ALA B 400 -56.10 -8.02 -4.75
CA ALA B 400 -56.38 -8.89 -3.63
C ALA B 400 -56.68 -8.00 -2.42
N LEU B 401 -55.91 -6.92 -2.23
CA LEU B 401 -56.19 -5.97 -1.16
C LEU B 401 -57.40 -5.08 -1.53
N GLN B 402 -57.71 -4.94 -2.84
CA GLN B 402 -58.86 -4.20 -3.42
C GLN B 402 -58.82 -4.22 -4.94
N ALA B 406 -63.28 -12.56 -2.58
CA ALA B 406 -62.30 -13.30 -1.77
C ALA B 406 -61.72 -12.46 -0.62
N SER B 407 -61.18 -13.13 0.41
CA SER B 407 -60.54 -12.46 1.55
C SER B 407 -59.07 -12.92 1.71
N ALA B 408 -58.40 -13.21 0.58
CA ALA B 408 -56.98 -13.57 0.61
C ALA B 408 -56.09 -12.30 0.75
N ARG B 409 -56.62 -11.28 1.46
CA ARG B 409 -55.95 -10.06 1.85
C ARG B 409 -54.77 -10.46 2.76
N LYS B 410 -54.98 -11.46 3.65
CA LYS B 410 -53.97 -11.99 4.56
C LYS B 410 -52.86 -12.75 3.83
N GLU B 411 -53.17 -13.35 2.67
CA GLU B 411 -52.20 -14.06 1.83
C GLU B 411 -51.29 -13.01 1.15
N ALA B 412 -51.87 -11.89 0.68
CA ALA B 412 -51.12 -10.81 0.06
C ALA B 412 -50.16 -10.21 1.11
N ILE B 413 -50.67 -9.85 2.30
CA ILE B 413 -49.88 -9.33 3.40
C ILE B 413 -48.78 -10.29 3.83
N ASP B 414 -49.03 -11.61 3.81
CA ASP B 414 -47.99 -12.58 4.18
C ASP B 414 -46.86 -12.59 3.15
N LYS B 415 -47.20 -12.42 1.87
CA LYS B 415 -46.21 -12.39 0.80
C LYS B 415 -45.40 -11.08 0.85
N ILE B 416 -46.08 -9.94 1.08
CA ILE B 416 -45.42 -8.63 1.19
C ILE B 416 -44.53 -8.61 2.44
N ARG B 417 -45.01 -9.17 3.55
CA ARG B 417 -44.26 -9.29 4.80
C ARG B 417 -42.98 -10.09 4.60
N THR B 418 -43.08 -11.19 3.84
CA THR B 418 -41.94 -12.05 3.56
C THR B 418 -40.85 -11.27 2.81
N ARG B 419 -41.26 -10.47 1.82
CA ARG B 419 -40.36 -9.65 1.04
C ARG B 419 -39.77 -8.51 1.89
N TYR B 420 -40.59 -7.92 2.78
CA TYR B 420 -40.11 -6.88 3.67
C TYR B 420 -39.04 -7.45 4.62
N SER B 421 -39.25 -8.67 5.14
CA SER B 421 -38.29 -9.32 6.04
C SER B 421 -36.99 -9.69 5.31
N LYS B 422 -37.05 -9.95 4.00
CA LYS B 422 -35.85 -10.25 3.22
C LYS B 422 -35.06 -8.93 2.96
N PHE B 423 -35.78 -7.81 2.74
CA PHE B 423 -35.16 -6.49 2.53
C PHE B 423 -34.58 -5.98 3.86
N ALA B 424 -35.39 -5.90 4.91
CA ALA B 424 -34.94 -5.47 6.21
C ALA B 424 -34.46 -6.69 7.02
N ASN B 425 -33.45 -7.41 6.52
CA ASN B 425 -32.94 -8.60 7.21
C ASN B 425 -31.94 -8.26 8.34
N LYS B 426 -31.30 -9.28 8.95
CA LYS B 426 -30.35 -9.09 10.04
C LYS B 426 -29.15 -8.20 9.67
N ASP B 427 -28.85 -8.07 8.36
CA ASP B 427 -27.74 -7.26 7.88
C ASP B 427 -28.15 -5.88 7.34
N TYR B 428 -29.44 -5.53 7.42
CA TYR B 428 -29.90 -4.25 6.92
C TYR B 428 -29.96 -3.17 7.99
N SER B 429 -29.32 -2.04 7.76
CA SER B 429 -29.40 -0.89 8.66
C SER B 429 -30.04 0.25 7.88
N ALA B 430 -31.23 0.70 8.31
CA ALA B 430 -31.94 1.82 7.71
C ALA B 430 -31.13 3.12 7.86
N GLU B 431 -30.42 3.29 8.99
CA GLU B 431 -29.59 4.49 9.22
C GLU B 431 -28.39 4.52 8.28
N VAL B 432 -27.72 3.37 8.09
CA VAL B 432 -26.61 3.27 7.15
C VAL B 432 -27.15 3.50 5.72
N ASP B 433 -28.28 2.89 5.38
CA ASP B 433 -28.90 3.07 4.08
C ASP B 433 -29.32 4.53 3.79
N LYS B 434 -29.89 5.23 4.76
CA LYS B 434 -30.23 6.65 4.59
C LYS B 434 -28.96 7.47 4.33
N LYS B 435 -27.85 7.18 5.03
CA LYS B 435 -26.60 7.92 4.83
C LYS B 435 -26.02 7.65 3.47
N VAL B 436 -26.05 6.37 3.03
CA VAL B 436 -25.55 6.03 1.71
C VAL B 436 -26.42 6.70 0.64
N ALA B 437 -27.76 6.64 0.79
CA ALA B 437 -28.68 7.22 -0.17
C ALA B 437 -28.52 8.71 -0.28
N VAL B 438 -28.31 9.42 0.84
CA VAL B 438 -28.12 10.87 0.77
C VAL B 438 -26.88 11.23 -0.07
N ALA B 439 -25.76 10.50 0.11
CA ALA B 439 -24.55 10.78 -0.67
C ALA B 439 -24.68 10.33 -2.14
N MET B 440 -25.26 9.15 -2.38
CA MET B 440 -25.44 8.64 -3.75
C MET B 440 -26.42 9.53 -4.52
N LEU B 441 -27.56 9.90 -3.91
CA LEU B 441 -28.54 10.74 -4.59
C LEU B 441 -28.01 12.14 -4.83
N THR B 442 -27.19 12.70 -3.93
CA THR B 442 -26.60 14.03 -4.13
C THR B 442 -25.74 14.02 -5.42
N GLU B 443 -24.92 12.97 -5.60
CA GLU B 443 -24.14 12.81 -6.81
C GLU B 443 -25.03 12.62 -8.04
N TYR B 444 -26.01 11.71 -7.95
CA TYR B 444 -26.92 11.41 -9.04
C TYR B 444 -27.71 12.65 -9.49
N LEU B 445 -28.26 13.43 -8.53
CA LEU B 445 -29.03 14.63 -8.85
C LEU B 445 -28.16 15.76 -9.48
N LYS B 446 -26.86 15.75 -9.19
CA LYS B 446 -25.91 16.67 -9.80
C LYS B 446 -25.64 16.29 -11.29
N GLU B 447 -25.69 14.98 -11.61
CA GLU B 447 -25.38 14.48 -12.94
C GLU B 447 -26.55 14.29 -13.86
N ILE B 448 -27.74 13.99 -13.32
CA ILE B 448 -28.91 13.76 -14.14
C ILE B 448 -29.84 14.95 -14.06
N PRO B 449 -30.15 15.59 -15.19
CA PRO B 449 -31.07 16.75 -15.15
C PRO B 449 -32.50 16.36 -14.81
N TYR B 450 -33.27 17.29 -14.26
CA TYR B 450 -34.68 17.13 -13.87
C TYR B 450 -35.53 16.37 -14.88
N GLU B 451 -35.44 16.73 -16.18
CA GLU B 451 -36.23 16.07 -17.22
C GLU B 451 -35.82 14.62 -17.48
N ASN B 452 -34.65 14.21 -17.00
CA ASN B 452 -34.19 12.82 -17.16
C ASN B 452 -34.30 11.99 -15.85
N LEU B 453 -34.82 12.58 -14.77
CA LEU B 453 -34.91 11.91 -13.48
C LEU B 453 -36.02 10.91 -13.43
N PRO B 454 -35.85 9.82 -12.64
CA PRO B 454 -37.00 8.97 -12.32
C PRO B 454 -38.05 9.88 -11.63
N LEU B 455 -39.32 9.77 -12.03
CA LEU B 455 -40.42 10.65 -11.60
C LEU B 455 -40.39 11.04 -10.12
N HIS B 456 -40.19 10.07 -9.20
CA HIS B 456 -40.18 10.37 -7.77
C HIS B 456 -39.05 11.28 -7.33
N LEU B 457 -37.88 11.22 -7.99
CA LEU B 457 -36.74 12.06 -7.66
C LEU B 457 -36.95 13.55 -7.98
N ARG B 458 -37.93 13.85 -8.84
CA ARG B 458 -38.32 15.22 -9.14
C ARG B 458 -38.84 15.92 -7.86
N LEU B 459 -39.35 15.14 -6.87
CA LEU B 459 -39.82 15.67 -5.59
C LEU B 459 -38.71 16.33 -4.77
N VAL B 460 -37.43 16.01 -5.04
CA VAL B 460 -36.32 16.64 -4.32
C VAL B 460 -36.33 18.15 -4.58
N LYS B 461 -36.48 18.55 -5.83
CA LYS B 461 -36.54 19.97 -6.19
C LYS B 461 -37.94 20.55 -5.94
N ASP B 462 -38.99 19.84 -6.37
CA ASP B 462 -40.38 20.30 -6.28
C ASP B 462 -40.98 20.41 -4.88
N ARG B 463 -40.77 19.42 -4.01
CA ARG B 463 -41.38 19.38 -2.70
C ARG B 463 -40.43 19.64 -1.55
N PHE B 464 -39.16 19.22 -1.69
CA PHE B 464 -38.21 19.32 -0.59
C PHE B 464 -37.18 20.43 -0.71
N ALA B 465 -37.39 21.38 -1.65
CA ALA B 465 -36.50 22.52 -1.84
C ALA B 465 -35.02 22.14 -2.00
N GLY B 466 -34.77 21.06 -2.70
CA GLY B 466 -33.42 20.56 -2.95
C GLY B 466 -32.75 19.84 -1.79
N ASP B 467 -33.47 19.67 -0.66
CA ASP B 467 -32.91 19.02 0.53
C ASP B 467 -33.01 17.49 0.36
N VAL B 468 -31.89 16.86 -0.01
CA VAL B 468 -31.83 15.42 -0.23
C VAL B 468 -32.04 14.66 1.08
N GLN B 469 -31.44 15.16 2.17
CA GLN B 469 -31.60 14.57 3.49
C GLN B 469 -33.08 14.53 3.91
N ALA B 470 -33.81 15.63 3.71
CA ALA B 470 -35.25 15.70 4.04
C ALA B 470 -36.08 14.75 3.20
N TYR B 471 -35.76 14.63 1.91
CA TYR B 471 -36.47 13.73 1.02
C TYR B 471 -36.28 12.27 1.49
N VAL B 472 -35.05 11.88 1.83
CA VAL B 472 -34.72 10.54 2.29
C VAL B 472 -35.34 10.28 3.67
N ASP B 473 -35.27 11.27 4.58
CA ASP B 473 -35.88 11.18 5.91
C ASP B 473 -37.38 10.93 5.78
N ASP B 474 -38.04 11.65 4.85
CA ASP B 474 -39.48 11.54 4.64
C ASP B 474 -39.86 10.16 4.09
N ILE B 475 -39.03 9.56 3.22
CA ILE B 475 -39.27 8.23 2.67
C ILE B 475 -39.39 7.21 3.82
N PHE B 476 -38.47 7.25 4.78
CA PHE B 476 -38.47 6.32 5.91
C PHE B 476 -39.50 6.68 6.96
N ALA B 477 -39.76 7.99 7.19
CA ALA B 477 -40.74 8.42 8.19
C ALA B 477 -42.15 7.98 7.85
N ARG B 478 -42.53 8.06 6.58
CA ARG B 478 -43.89 7.78 6.15
C ARG B 478 -44.08 6.43 5.47
N SER B 479 -43.01 5.73 5.11
CA SER B 479 -43.17 4.46 4.44
C SER B 479 -43.58 3.31 5.35
N VAL B 480 -44.43 2.43 4.83
CA VAL B 480 -44.80 1.19 5.52
C VAL B 480 -43.58 0.24 5.60
N PHE B 481 -42.50 0.47 4.81
CA PHE B 481 -41.28 -0.32 4.92
C PHE B 481 -40.14 0.45 5.65
N GLY B 482 -40.46 1.58 6.28
CA GLY B 482 -39.47 2.41 6.98
C GLY B 482 -39.02 1.84 8.32
N SER B 483 -39.81 0.95 8.91
CA SER B 483 -39.50 0.30 10.18
C SER B 483 -40.47 -0.87 10.38
N GLU B 484 -40.17 -1.77 11.32
CA GLU B 484 -41.03 -2.92 11.60
C GLU B 484 -42.38 -2.46 12.12
N ALA B 485 -42.40 -1.48 13.02
CA ALA B 485 -43.64 -0.93 13.60
C ALA B 485 -44.53 -0.31 12.52
N GLN B 486 -43.90 0.39 11.56
CA GLN B 486 -44.64 0.99 10.47
C GLN B 486 -45.24 -0.08 9.54
N PHE B 487 -44.52 -1.19 9.31
CA PHE B 487 -45.06 -2.28 8.49
C PHE B 487 -46.21 -2.92 9.19
N ASP B 488 -46.05 -3.23 10.50
CA ASP B 488 -47.11 -3.88 11.29
C ASP B 488 -48.37 -3.03 11.36
N ALA B 489 -48.24 -1.69 11.48
CA ALA B 489 -49.42 -0.81 11.48
C ALA B 489 -50.14 -0.87 10.13
N PHE B 490 -49.38 -1.00 9.03
CA PHE B 490 -49.97 -1.12 7.71
C PHE B 490 -50.67 -2.50 7.58
N ALA B 491 -49.97 -3.58 7.98
CA ALA B 491 -50.47 -4.94 7.90
C ALA B 491 -51.76 -5.15 8.70
N ALA B 492 -52.00 -4.34 9.75
CA ALA B 492 -53.23 -4.43 10.53
C ALA B 492 -54.41 -3.81 9.77
N VAL B 493 -54.20 -2.66 9.11
CA VAL B 493 -55.24 -1.93 8.36
C VAL B 493 -54.73 -1.69 6.90
N PRO B 494 -54.53 -2.74 6.09
CA PRO B 494 -53.98 -2.52 4.74
C PRO B 494 -54.98 -1.99 3.74
N SER B 495 -54.53 -1.03 2.95
CA SER B 495 -55.33 -0.48 1.86
C SER B 495 -54.42 -0.22 0.65
N VAL B 496 -54.94 -0.48 -0.55
CA VAL B 496 -54.20 -0.26 -1.80
C VAL B 496 -53.81 1.23 -1.94
N GLU B 497 -54.62 2.14 -1.40
CA GLU B 497 -54.45 3.58 -1.39
C GLU B 497 -53.14 3.94 -0.70
N LYS B 498 -52.85 3.28 0.44
CA LYS B 498 -51.65 3.50 1.24
C LYS B 498 -50.42 3.03 0.47
N LEU B 499 -50.51 1.91 -0.23
CA LEU B 499 -49.39 1.39 -1.03
C LEU B 499 -49.15 2.23 -2.28
N ALA B 500 -50.22 2.73 -2.89
CA ALA B 500 -50.14 3.56 -4.10
C ALA B 500 -49.47 4.92 -3.84
N GLU B 501 -49.58 5.43 -2.60
CA GLU B 501 -48.97 6.71 -2.23
C GLU B 501 -47.72 6.54 -1.33
N ASP B 502 -47.27 5.29 -1.08
CA ASP B 502 -46.11 5.05 -0.25
C ASP B 502 -44.84 5.63 -0.86
N PRO B 503 -44.14 6.51 -0.12
CA PRO B 503 -42.93 7.15 -0.69
C PRO B 503 -41.81 6.18 -1.06
N MET B 504 -41.61 5.09 -0.29
CA MET B 504 -40.60 4.11 -0.65
C MET B 504 -41.04 3.29 -1.84
N VAL B 505 -42.33 2.88 -1.90
CA VAL B 505 -42.84 2.13 -3.04
C VAL B 505 -42.71 2.97 -4.34
N LEU B 506 -43.11 4.23 -4.28
CA LEU B 506 -43.03 5.18 -5.39
C LEU B 506 -41.59 5.41 -5.82
N PHE B 507 -40.65 5.54 -4.86
CA PHE B 507 -39.23 5.67 -5.19
C PHE B 507 -38.75 4.43 -5.96
N ALA B 508 -38.90 3.22 -5.37
CA ALA B 508 -38.44 1.97 -5.94
C ALA B 508 -39.03 1.72 -7.32
N SER B 509 -40.35 1.96 -7.47
CA SER B 509 -41.08 1.77 -8.72
C SER B 509 -40.53 2.73 -9.76
N SER B 510 -40.42 4.01 -9.40
CA SER B 510 -39.94 5.06 -10.27
C SER B 510 -38.49 4.80 -10.77
N VAL B 511 -37.59 4.35 -9.88
CA VAL B 511 -36.20 4.13 -10.30
C VAL B 511 -36.11 2.86 -11.14
N PHE B 512 -36.93 1.82 -10.84
CA PHE B 512 -36.92 0.62 -11.67
C PHE B 512 -37.57 0.89 -13.03
N ASP B 513 -38.57 1.79 -13.08
CA ASP B 513 -39.22 2.16 -14.34
C ASP B 513 -38.19 2.83 -15.26
N GLU B 514 -37.41 3.75 -14.72
CA GLU B 514 -36.40 4.47 -15.48
C GLU B 514 -35.28 3.55 -15.94
N TYR B 515 -34.84 2.65 -15.07
CA TYR B 515 -33.79 1.67 -15.35
C TYR B 515 -34.23 0.74 -16.50
N ARG B 516 -35.50 0.28 -16.47
CA ARG B 516 -36.02 -0.58 -17.52
C ARG B 516 -36.23 0.17 -18.83
N LYS B 517 -36.72 1.42 -18.75
CA LYS B 517 -36.93 2.23 -19.94
C LYS B 517 -35.61 2.50 -20.65
N LEU B 518 -34.52 2.81 -19.87
CA LEU B 518 -33.21 3.06 -20.43
C LEU B 518 -32.65 1.80 -21.08
N TYR B 519 -32.81 0.65 -20.42
CA TYR B 519 -32.34 -0.63 -20.94
C TYR B 519 -33.02 -0.94 -22.29
N ASN B 520 -34.35 -0.76 -22.35
CA ASN B 520 -35.13 -1.03 -23.55
C ASN B 520 -34.76 -0.09 -24.68
N GLU B 521 -34.45 1.18 -24.36
CA GLU B 521 -34.06 2.13 -25.39
C GLU B 521 -32.61 1.88 -25.87
N LEU B 522 -31.74 1.35 -25.00
CA LEU B 522 -30.35 1.08 -25.36
C LEU B 522 -30.13 -0.24 -26.11
N ARG B 523 -30.95 -1.28 -25.80
CA ARG B 523 -30.86 -2.60 -26.43
C ARG B 523 -30.78 -2.56 -27.96
N PRO B 524 -31.61 -1.77 -28.68
CA PRO B 524 -31.49 -1.75 -30.15
C PRO B 524 -30.15 -1.28 -30.72
N TYR B 525 -29.36 -0.52 -29.95
CA TYR B 525 -28.04 -0.06 -30.42
C TYR B 525 -27.00 -1.19 -30.48
N ASP B 526 -27.25 -2.33 -29.80
CA ASP B 526 -26.30 -3.44 -29.81
C ASP B 526 -26.19 -4.11 -31.18
N ASP B 527 -27.33 -4.27 -31.86
CA ASP B 527 -27.44 -4.97 -33.15
C ASP B 527 -26.62 -4.33 -34.27
N PRO B 528 -26.69 -3.01 -34.56
CA PRO B 528 -25.84 -2.47 -35.63
C PRO B 528 -24.35 -2.66 -35.34
N ILE B 529 -23.96 -2.59 -34.05
CA ILE B 529 -22.55 -2.80 -33.67
C ILE B 529 -22.17 -4.26 -33.93
N LEU B 530 -23.01 -5.19 -33.50
CA LEU B 530 -22.80 -6.61 -33.76
C LEU B 530 -22.67 -6.90 -35.27
N ARG B 531 -23.62 -6.41 -36.10
CA ARG B 531 -23.58 -6.62 -37.56
C ARG B 531 -22.34 -5.99 -38.17
N ALA B 532 -21.95 -4.78 -37.72
CA ALA B 532 -20.74 -4.13 -38.25
C ALA B 532 -19.47 -4.86 -37.82
N GLN B 533 -19.47 -5.49 -36.63
CA GLN B 533 -18.33 -6.26 -36.13
C GLN B 533 -18.12 -7.53 -36.94
N ARG B 534 -19.20 -8.11 -37.49
CA ARG B 534 -19.07 -9.28 -38.35
C ARG B 534 -18.24 -8.90 -39.59
N THR B 535 -18.50 -7.71 -40.18
CA THR B 535 -17.75 -7.20 -41.33
C THR B 535 -16.34 -6.76 -40.94
N TYR B 536 -16.21 -6.08 -39.79
CA TYR B 536 -14.92 -5.61 -39.27
C TYR B 536 -13.93 -6.76 -39.02
N ILE B 537 -14.33 -7.78 -38.25
CA ILE B 537 -13.48 -8.92 -37.95
C ILE B 537 -13.20 -9.76 -39.20
N ALA B 538 -14.17 -9.84 -40.14
CA ALA B 538 -13.96 -10.55 -41.41
C ALA B 538 -12.80 -9.89 -42.19
N GLY B 539 -12.79 -8.55 -42.20
CA GLY B 539 -11.73 -7.79 -42.86
C GLY B 539 -10.40 -7.98 -42.18
N LEU B 540 -10.37 -7.90 -40.84
CA LEU B 540 -9.14 -8.10 -40.07
C LEU B 540 -8.55 -9.48 -40.32
N LEU B 541 -9.39 -10.52 -40.38
CA LEU B 541 -8.95 -11.89 -40.63
C LEU B 541 -8.48 -12.06 -42.07
N GLU B 542 -9.18 -11.47 -43.05
CA GLU B 542 -8.81 -11.54 -44.46
C GLU B 542 -7.48 -10.79 -44.70
N MET B 543 -7.24 -9.70 -43.99
CA MET B 543 -6.03 -8.91 -44.10
C MET B 543 -4.82 -9.55 -43.40
N ASP B 544 -4.92 -9.81 -42.07
CA ASP B 544 -3.78 -10.29 -41.30
C ASP B 544 -3.80 -11.78 -40.91
N GLY B 545 -4.87 -12.47 -41.24
CA GLY B 545 -5.00 -13.89 -40.96
C GLY B 545 -5.47 -14.29 -39.57
N ASP B 546 -6.05 -15.50 -39.49
CA ASP B 546 -6.53 -16.15 -38.25
C ASP B 546 -5.33 -16.89 -37.65
N GLN B 547 -4.23 -16.14 -37.48
CA GLN B 547 -2.96 -16.59 -36.94
C GLN B 547 -2.79 -15.85 -35.63
N ASP B 548 -2.22 -14.60 -35.54
CA ASP B 548 -2.06 -13.87 -34.25
C ASP B 548 -3.36 -13.14 -33.70
N GLN B 549 -4.51 -13.28 -34.40
CA GLN B 549 -5.75 -12.65 -33.99
C GLN B 549 -6.69 -13.74 -33.51
N PHE B 550 -6.82 -13.91 -32.17
CA PHE B 550 -7.64 -14.94 -31.55
C PHE B 550 -9.12 -14.56 -31.53
N PRO B 551 -10.04 -15.54 -31.53
CA PRO B 551 -11.46 -15.18 -31.45
C PRO B 551 -11.83 -14.77 -30.04
N ASP B 552 -12.68 -13.76 -29.87
CA ASP B 552 -13.14 -13.36 -28.52
C ASP B 552 -13.62 -14.55 -27.68
N ALA B 553 -13.30 -14.55 -26.38
CA ALA B 553 -13.76 -15.60 -25.47
C ALA B 553 -15.30 -15.64 -25.44
N ASN B 554 -15.89 -16.84 -25.32
CA ASN B 554 -17.37 -16.96 -25.33
C ASN B 554 -17.80 -18.20 -24.54
N LEU B 555 -17.10 -18.48 -23.43
CA LEU B 555 -17.30 -19.62 -22.53
C LEU B 555 -17.11 -20.96 -23.22
N THR B 556 -16.19 -21.00 -24.18
CA THR B 556 -15.83 -22.24 -24.85
C THR B 556 -14.37 -22.58 -24.54
N LEU B 557 -14.05 -23.87 -24.69
CA LEU B 557 -12.72 -24.41 -24.42
C LEU B 557 -11.62 -23.74 -25.28
N ARG B 558 -10.60 -23.20 -24.60
CA ARG B 558 -9.50 -22.55 -25.25
C ARG B 558 -8.19 -22.99 -24.59
N PHE B 559 -7.10 -22.81 -25.34
CA PHE B 559 -5.78 -23.04 -24.79
C PHE B 559 -4.99 -21.76 -24.91
N THR B 560 -4.06 -21.60 -24.00
CA THR B 560 -3.16 -20.47 -23.97
C THR B 560 -1.82 -21.00 -23.47
N TYR B 561 -0.74 -20.41 -23.97
CA TYR B 561 0.60 -20.83 -23.60
C TYR B 561 1.45 -19.61 -23.31
N GLY B 562 2.47 -19.81 -22.50
CA GLY B 562 3.40 -18.77 -22.13
C GLY B 562 4.51 -19.32 -21.27
N GLN B 563 5.05 -18.50 -20.38
CA GLN B 563 6.13 -18.94 -19.50
C GLN B 563 5.91 -18.52 -18.05
N VAL B 564 6.54 -19.23 -17.11
CA VAL B 564 6.55 -18.88 -15.70
C VAL B 564 7.50 -17.66 -15.61
N LYS B 565 6.95 -16.46 -15.35
CA LYS B 565 7.73 -15.25 -15.38
C LYS B 565 7.10 -14.17 -14.52
N GLY B 566 7.91 -13.48 -13.74
CA GLY B 566 7.42 -12.35 -12.98
C GLY B 566 7.36 -11.11 -13.87
N TYR B 567 7.38 -9.92 -13.26
CA TYR B 567 7.32 -8.65 -14.01
C TYR B 567 7.66 -7.51 -13.10
N SER B 568 7.94 -6.35 -13.69
CA SER B 568 8.19 -5.13 -12.95
C SER B 568 6.91 -4.29 -12.92
N PRO B 569 6.26 -4.16 -11.74
CA PRO B 569 5.01 -3.39 -11.68
C PRO B 569 5.19 -1.88 -11.79
N ARG B 570 6.37 -1.38 -11.39
CA ARG B 570 6.66 0.06 -11.37
C ARG B 570 8.16 0.24 -11.26
N ASP B 571 8.65 1.47 -11.44
CA ASP B 571 10.08 1.79 -11.43
C ASP B 571 10.80 1.19 -10.21
N ASN B 572 11.85 0.41 -10.48
CA ASN B 572 12.73 -0.15 -9.46
C ASN B 572 12.12 -1.25 -8.57
N VAL B 573 10.99 -1.83 -8.99
CA VAL B 573 10.34 -2.89 -8.24
C VAL B 573 10.17 -4.12 -9.13
N TYR B 574 10.54 -5.30 -8.64
CA TYR B 574 10.36 -6.54 -9.39
C TYR B 574 9.63 -7.56 -8.55
N TYR B 575 8.61 -8.19 -9.15
CA TYR B 575 7.86 -9.26 -8.51
C TYR B 575 8.32 -10.51 -9.24
N GLY B 576 8.90 -11.45 -8.50
CA GLY B 576 9.36 -12.68 -9.10
C GLY B 576 8.24 -13.60 -9.54
N HIS B 577 8.61 -14.72 -10.10
CA HIS B 577 7.68 -15.69 -10.64
C HIS B 577 7.08 -16.61 -9.58
N GLN B 578 7.60 -16.67 -8.36
CA GLN B 578 7.15 -17.67 -7.37
C GLN B 578 7.06 -17.16 -5.94
N THR B 579 5.96 -17.45 -5.23
CA THR B 579 5.85 -17.14 -3.80
C THR B 579 6.08 -18.43 -2.99
N THR B 580 6.45 -18.26 -1.72
CA THR B 580 6.74 -19.37 -0.81
C THR B 580 5.90 -19.28 0.48
N LEU B 581 5.94 -20.37 1.31
CA LEU B 581 5.23 -20.47 2.59
C LEU B 581 5.70 -19.39 3.59
N ASP B 582 6.94 -18.94 3.42
CA ASP B 582 7.55 -17.86 4.16
C ASP B 582 6.72 -16.58 3.99
N GLY B 583 6.21 -16.34 2.78
CA GLY B 583 5.36 -15.18 2.46
C GLY B 583 4.01 -15.22 3.15
N VAL B 584 3.48 -16.43 3.41
CA VAL B 584 2.24 -16.61 4.17
C VAL B 584 2.50 -16.18 5.62
N MET B 585 3.65 -16.61 6.17
CA MET B 585 4.02 -16.31 7.55
C MET B 585 4.30 -14.83 7.77
N GLU B 586 4.88 -14.16 6.77
CA GLU B 586 5.12 -12.71 6.85
C GLU B 586 3.81 -11.94 6.95
N LYS B 587 2.76 -12.44 6.28
CA LYS B 587 1.44 -11.83 6.23
C LYS B 587 0.55 -12.15 7.41
N GLU B 588 0.93 -13.11 8.26
CA GLU B 588 0.12 -13.49 9.42
C GLU B 588 -0.24 -12.32 10.33
N ASP B 589 -1.53 -12.18 10.64
CA ASP B 589 -2.06 -11.18 11.56
C ASP B 589 -3.22 -11.86 12.26
N PRO B 590 -3.01 -12.34 13.49
CA PRO B 590 -4.07 -13.10 14.17
C PRO B 590 -5.34 -12.31 14.46
N ASP B 591 -5.23 -10.99 14.63
CA ASP B 591 -6.41 -10.16 14.91
C ASP B 591 -7.06 -9.56 13.65
N ASN B 592 -6.81 -10.17 12.48
CA ASN B 592 -7.37 -9.80 11.18
C ASN B 592 -7.76 -11.13 10.55
N TRP B 593 -9.07 -11.45 10.53
CA TRP B 593 -9.64 -12.71 10.03
C TRP B 593 -9.16 -13.11 8.64
N GLU B 594 -8.81 -12.13 7.81
CA GLU B 594 -8.33 -12.42 6.45
C GLU B 594 -6.94 -13.02 6.44
N PHE B 595 -6.09 -12.64 7.41
CA PHE B 595 -4.71 -13.10 7.41
C PHE B 595 -4.35 -14.02 8.56
N VAL B 596 -5.32 -14.80 9.04
CA VAL B 596 -5.03 -15.79 10.08
C VAL B 596 -4.38 -17.02 9.40
N VAL B 597 -3.43 -17.63 10.08
CA VAL B 597 -2.73 -18.79 9.52
C VAL B 597 -3.16 -20.04 10.27
N ASP B 598 -3.53 -21.09 9.50
CA ASP B 598 -3.95 -22.37 10.04
C ASP B 598 -2.84 -22.94 10.93
N PRO B 599 -3.17 -23.25 12.19
CA PRO B 599 -2.13 -23.72 13.12
C PRO B 599 -1.36 -24.94 12.64
N LYS B 600 -2.02 -25.91 11.97
CA LYS B 600 -1.34 -27.08 11.45
C LYS B 600 -0.37 -26.71 10.34
N LEU B 601 -0.69 -25.70 9.52
CA LEU B 601 0.16 -25.21 8.45
C LEU B 601 1.35 -24.44 9.04
N LYS B 602 1.11 -23.61 10.07
CA LYS B 602 2.19 -22.87 10.73
C LYS B 602 3.23 -23.84 11.33
N ALA B 603 2.75 -24.95 11.91
CA ALA B 603 3.61 -25.98 12.50
C ALA B 603 4.43 -26.72 11.41
N VAL B 604 3.82 -26.98 10.24
CA VAL B 604 4.50 -27.59 9.09
C VAL B 604 5.66 -26.70 8.65
N TYR B 605 5.42 -25.39 8.58
CA TYR B 605 6.43 -24.40 8.23
C TYR B 605 7.56 -24.40 9.28
N GLU B 606 7.21 -24.40 10.57
CA GLU B 606 8.20 -24.37 11.65
C GLU B 606 9.09 -25.61 11.65
N ARG B 607 8.50 -26.79 11.51
CA ARG B 607 9.27 -28.03 11.48
C ARG B 607 9.88 -28.33 10.10
N LYS B 608 9.55 -27.55 9.05
CA LYS B 608 9.99 -27.76 7.67
C LYS B 608 9.57 -29.14 7.18
N ASP B 609 8.37 -29.58 7.57
CA ASP B 609 7.85 -30.89 7.21
C ASP B 609 7.27 -30.80 5.81
N PHE B 610 8.13 -30.50 4.83
CA PHE B 610 7.75 -30.28 3.45
C PHE B 610 7.80 -31.51 2.56
N GLY B 611 8.40 -32.60 3.07
CA GLY B 611 8.53 -33.86 2.35
C GLY B 611 9.13 -33.70 0.98
N ARG B 612 8.49 -34.34 0.01
CA ARG B 612 8.85 -34.31 -1.40
C ARG B 612 8.32 -33.03 -2.11
N TYR B 613 7.66 -32.10 -1.39
CA TYR B 613 7.01 -30.95 -2.02
C TYR B 613 7.84 -29.66 -2.08
N ALA B 614 8.89 -29.55 -1.25
CA ALA B 614 9.73 -28.36 -1.22
C ALA B 614 10.59 -28.26 -2.48
N ASP B 615 11.03 -27.04 -2.83
CA ASP B 615 11.91 -26.85 -3.99
C ASP B 615 13.36 -27.29 -3.66
N ARG B 616 14.26 -27.25 -4.65
CA ARG B 616 15.66 -27.66 -4.51
C ARG B 616 16.38 -26.98 -3.34
N SER B 617 16.02 -25.72 -3.03
CA SER B 617 16.65 -24.99 -1.93
C SER B 617 16.03 -25.22 -0.53
N GLY B 618 15.01 -26.08 -0.42
CA GLY B 618 14.37 -26.32 0.86
C GLY B 618 13.22 -25.38 1.20
N ARG B 619 12.90 -24.45 0.30
CA ARG B 619 11.78 -23.54 0.52
C ARG B 619 10.48 -24.13 -0.04
N MET B 620 9.37 -23.91 0.67
CA MET B 620 8.10 -24.48 0.27
C MET B 620 7.36 -23.55 -0.68
N PRO B 621 7.18 -23.92 -1.96
CA PRO B 621 6.46 -23.02 -2.88
C PRO B 621 4.96 -22.94 -2.57
N VAL B 622 4.33 -21.83 -2.92
CA VAL B 622 2.91 -21.62 -2.69
C VAL B 622 2.20 -21.35 -4.02
N ALA B 623 2.67 -20.34 -4.74
CA ALA B 623 2.03 -19.93 -5.98
C ALA B 623 3.07 -19.46 -7.00
N PHE B 624 2.69 -19.44 -8.27
CA PHE B 624 3.53 -18.90 -9.30
C PHE B 624 2.69 -18.11 -10.29
N CYS B 625 3.31 -17.32 -11.14
CA CYS B 625 2.60 -16.55 -12.14
C CYS B 625 3.19 -16.83 -13.53
N ALA B 626 2.36 -16.67 -14.56
CA ALA B 626 2.77 -17.01 -15.91
C ALA B 626 2.21 -16.02 -16.95
N THR B 627 2.85 -15.95 -18.13
CA THR B 627 2.43 -15.04 -19.20
C THR B 627 1.29 -15.61 -20.07
N THR B 628 0.57 -16.62 -19.57
CA THR B 628 -0.60 -17.15 -20.23
C THR B 628 -1.69 -16.05 -20.24
N HIS B 629 -2.59 -16.15 -21.21
CA HIS B 629 -3.63 -15.17 -21.40
C HIS B 629 -4.96 -15.74 -20.89
N THR B 630 -5.38 -15.28 -19.71
CA THR B 630 -6.60 -15.79 -19.10
C THR B 630 -7.55 -14.64 -18.72
N THR B 631 -8.81 -15.02 -18.41
CA THR B 631 -9.85 -14.10 -17.97
C THR B 631 -10.87 -14.86 -17.09
N GLY B 632 -11.91 -14.18 -16.56
CA GLY B 632 -13.00 -14.84 -15.82
C GLY B 632 -13.56 -16.02 -16.60
N GLY B 633 -13.69 -17.14 -15.93
CA GLY B 633 -14.02 -18.42 -16.53
C GLY B 633 -12.83 -19.36 -16.44
N ASN B 634 -11.59 -18.81 -16.35
CA ASN B 634 -10.36 -19.60 -16.25
C ASN B 634 -10.02 -20.01 -14.82
N SER B 635 -10.80 -19.58 -13.81
CA SER B 635 -10.60 -20.03 -12.42
C SER B 635 -10.70 -21.55 -12.35
N GLY B 636 -9.66 -22.18 -11.80
CA GLY B 636 -9.57 -23.63 -11.64
C GLY B 636 -8.90 -24.37 -12.79
N SER B 637 -8.48 -23.63 -13.82
CA SER B 637 -7.90 -24.25 -15.02
C SER B 637 -6.62 -25.01 -14.71
N PRO B 638 -6.43 -26.17 -15.35
CA PRO B 638 -5.17 -26.89 -15.15
C PRO B 638 -4.02 -26.14 -15.84
N VAL B 639 -2.88 -26.05 -15.13
CA VAL B 639 -1.69 -25.46 -15.68
C VAL B 639 -0.74 -26.62 -15.93
N MET B 640 -0.28 -26.74 -17.16
CA MET B 640 0.58 -27.81 -17.58
C MET B 640 1.98 -27.37 -17.89
N ASN B 641 2.92 -28.28 -17.62
CA ASN B 641 4.33 -28.43 -17.98
C ASN B 641 4.47 -28.52 -19.53
N ALA B 642 5.73 -28.51 -20.03
CA ALA B 642 6.05 -28.81 -21.42
C ALA B 642 5.64 -30.26 -21.78
N ASN B 643 5.57 -31.16 -20.79
CA ASN B 643 5.13 -32.54 -20.95
C ASN B 643 3.63 -32.77 -20.69
N GLY B 644 2.87 -31.72 -20.41
CA GLY B 644 1.45 -31.85 -20.14
C GLY B 644 1.10 -32.31 -18.74
N GLU B 645 2.08 -32.35 -17.82
CA GLU B 645 1.81 -32.74 -16.43
C GLU B 645 1.29 -31.53 -15.68
N LEU B 646 0.40 -31.76 -14.72
CA LEU B 646 -0.18 -30.70 -13.92
C LEU B 646 0.86 -30.10 -12.97
N ILE B 647 1.11 -28.79 -13.10
CA ILE B 647 2.02 -28.04 -12.22
C ILE B 647 1.30 -27.00 -11.33
N GLY B 648 0.02 -26.76 -11.59
CA GLY B 648 -0.76 -25.80 -10.81
C GLY B 648 -2.16 -25.61 -11.31
N LEU B 649 -2.89 -24.73 -10.64
CA LEU B 649 -4.25 -24.38 -10.98
C LEU B 649 -4.32 -22.90 -11.08
N ASN B 650 -4.90 -22.38 -12.17
CA ASN B 650 -5.08 -20.95 -12.28
C ASN B 650 -6.19 -20.54 -11.28
N PHE B 651 -6.05 -19.39 -10.59
CA PHE B 651 -7.07 -18.94 -9.66
C PHE B 651 -7.35 -17.45 -9.71
N ASP B 652 -6.44 -16.65 -10.31
CA ASP B 652 -6.66 -15.21 -10.40
C ASP B 652 -5.78 -14.61 -11.48
N ARG B 653 -5.83 -13.29 -11.65
CA ARG B 653 -4.96 -12.54 -12.54
C ARG B 653 -4.68 -11.18 -11.85
N ASN B 654 -3.49 -10.61 -12.05
CA ASN B 654 -3.15 -9.36 -11.38
C ASN B 654 -3.94 -8.19 -11.97
N TRP B 655 -4.25 -7.19 -11.15
CA TRP B 655 -5.05 -6.02 -11.56
C TRP B 655 -4.44 -5.31 -12.76
N GLU B 656 -3.10 -5.31 -12.86
CA GLU B 656 -2.41 -4.66 -13.98
C GLU B 656 -2.74 -5.28 -15.30
N GLY B 657 -3.18 -6.54 -15.32
CA GLY B 657 -3.52 -7.21 -16.55
C GLY B 657 -4.99 -7.29 -16.83
N VAL B 658 -5.88 -6.61 -16.03
CA VAL B 658 -7.32 -6.71 -16.32
C VAL B 658 -7.70 -6.03 -17.68
N GLY B 659 -6.92 -5.07 -18.14
CA GLY B 659 -7.10 -4.47 -19.45
C GLY B 659 -6.78 -5.44 -20.61
N GLY B 660 -6.19 -6.61 -20.27
CA GLY B 660 -5.85 -7.69 -21.18
C GLY B 660 -7.05 -8.32 -21.89
N ASP B 661 -8.28 -8.05 -21.39
CA ASP B 661 -9.48 -8.53 -22.12
C ASP B 661 -9.64 -7.71 -23.43
N ILE B 662 -9.01 -6.53 -23.53
CA ILE B 662 -9.09 -5.69 -24.72
C ILE B 662 -7.73 -5.77 -25.46
N GLN B 663 -6.63 -5.66 -24.71
CA GLN B 663 -5.30 -5.71 -25.30
C GLN B 663 -4.38 -6.42 -24.32
N TYR B 664 -3.85 -7.60 -24.71
CA TYR B 664 -2.90 -8.36 -23.89
C TYR B 664 -1.67 -7.49 -23.54
N LEU B 665 -1.26 -7.51 -22.26
CA LEU B 665 -0.14 -6.68 -21.81
C LEU B 665 1.02 -7.54 -21.43
N ALA B 666 1.91 -7.84 -22.39
CA ALA B 666 3.04 -8.73 -22.18
C ALA B 666 3.92 -8.41 -20.97
N ASP B 667 4.12 -7.14 -20.65
CA ASP B 667 4.99 -6.74 -19.54
C ASP B 667 4.31 -6.64 -18.20
N TYR B 668 2.98 -6.83 -18.12
CA TYR B 668 2.28 -6.67 -16.86
C TYR B 668 1.30 -7.80 -16.54
N GLN B 669 0.61 -8.29 -17.56
CA GLN B 669 -0.42 -9.31 -17.38
C GLN B 669 0.09 -10.69 -17.03
N ARG B 670 -0.40 -11.24 -15.92
CA ARG B 670 0.00 -12.56 -15.49
C ARG B 670 -1.17 -13.35 -14.93
N SER B 671 -1.17 -14.67 -15.17
CA SER B 671 -2.14 -15.57 -14.55
C SER B 671 -1.53 -15.91 -13.18
N ILE B 672 -2.34 -15.90 -12.11
CA ILE B 672 -1.92 -16.21 -10.74
C ILE B 672 -2.33 -17.63 -10.48
N ILE B 673 -1.36 -18.50 -10.19
CA ILE B 673 -1.56 -19.93 -10.14
C ILE B 673 -1.15 -20.53 -8.82
N VAL B 674 -1.94 -21.45 -8.23
CA VAL B 674 -1.54 -22.11 -6.99
C VAL B 674 -0.66 -23.29 -7.41
N ASP B 675 0.54 -23.40 -6.83
CA ASP B 675 1.50 -24.45 -7.15
C ASP B 675 0.91 -25.79 -6.74
N ILE B 676 0.97 -26.82 -7.61
CA ILE B 676 0.41 -28.14 -7.27
C ILE B 676 1.16 -28.79 -6.10
N ARG B 677 2.43 -28.42 -5.87
CA ARG B 677 3.19 -28.92 -4.74
C ARG B 677 2.60 -28.42 -3.40
N TYR B 678 2.09 -27.17 -3.39
CA TYR B 678 1.43 -26.61 -2.22
C TYR B 678 0.04 -27.29 -2.01
N VAL B 679 -0.70 -27.60 -3.10
CA VAL B 679 -1.97 -28.31 -3.04
C VAL B 679 -1.75 -29.67 -2.35
N LEU B 680 -0.74 -30.42 -2.80
CA LEU B 680 -0.41 -31.73 -2.25
C LEU B 680 0.11 -31.65 -0.83
N LEU B 681 0.87 -30.60 -0.52
CA LEU B 681 1.35 -30.39 0.85
C LEU B 681 0.14 -30.18 1.79
N VAL B 682 -0.88 -29.40 1.36
CA VAL B 682 -2.06 -29.14 2.19
C VAL B 682 -2.94 -30.40 2.34
N ILE B 683 -3.18 -31.15 1.25
CA ILE B 683 -3.95 -32.42 1.32
C ILE B 683 -3.25 -33.38 2.29
N ASP B 684 -1.92 -33.49 2.18
CA ASP B 684 -1.08 -34.37 2.98
C ASP B 684 -0.90 -33.94 4.45
N LYS B 685 -0.29 -32.79 4.72
CA LYS B 685 0.06 -32.37 6.07
C LYS B 685 -1.03 -31.64 6.80
N VAL B 686 -2.00 -31.05 6.08
CA VAL B 686 -3.08 -30.35 6.76
C VAL B 686 -4.34 -31.22 6.83
N GLY B 687 -4.72 -31.80 5.71
CA GLY B 687 -5.90 -32.65 5.65
C GLY B 687 -5.68 -34.07 6.11
N GLY B 688 -4.45 -34.56 5.97
CA GLY B 688 -4.10 -35.93 6.31
C GLY B 688 -4.84 -36.93 5.44
N CYS B 689 -5.22 -36.52 4.21
CA CYS B 689 -5.99 -37.34 3.32
C CYS B 689 -5.14 -38.11 2.32
N GLN B 690 -4.36 -39.08 2.83
CA GLN B 690 -3.44 -39.91 2.07
C GLN B 690 -4.08 -40.65 0.87
N ARG B 691 -5.34 -41.08 1.01
CA ARG B 691 -6.01 -41.82 -0.07
C ARG B 691 -6.12 -40.99 -1.36
N LEU B 692 -6.16 -39.65 -1.24
CA LEU B 692 -6.24 -38.78 -2.42
C LEU B 692 -4.90 -38.71 -3.13
N LEU B 693 -3.80 -38.73 -2.37
CA LEU B 693 -2.45 -38.75 -2.92
C LEU B 693 -2.20 -40.09 -3.62
N ASP B 694 -2.59 -41.21 -2.97
CA ASP B 694 -2.43 -42.56 -3.50
C ASP B 694 -3.21 -42.81 -4.81
N GLU B 695 -4.38 -42.16 -5.00
CA GLU B 695 -5.13 -42.38 -6.25
C GLU B 695 -4.65 -41.52 -7.43
N MET B 696 -3.89 -40.47 -7.15
CA MET B 696 -3.34 -39.65 -8.22
C MET B 696 -2.09 -40.36 -8.80
N ASN B 697 -1.71 -40.00 -10.04
CA ASN B 697 -0.49 -40.52 -10.62
C ASN B 697 0.58 -39.43 -10.50
N ILE B 698 1.39 -39.52 -9.45
CA ILE B 698 2.43 -38.53 -9.17
C ILE B 698 3.75 -38.93 -9.80
N VAL B 699 4.26 -38.08 -10.70
CA VAL B 699 5.52 -38.35 -11.39
C VAL B 699 6.69 -37.64 -10.70
N PRO B 700 7.82 -38.35 -10.52
CA PRO B 700 8.97 -37.74 -9.80
C PRO B 700 9.53 -36.45 -10.40
#